data_7WL5
#
_entry.id   7WL5
#
_cell.length_a   215.425
_cell.length_b   99.092
_cell.length_c   102.060
_cell.angle_alpha   90.00
_cell.angle_beta   95.03
_cell.angle_gamma   90.00
#
_symmetry.space_group_name_H-M   'C 1 2 1'
#
loop_
_entity.id
_entity.type
_entity.pdbx_description
1 polymer Hemagglutinin
2 polymer Hemagglutinin
3 branched 2-acetamido-2-deoxy-beta-D-glucopyranose-(1-4)-2-acetamido-2-deoxy-beta-D-glucopyranose
4 branched beta-D-mannopyranose-(1-4)-2-acetamido-2-deoxy-beta-D-glucopyranose-(1-4)-2-acetamido-2-deoxy-beta-D-glucopyranose
5 non-polymer 2-acetamido-2-deoxy-beta-D-glucopyranose
6 water water
#
loop_
_entity_poly.entity_id
_entity_poly.type
_entity_poly.pdbx_seq_one_letter_code
_entity_poly.pdbx_strand_id
1 'polypeptide(L)'
;DQICIGYHANNSTEQVDTIMEKNVTVTHAQDILEKTHNGKLCDLDGVKPLILRDCSVAGWLLGNPMCDEFINVPEWSYIV
EKANPANDLCYPGNFNDYEELKHLLSRINHFEKIQIIPKSSWSDHEASSGVSSACPYQGTPSFFRNVIWLIKKNNTYPTI
KRSYNNTNQEDLLILWGIHHSNDAAEQTKLYQNPTTYISVGTSTLNQRLVPKIATRSKVNGQSGRMDFFWTILKPNDAIN
FESNGNFIAPEYAYKIVKKGDSAIMKSEVEYGNCNTKCQTPIGAINSSMPFHNIHPLTIGECPKYVKSNKLVLATGLRNS
P
;
A,C,E
2 'polypeptide(L)'
;AIAGFIEGGWQGMVDGWYGYHHSNEQGSGYAADKESTQKAIDGVTNKVNSIIDKMNTQFEAVGREFNNLERRIENLNKKM
EDGFLDVWTYNAELLVLMENERTLDFHDSNVKNLYDKVRLQLRDNAKELGNGCFEFYHKCDNECMESVRNGTYDYPQYSE
EARLKREEI
;
B,D,F
#
loop_
_chem_comp.id
_chem_comp.type
_chem_comp.name
_chem_comp.formula
BMA D-saccharide, beta linking beta-D-mannopyranose 'C6 H12 O6'
NAG D-saccharide, beta linking 2-acetamido-2-deoxy-beta-D-glucopyranose 'C8 H15 N O6'
#
# COMPACT_ATOMS: atom_id res chain seq x y z
N ASP A 1 20.89 53.44 29.34
CA ASP A 1 20.73 53.32 27.92
C ASP A 1 21.05 51.93 27.43
N GLN A 2 19.99 51.21 27.06
CA GLN A 2 20.04 49.82 26.63
C GLN A 2 19.28 49.50 25.41
N ILE A 3 19.68 48.44 24.75
CA ILE A 3 18.96 47.98 23.62
C ILE A 3 18.95 46.48 23.71
N CYS A 4 17.77 45.88 23.57
CA CYS A 4 17.65 44.43 23.66
C CYS A 4 16.97 43.81 22.44
N ILE A 5 17.40 42.60 22.11
CA ILE A 5 16.84 41.86 20.95
C ILE A 5 15.83 40.88 21.54
N GLY A 6 14.69 40.70 20.89
CA GLY A 6 13.67 39.84 21.48
C GLY A 6 12.62 39.47 20.46
N TYR A 7 11.62 38.72 20.90
CA TYR A 7 10.60 38.22 19.96
C TYR A 7 9.22 38.52 20.54
N HIS A 8 8.21 38.34 19.71
CA HIS A 8 6.78 38.61 19.99
C HIS A 8 6.18 37.56 20.92
N ALA A 9 5.21 37.96 21.73
CA ALA A 9 4.44 37.09 22.63
C ALA A 9 2.97 37.51 22.55
N ASN A 10 2.02 36.61 22.74
CA ASN A 10 0.63 37.02 22.64
C ASN A 10 -0.32 36.23 23.54
N ASN A 11 -1.62 36.40 23.34
CA ASN A 11 -2.60 35.71 24.17
C ASN A 11 -3.11 34.42 23.54
N SER A 12 -2.18 33.65 22.99
CA SER A 12 -2.49 32.40 22.34
C SER A 12 -2.19 31.25 23.26
N THR A 13 -3.10 30.29 23.30
CA THR A 13 -2.86 29.09 24.15
C THR A 13 -2.88 27.85 23.26
N GLU A 14 -2.67 28.06 21.97
CA GLU A 14 -2.56 26.94 21.03
C GLU A 14 -1.27 26.19 21.34
N GLN A 15 -1.32 24.87 21.33
CA GLN A 15 -0.15 24.02 21.64
C GLN A 15 0.16 23.11 20.46
N VAL A 16 1.45 22.83 20.27
CA VAL A 16 1.98 21.98 19.17
C VAL A 16 3.00 21.04 19.78
N ASP A 17 3.22 19.88 19.17
CA ASP A 17 4.23 18.95 19.74
C ASP A 17 5.46 18.94 18.83
N THR A 18 6.61 18.71 19.42
CA THR A 18 7.93 18.64 18.76
C THR A 18 8.42 17.18 18.84
N ILE A 19 9.46 16.83 18.12
CA ILE A 19 9.94 15.44 18.23
C ILE A 19 10.64 15.29 19.58
N MET A 20 11.07 16.39 20.18
CA MET A 20 11.82 16.38 21.46
C MET A 20 11.02 17.03 22.57
N GLU A 21 10.01 17.81 22.24
CA GLU A 21 9.25 18.50 23.23
C GLU A 21 7.79 18.26 23.11
N LYS A 22 7.12 18.15 24.24
CA LYS A 22 5.68 17.93 24.23
C LYS A 22 4.98 19.12 24.87
N ASN A 23 3.78 19.40 24.39
CA ASN A 23 2.95 20.51 24.86
C ASN A 23 3.67 21.85 24.86
N VAL A 24 3.94 22.36 23.66
CA VAL A 24 4.61 23.65 23.52
C VAL A 24 3.63 24.69 23.02
N THR A 25 3.49 25.76 23.77
CA THR A 25 2.57 26.86 23.43
C THR A 25 3.18 27.74 22.36
N VAL A 26 2.39 28.15 21.38
CA VAL A 26 2.95 28.99 20.29
C VAL A 26 2.07 30.22 20.08
N THR A 27 2.61 31.18 19.37
CA THR A 27 1.93 32.41 18.94
C THR A 27 0.88 32.11 17.88
N HIS A 28 1.26 31.45 16.80
CA HIS A 28 0.30 31.11 15.73
C HIS A 28 0.53 29.68 15.32
N ALA A 29 -0.54 28.98 14.94
CA ALA A 29 -0.44 27.57 14.54
C ALA A 29 -1.38 27.33 13.36
N GLN A 30 -1.22 26.19 12.70
CA GLN A 30 -2.09 25.91 11.55
C GLN A 30 -2.44 24.43 11.58
N ASP A 31 -3.74 24.14 11.56
CA ASP A 31 -4.19 22.74 11.66
C ASP A 31 -4.33 22.23 10.23
N ILE A 32 -3.70 21.12 9.91
CA ILE A 32 -3.73 20.60 8.52
C ILE A 32 -4.56 19.32 8.48
N LEU A 33 -5.39 19.11 9.49
CA LEU A 33 -6.25 17.91 9.57
C LEU A 33 -7.70 18.36 9.46
N GLU A 34 -8.40 17.96 8.41
CA GLU A 34 -9.81 18.35 8.22
C GLU A 34 -10.67 17.55 9.18
N LYS A 35 -11.64 18.17 9.81
CA LYS A 35 -12.48 17.42 10.76
C LYS A 35 -13.91 17.92 10.66
N THR A 36 -14.25 18.62 9.59
CA THR A 36 -15.62 19.17 9.47
C THR A 36 -16.26 18.74 8.16
N HIS A 37 -17.49 18.23 8.24
CA HIS A 37 -18.26 17.84 7.08
C HIS A 37 -19.57 18.56 7.03
N ASN A 38 -20.35 18.29 6.01
CA ASN A 38 -21.64 18.92 5.77
C ASN A 38 -22.71 18.38 6.60
N GLY A 39 -22.72 17.08 6.66
CA GLY A 39 -23.74 16.35 7.36
C GLY A 39 -24.83 15.93 6.39
N LYS A 40 -24.70 16.31 5.14
CA LYS A 40 -25.63 16.05 4.10
C LYS A 40 -24.98 15.28 3.00
N LEU A 41 -25.72 15.01 1.95
CA LEU A 41 -25.19 14.29 0.83
C LEU A 41 -25.23 15.20 -0.33
N CYS A 42 -24.23 15.18 -1.17
CA CYS A 42 -24.19 16.13 -2.24
C CYS A 42 -23.80 15.63 -3.60
N ASP A 43 -23.93 16.51 -4.59
CA ASP A 43 -23.46 16.29 -5.93
C ASP A 43 -21.95 16.00 -5.95
N LEU A 44 -21.47 15.53 -7.09
CA LEU A 44 -20.06 15.24 -7.30
C LEU A 44 -19.63 15.82 -8.65
N ASP A 45 -18.94 16.98 -8.60
CA ASP A 45 -18.60 17.74 -9.80
C ASP A 45 -19.84 18.04 -10.64
N GLY A 46 -20.89 18.51 -9.97
CA GLY A 46 -22.12 18.90 -10.64
C GLY A 46 -22.96 17.74 -11.14
N VAL A 47 -22.76 16.54 -10.62
CA VAL A 47 -23.56 15.36 -10.95
C VAL A 47 -24.19 14.81 -9.68
N LYS A 48 -25.51 14.64 -9.68
CA LYS A 48 -26.26 14.18 -8.53
C LYS A 48 -26.08 12.67 -8.35
N PRO A 49 -26.12 12.18 -7.12
CA PRO A 49 -26.16 10.74 -6.90
C PRO A 49 -27.54 10.14 -7.17
N LEU A 50 -27.56 8.82 -7.28
CA LEU A 50 -28.79 8.03 -7.44
C LEU A 50 -29.21 7.50 -6.07
N ILE A 51 -30.20 8.17 -5.47
CA ILE A 51 -30.65 7.78 -4.10
C ILE A 51 -31.71 6.68 -4.21
N LEU A 52 -31.45 5.53 -3.62
CA LEU A 52 -32.39 4.46 -3.66
C LEU A 52 -32.91 4.37 -2.26
N ARG A 53 -34.17 4.72 -2.09
CA ARG A 53 -34.81 4.77 -0.78
C ARG A 53 -34.72 3.53 0.06
N ASP A 54 -35.58 2.58 -0.22
CA ASP A 54 -35.49 1.31 0.46
C ASP A 54 -35.21 0.23 -0.57
N CYS A 55 -35.49 0.61 -1.82
CA CYS A 55 -35.28 -0.21 -2.98
C CYS A 55 -33.80 -0.37 -3.23
N SER A 56 -33.44 -1.60 -3.57
CA SER A 56 -32.06 -2.06 -3.85
C SER A 56 -31.72 -1.90 -5.32
N VAL A 57 -30.46 -1.97 -5.71
CA VAL A 57 -30.18 -2.01 -7.16
C VAL A 57 -30.95 -3.13 -7.83
N ALA A 58 -31.04 -4.30 -7.20
CA ALA A 58 -31.78 -5.44 -7.79
C ALA A 58 -33.24 -5.02 -8.00
N GLY A 59 -33.89 -4.51 -6.95
CA GLY A 59 -35.29 -4.08 -7.02
C GLY A 59 -35.48 -2.95 -7.99
N TRP A 60 -34.52 -2.05 -8.08
CA TRP A 60 -34.62 -0.89 -8.99
C TRP A 60 -34.57 -1.33 -10.45
N LEU A 61 -33.61 -2.16 -10.83
CA LEU A 61 -33.53 -2.54 -12.26
C LEU A 61 -34.68 -3.45 -12.65
N LEU A 62 -34.98 -4.45 -11.82
CA LEU A 62 -36.04 -5.42 -12.11
C LEU A 62 -37.41 -4.75 -12.06
N GLY A 63 -37.57 -3.77 -11.19
CA GLY A 63 -38.87 -3.08 -11.07
C GLY A 63 -39.72 -3.70 -9.99
N ASN A 64 -39.14 -3.89 -8.80
CA ASN A 64 -39.90 -4.46 -7.67
C ASN A 64 -41.14 -3.60 -7.45
N PRO A 65 -42.34 -4.19 -7.29
CA PRO A 65 -43.56 -3.43 -7.09
C PRO A 65 -43.55 -2.45 -5.91
N MET A 66 -42.63 -2.65 -4.94
CA MET A 66 -42.82 -1.81 -3.72
C MET A 66 -41.90 -0.59 -3.65
N CYS A 67 -41.36 -0.17 -4.78
CA CYS A 67 -40.43 0.95 -4.80
C CYS A 67 -40.36 1.39 -6.25
N ASP A 68 -41.35 2.16 -6.67
CA ASP A 68 -41.33 2.78 -8.02
C ASP A 68 -41.28 4.30 -7.88
N GLU A 69 -40.33 4.81 -7.08
CA GLU A 69 -40.23 6.27 -6.90
C GLU A 69 -39.17 6.90 -7.82
N PHE A 70 -38.06 6.22 -7.98
CA PHE A 70 -36.88 6.69 -8.70
C PHE A 70 -36.77 6.34 -10.18
N ILE A 71 -37.88 5.97 -10.82
CA ILE A 71 -37.77 5.51 -12.24
C ILE A 71 -37.85 6.73 -13.16
N ASN A 72 -36.84 7.61 -13.15
CA ASN A 72 -36.86 8.83 -14.01
C ASN A 72 -35.47 9.09 -14.58
N VAL A 73 -34.49 9.42 -13.66
CA VAL A 73 -33.07 9.91 -13.78
C VAL A 73 -32.20 9.21 -14.81
N PRO A 74 -31.50 9.99 -15.66
CA PRO A 74 -30.61 9.46 -16.68
C PRO A 74 -29.11 9.64 -16.47
N GLU A 75 -28.70 10.24 -15.36
CA GLU A 75 -27.30 10.54 -15.07
C GLU A 75 -27.06 10.50 -13.57
N TRP A 76 -25.93 9.92 -13.16
CA TRP A 76 -25.55 9.96 -11.75
C TRP A 76 -24.05 9.74 -11.61
N SER A 77 -23.53 10.15 -10.45
CA SER A 77 -22.12 10.05 -10.11
C SER A 77 -21.82 8.89 -9.17
N TYR A 78 -22.74 8.58 -8.26
CA TYR A 78 -22.64 7.39 -7.44
C TYR A 78 -24.05 6.98 -7.04
N ILE A 79 -24.15 5.86 -6.34
CA ILE A 79 -25.43 5.32 -5.90
C ILE A 79 -25.43 5.29 -4.38
N VAL A 80 -26.56 5.66 -3.79
CA VAL A 80 -26.75 5.64 -2.35
C VAL A 80 -27.74 4.55 -2.03
N GLU A 81 -27.29 3.54 -1.28
CA GLU A 81 -28.12 2.43 -0.83
C GLU A 81 -28.29 2.53 0.68
N LYS A 82 -29.43 2.05 1.16
CA LYS A 82 -29.56 1.88 2.58
C LYS A 82 -28.77 0.66 3.02
N ALA A 83 -28.36 0.65 4.29
CA ALA A 83 -27.44 -0.38 4.76
C ALA A 83 -27.96 -1.78 4.43
N ASN A 84 -29.24 -1.96 4.60
CA ASN A 84 -29.86 -3.20 4.25
C ASN A 84 -31.22 -2.86 3.74
N PRO A 85 -31.39 -2.62 2.45
CA PRO A 85 -32.69 -2.30 1.89
C PRO A 85 -33.75 -3.35 2.15
N ALA A 86 -35.00 -2.95 2.27
CA ALA A 86 -36.01 -3.92 2.54
C ALA A 86 -36.71 -4.43 1.31
N ASN A 87 -36.45 -3.82 0.18
CA ASN A 87 -37.06 -4.24 -1.03
C ASN A 87 -36.06 -4.57 -2.06
N ASP A 88 -35.69 -5.84 -2.17
CA ASP A 88 -34.82 -6.18 -3.26
C ASP A 88 -35.39 -7.27 -4.16
N LEU A 89 -35.55 -8.50 -3.71
CA LEU A 89 -36.10 -9.51 -4.57
C LEU A 89 -37.25 -9.96 -3.77
N CYS A 90 -38.46 -9.62 -4.16
CA CYS A 90 -39.62 -9.97 -3.33
C CYS A 90 -39.82 -11.46 -3.49
N TYR A 91 -39.66 -11.97 -4.71
CA TYR A 91 -39.66 -13.42 -4.88
C TYR A 91 -38.26 -13.94 -4.61
N PRO A 92 -38.10 -14.94 -3.73
CA PRO A 92 -36.74 -15.36 -3.37
C PRO A 92 -36.01 -15.95 -4.56
N GLY A 93 -34.69 -15.85 -4.54
CA GLY A 93 -33.89 -16.29 -5.65
C GLY A 93 -32.50 -15.67 -5.64
N ASN A 94 -31.91 -15.61 -6.83
CA ASN A 94 -30.57 -15.04 -6.88
C ASN A 94 -30.37 -14.20 -8.14
N PHE A 95 -29.53 -13.19 -7.94
CA PHE A 95 -29.16 -12.24 -8.97
C PHE A 95 -27.70 -12.53 -9.34
N ASN A 96 -27.49 -13.06 -10.54
CA ASN A 96 -26.15 -13.49 -10.95
C ASN A 96 -25.22 -12.30 -11.15
N ASP A 97 -23.98 -12.45 -10.66
CA ASP A 97 -22.93 -11.44 -10.84
C ASP A 97 -23.41 -10.08 -10.34
N TYR A 98 -24.10 -10.08 -9.19
CA TYR A 98 -24.78 -8.89 -8.70
C TYR A 98 -23.78 -7.77 -8.38
N GLU A 99 -22.73 -8.11 -7.62
CA GLU A 99 -21.75 -7.10 -7.23
C GLU A 99 -21.06 -6.49 -8.45
N GLU A 100 -20.81 -7.32 -9.47
CA GLU A 100 -20.19 -6.81 -10.68
C GLU A 100 -21.08 -5.81 -11.39
N LEU A 101 -22.39 -6.09 -11.41
CA LEU A 101 -23.35 -5.13 -11.98
C LEU A 101 -23.36 -3.83 -11.19
N LYS A 102 -23.52 -3.92 -9.87
CA LYS A 102 -23.63 -2.63 -9.20
C LYS A 102 -22.31 -1.88 -9.22
N HIS A 103 -21.14 -2.52 -9.32
CA HIS A 103 -19.94 -1.79 -9.67
C HIS A 103 -20.07 -1.13 -11.03
N LEU A 104 -20.53 -1.89 -12.03
CA LEU A 104 -20.76 -1.31 -13.36
C LEU A 104 -21.70 -0.12 -13.30
N LEU A 105 -22.77 -0.20 -12.50
CA LEU A 105 -23.74 0.86 -12.38
C LEU A 105 -23.38 1.87 -11.29
N SER A 106 -22.20 1.73 -10.68
CA SER A 106 -21.78 2.66 -9.65
C SER A 106 -21.79 4.10 -10.15
N ARG A 107 -21.47 4.32 -11.42
CA ARG A 107 -21.43 5.68 -11.97
C ARG A 107 -21.70 5.59 -13.47
N ILE A 108 -22.88 6.02 -13.88
CA ILE A 108 -23.34 5.89 -15.25
C ILE A 108 -23.46 7.27 -15.87
N ASN A 109 -22.97 7.43 -17.09
CA ASN A 109 -23.02 8.72 -17.76
C ASN A 109 -24.38 8.95 -18.41
N HIS A 110 -24.88 7.99 -19.19
CA HIS A 110 -26.23 8.12 -19.73
C HIS A 110 -26.97 6.80 -19.58
N PHE A 111 -28.20 6.87 -19.06
CA PHE A 111 -29.02 5.73 -18.69
C PHE A 111 -30.46 6.01 -19.08
N GLU A 112 -31.04 5.17 -19.94
CA GLU A 112 -32.39 5.40 -20.44
C GLU A 112 -33.13 4.07 -20.58
N LYS A 113 -34.13 3.84 -19.74
CA LYS A 113 -34.94 2.64 -19.86
C LYS A 113 -35.75 2.66 -21.15
N ILE A 114 -35.77 1.52 -21.85
CA ILE A 114 -36.55 1.35 -23.07
C ILE A 114 -37.25 0.01 -23.02
N GLN A 115 -38.36 -0.11 -23.75
CA GLN A 115 -39.01 -1.41 -23.94
C GLN A 115 -38.45 -2.08 -25.19
N ILE A 116 -38.11 -3.36 -25.07
CA ILE A 116 -37.47 -4.08 -26.17
C ILE A 116 -38.35 -5.24 -26.63
N ILE A 117 -39.10 -5.83 -25.71
CA ILE A 117 -40.01 -6.93 -26.02
C ILE A 117 -41.36 -6.60 -25.41
N PRO A 118 -42.26 -5.95 -26.14
CA PRO A 118 -43.50 -5.47 -25.55
C PRO A 118 -44.39 -6.61 -25.06
N LYS A 119 -45.04 -6.38 -23.92
CA LYS A 119 -45.85 -7.42 -23.28
C LYS A 119 -46.98 -7.90 -24.20
N SER A 120 -47.57 -6.98 -24.97
CA SER A 120 -48.62 -7.34 -25.91
C SER A 120 -48.21 -8.50 -26.83
N SER A 121 -46.94 -8.52 -27.26
CA SER A 121 -46.49 -9.41 -28.34
C SER A 121 -46.38 -10.88 -27.93
N TRP A 122 -46.80 -11.28 -26.74
CA TRP A 122 -46.84 -12.70 -26.36
C TRP A 122 -48.21 -13.23 -26.77
N SER A 123 -48.31 -13.66 -28.03
CA SER A 123 -49.61 -14.04 -28.57
C SER A 123 -50.06 -15.39 -28.05
N ASP A 124 -49.12 -16.32 -27.89
CA ASP A 124 -49.44 -17.72 -27.59
C ASP A 124 -49.13 -18.09 -26.14
N HIS A 125 -48.72 -17.14 -25.31
CA HIS A 125 -48.45 -17.40 -23.90
C HIS A 125 -49.21 -16.41 -23.02
N GLU A 126 -49.40 -16.81 -21.77
CA GLU A 126 -50.13 -16.00 -20.80
C GLU A 126 -49.16 -15.07 -20.09
N ALA A 127 -49.21 -13.79 -20.43
CA ALA A 127 -48.31 -12.80 -19.85
C ALA A 127 -48.83 -12.21 -18.53
N SER A 128 -50.13 -11.91 -18.47
CA SER A 128 -50.68 -11.11 -17.40
C SER A 128 -51.15 -11.92 -16.20
N SER A 129 -50.70 -13.18 -16.15
CA SER A 129 -51.13 -14.07 -15.06
C SER A 129 -49.93 -14.43 -14.20
N GLY A 130 -48.77 -13.84 -14.48
CA GLY A 130 -47.55 -14.12 -13.73
C GLY A 130 -47.36 -13.17 -12.58
N VAL A 131 -48.15 -13.34 -11.52
CA VAL A 131 -48.11 -12.49 -10.30
C VAL A 131 -48.10 -13.41 -9.07
N SER A 132 -47.76 -12.89 -7.91
CA SER A 132 -47.73 -13.74 -6.70
C SER A 132 -47.93 -12.90 -5.44
N SER A 133 -48.14 -13.57 -4.32
CA SER A 133 -48.33 -12.88 -3.05
C SER A 133 -47.02 -12.39 -2.45
N ALA A 134 -45.88 -12.92 -2.90
CA ALA A 134 -44.60 -12.47 -2.37
C ALA A 134 -44.17 -11.13 -2.92
N CYS A 135 -44.84 -10.63 -3.95
CA CYS A 135 -44.54 -9.33 -4.56
C CYS A 135 -45.80 -8.48 -4.60
N PRO A 136 -46.31 -8.07 -3.44
CA PRO A 136 -47.59 -7.34 -3.44
C PRO A 136 -47.41 -5.88 -3.86
N TYR A 137 -48.23 -5.47 -4.82
CA TYR A 137 -48.47 -4.07 -5.16
C TYR A 137 -49.96 -3.82 -4.95
N GLN A 138 -50.29 -2.86 -4.08
CA GLN A 138 -51.66 -2.47 -3.75
C GLN A 138 -52.38 -3.57 -2.97
N GLY A 139 -51.65 -4.39 -2.23
CA GLY A 139 -52.26 -5.54 -1.61
C GLY A 139 -52.67 -6.63 -2.57
N THR A 140 -52.56 -6.40 -3.87
CA THR A 140 -52.94 -7.44 -4.80
C THR A 140 -51.68 -8.11 -5.33
N PRO A 141 -51.71 -9.44 -5.42
CA PRO A 141 -50.56 -10.17 -5.99
C PRO A 141 -50.02 -9.52 -7.25
N SER A 142 -48.74 -9.18 -7.19
CA SER A 142 -48.02 -8.50 -8.29
C SER A 142 -46.73 -9.24 -8.64
N PHE A 143 -45.82 -8.54 -9.30
CA PHE A 143 -44.54 -9.09 -9.76
C PHE A 143 -43.70 -7.94 -10.29
N PHE A 144 -42.39 -8.19 -10.43
CA PHE A 144 -41.46 -7.24 -11.00
C PHE A 144 -42.04 -6.60 -12.27
N ARG A 145 -41.92 -5.27 -12.36
CA ARG A 145 -42.57 -4.53 -13.42
C ARG A 145 -41.85 -4.63 -14.76
N ASN A 146 -40.52 -4.78 -14.75
CA ASN A 146 -39.74 -4.69 -15.98
C ASN A 146 -39.49 -6.05 -16.63
N VAL A 147 -39.87 -7.15 -15.99
CA VAL A 147 -39.77 -8.48 -16.57
C VAL A 147 -41.13 -9.17 -16.45
N ILE A 148 -41.41 -10.06 -17.40
CA ILE A 148 -42.71 -10.70 -17.55
C ILE A 148 -42.57 -12.17 -17.20
N TRP A 149 -43.43 -12.64 -16.29
CA TRP A 149 -43.48 -14.04 -15.87
C TRP A 149 -44.48 -14.77 -16.74
N LEU A 150 -44.00 -15.35 -17.83
CA LEU A 150 -44.87 -16.06 -18.77
C LEU A 150 -45.27 -17.43 -18.25
N ILE A 151 -46.51 -17.82 -18.52
CA ILE A 151 -47.06 -19.13 -18.17
C ILE A 151 -47.90 -19.60 -19.34
N LYS A 152 -48.14 -20.92 -19.38
CA LYS A 152 -48.85 -21.54 -20.50
C LYS A 152 -50.24 -20.93 -20.69
N LYS A 153 -50.65 -20.86 -21.95
CA LYS A 153 -51.95 -20.36 -22.33
C LYS A 153 -52.66 -21.48 -23.06
N ASN A 154 -53.93 -21.71 -22.71
CA ASN A 154 -54.74 -22.77 -23.31
C ASN A 154 -54.02 -24.11 -23.25
N ASN A 155 -53.53 -24.44 -22.05
CA ASN A 155 -52.83 -25.70 -21.77
C ASN A 155 -51.62 -26.03 -22.65
N THR A 156 -51.04 -25.02 -23.28
CA THR A 156 -49.88 -25.20 -24.14
C THR A 156 -48.85 -24.11 -23.82
N TYR A 157 -47.58 -24.44 -24.04
CA TYR A 157 -46.47 -23.51 -23.87
C TYR A 157 -45.52 -23.74 -25.04
N PRO A 158 -45.82 -23.18 -26.20
CA PRO A 158 -44.98 -23.41 -27.38
C PRO A 158 -43.60 -22.83 -27.19
N THR A 159 -42.62 -23.47 -27.81
CA THR A 159 -41.22 -23.05 -27.68
C THR A 159 -41.06 -21.62 -28.17
N ILE A 160 -40.66 -20.74 -27.26
CA ILE A 160 -40.40 -19.34 -27.59
C ILE A 160 -39.06 -19.26 -28.29
N LYS A 161 -38.99 -18.43 -29.36
CA LYS A 161 -37.78 -18.19 -30.12
C LYS A 161 -37.76 -16.71 -30.51
N ARG A 162 -37.46 -15.86 -29.55
CA ARG A 162 -37.47 -14.43 -29.84
C ARG A 162 -36.04 -13.88 -29.87
N SER A 163 -35.86 -12.82 -30.66
CA SER A 163 -34.55 -12.23 -30.85
C SER A 163 -34.71 -10.71 -30.88
N TYR A 164 -33.60 -10.01 -30.63
CA TYR A 164 -33.63 -8.56 -30.60
C TYR A 164 -32.28 -7.97 -30.99
N ASN A 165 -32.26 -7.28 -32.11
CA ASN A 165 -31.06 -6.65 -32.62
C ASN A 165 -30.91 -5.28 -31.98
N ASN A 166 -29.72 -4.98 -31.48
CA ASN A 166 -29.47 -3.69 -30.85
C ASN A 166 -29.45 -2.58 -31.88
N THR A 167 -30.62 -1.98 -32.11
CA THR A 167 -30.79 -0.92 -33.08
C THR A 167 -30.23 0.40 -32.60
N ASN A 168 -30.07 0.51 -31.28
CA ASN A 168 -29.55 1.73 -30.72
C ASN A 168 -28.04 1.65 -30.99
N GLN A 169 -27.39 2.73 -30.61
CA GLN A 169 -25.95 2.85 -30.69
C GLN A 169 -25.27 3.16 -29.35
N GLU A 170 -25.97 2.87 -28.25
CA GLU A 170 -25.36 2.72 -26.93
C GLU A 170 -25.61 1.27 -26.50
N ASP A 171 -24.80 0.81 -25.56
CA ASP A 171 -24.96 -0.53 -25.01
C ASP A 171 -26.30 -0.69 -24.34
N LEU A 172 -26.80 -1.93 -24.31
CA LEU A 172 -28.08 -2.24 -23.68
C LEU A 172 -27.85 -3.22 -22.54
N LEU A 173 -28.37 -2.90 -21.36
CA LEU A 173 -28.30 -3.81 -20.23
C LEU A 173 -29.60 -4.59 -20.21
N ILE A 174 -29.53 -5.88 -20.51
CA ILE A 174 -30.71 -6.73 -20.60
C ILE A 174 -30.66 -7.73 -19.44
N LEU A 175 -31.81 -7.93 -18.81
CA LEU A 175 -31.95 -8.89 -17.73
C LEU A 175 -33.04 -9.89 -18.08
N TRP A 176 -32.93 -11.08 -17.49
CA TRP A 176 -33.93 -12.12 -17.65
C TRP A 176 -33.83 -13.05 -16.44
N GLY A 177 -34.64 -14.11 -16.44
CA GLY A 177 -34.63 -14.98 -15.28
C GLY A 177 -35.13 -16.37 -15.60
N ILE A 178 -35.08 -17.20 -14.57
CA ILE A 178 -35.58 -18.57 -14.62
C ILE A 178 -36.28 -18.86 -13.30
N HIS A 179 -37.40 -19.59 -13.38
CA HIS A 179 -38.20 -19.94 -12.22
C HIS A 179 -37.94 -21.40 -11.88
N HIS A 180 -37.31 -21.63 -10.74
CA HIS A 180 -37.18 -22.96 -10.15
C HIS A 180 -38.48 -23.30 -9.42
N SER A 181 -39.26 -24.22 -10.00
CA SER A 181 -40.49 -24.72 -9.41
C SER A 181 -40.18 -25.78 -8.36
N ASN A 182 -41.23 -26.34 -7.75
CA ASN A 182 -41.07 -27.20 -6.59
C ASN A 182 -41.29 -28.69 -6.85
N ASP A 183 -42.02 -29.05 -7.90
CA ASP A 183 -42.26 -30.45 -8.21
C ASP A 183 -42.80 -30.56 -9.63
N ALA A 184 -42.87 -31.79 -10.13
CA ALA A 184 -43.30 -32.01 -11.51
C ALA A 184 -44.72 -31.51 -11.74
N ALA A 185 -45.59 -31.68 -10.74
CA ALA A 185 -46.99 -31.28 -10.88
C ALA A 185 -47.12 -29.77 -11.05
N GLU A 186 -46.54 -28.99 -10.12
CA GLU A 186 -46.50 -27.55 -10.27
C GLU A 186 -45.87 -27.14 -11.60
N GLN A 187 -44.78 -27.78 -11.94
CA GLN A 187 -44.11 -27.49 -13.16
C GLN A 187 -45.06 -27.61 -14.32
N THR A 188 -45.88 -28.64 -14.32
CA THR A 188 -46.82 -28.83 -15.37
C THR A 188 -48.13 -28.08 -15.18
N LYS A 189 -48.28 -27.32 -14.12
CA LYS A 189 -49.45 -26.54 -13.98
C LYS A 189 -49.14 -25.23 -14.63
N LEU A 190 -47.93 -24.73 -14.51
CA LEU A 190 -47.61 -23.44 -15.09
C LEU A 190 -47.17 -23.54 -16.49
N TYR A 191 -46.40 -24.55 -16.77
CA TYR A 191 -45.94 -24.85 -18.11
C TYR A 191 -46.59 -26.21 -18.49
N GLN A 192 -46.54 -26.60 -19.73
CA GLN A 192 -47.18 -27.85 -20.06
C GLN A 192 -46.14 -28.90 -19.91
N ASN A 193 -44.99 -28.55 -20.43
CA ASN A 193 -43.80 -29.34 -20.51
C ASN A 193 -43.18 -29.64 -19.21
N PRO A 194 -42.80 -30.89 -19.04
CA PRO A 194 -42.22 -31.33 -17.76
C PRO A 194 -40.72 -31.05 -17.61
N THR A 195 -39.96 -31.16 -18.70
CA THR A 195 -38.54 -30.83 -18.71
C THR A 195 -38.31 -29.65 -19.62
N THR A 196 -37.64 -28.62 -19.11
CA THR A 196 -37.60 -27.32 -19.76
C THR A 196 -36.16 -26.81 -19.86
N TYR A 197 -36.01 -25.71 -20.57
CA TYR A 197 -34.70 -25.10 -20.75
C TYR A 197 -34.88 -23.64 -21.13
N ILE A 198 -33.77 -22.90 -21.09
CA ILE A 198 -33.70 -21.52 -21.56
C ILE A 198 -32.33 -21.34 -22.21
N SER A 199 -32.32 -21.06 -23.51
CA SER A 199 -31.17 -20.76 -24.35
C SER A 199 -31.04 -19.26 -24.50
N VAL A 200 -29.90 -18.64 -24.20
CA VAL A 200 -29.69 -17.22 -24.40
C VAL A 200 -28.36 -17.05 -25.11
N GLY A 201 -28.40 -16.44 -26.29
CA GLY A 201 -27.18 -16.31 -27.07
C GLY A 201 -26.97 -14.94 -27.66
N THR A 202 -25.80 -14.37 -27.40
CA THR A 202 -25.34 -13.21 -28.14
C THR A 202 -24.06 -13.62 -28.85
N SER A 203 -23.17 -12.65 -29.10
CA SER A 203 -21.90 -12.93 -29.74
C SER A 203 -20.97 -13.54 -28.69
N THR A 204 -20.96 -12.93 -27.51
CA THR A 204 -20.14 -13.41 -26.39
C THR A 204 -20.89 -14.43 -25.52
N LEU A 205 -22.20 -14.28 -25.36
CA LEU A 205 -22.97 -15.10 -24.44
C LEU A 205 -23.42 -16.39 -25.10
N ASN A 206 -23.32 -17.49 -24.35
CA ASN A 206 -23.66 -18.84 -24.81
C ASN A 206 -24.23 -19.61 -23.62
N GLN A 207 -25.42 -19.23 -23.16
CA GLN A 207 -25.97 -19.72 -21.91
C GLN A 207 -27.13 -20.67 -22.15
N ARG A 208 -27.19 -21.74 -21.34
CA ARG A 208 -28.45 -22.48 -21.26
C ARG A 208 -28.66 -22.93 -19.81
N LEU A 209 -29.85 -22.63 -19.35
CA LEU A 209 -30.30 -22.90 -18.02
C LEU A 209 -31.39 -23.91 -17.97
N VAL A 210 -31.36 -24.75 -16.95
CA VAL A 210 -32.39 -25.74 -16.74
C VAL A 210 -32.87 -25.54 -15.32
N PRO A 211 -34.15 -25.73 -15.09
CA PRO A 211 -34.67 -25.52 -13.76
C PRO A 211 -34.26 -26.56 -12.73
N LYS A 212 -34.03 -26.10 -11.53
CA LYS A 212 -33.66 -26.99 -10.48
C LYS A 212 -34.88 -27.20 -9.66
N ILE A 213 -35.51 -28.35 -9.82
CA ILE A 213 -36.70 -28.70 -9.08
C ILE A 213 -36.27 -29.53 -7.91
N ALA A 214 -36.30 -28.90 -6.75
CA ALA A 214 -35.95 -29.49 -5.47
C ALA A 214 -36.90 -28.99 -4.42
N THR A 215 -36.72 -29.42 -3.18
CA THR A 215 -37.59 -28.94 -2.12
C THR A 215 -36.81 -28.00 -1.26
N ARG A 216 -37.33 -26.81 -1.11
CA ARG A 216 -36.62 -25.79 -0.31
C ARG A 216 -37.57 -25.14 0.67
N SER A 217 -37.01 -24.46 1.67
CA SER A 217 -37.75 -23.69 2.66
C SER A 217 -38.52 -22.55 2.00
N LYS A 218 -39.66 -22.21 2.58
CA LYS A 218 -40.41 -21.06 2.11
C LYS A 218 -39.73 -19.77 2.54
N VAL A 219 -39.71 -18.80 1.63
CA VAL A 219 -39.17 -17.45 1.87
C VAL A 219 -40.16 -16.48 1.27
N ASN A 220 -40.60 -15.48 2.04
CA ASN A 220 -41.79 -14.70 1.70
C ASN A 220 -42.93 -15.63 1.28
N GLY A 221 -43.11 -16.70 2.06
CA GLY A 221 -44.16 -17.68 1.83
C GLY A 221 -43.96 -18.59 0.63
N GLN A 222 -43.00 -18.31 -0.24
CA GLN A 222 -42.85 -19.12 -1.45
C GLN A 222 -41.62 -19.99 -1.34
N SER A 223 -41.77 -21.24 -1.78
CA SER A 223 -40.66 -22.18 -1.82
C SER A 223 -40.09 -22.36 -3.22
N GLY A 224 -40.64 -21.66 -4.20
CA GLY A 224 -39.97 -21.57 -5.49
C GLY A 224 -38.84 -20.56 -5.43
N ARG A 225 -38.05 -20.54 -6.49
CA ARG A 225 -36.95 -19.60 -6.57
C ARG A 225 -36.95 -18.94 -7.95
N MET A 226 -36.40 -17.74 -8.03
CA MET A 226 -36.23 -17.09 -9.32
C MET A 226 -34.81 -16.54 -9.40
N ASP A 227 -34.04 -17.05 -10.36
CA ASP A 227 -32.67 -16.63 -10.55
C ASP A 227 -32.61 -15.70 -11.74
N PHE A 228 -31.96 -14.55 -11.59
CA PHE A 228 -31.90 -13.56 -12.65
C PHE A 228 -30.49 -13.45 -13.19
N PHE A 229 -30.39 -13.08 -14.46
CA PHE A 229 -29.14 -12.94 -15.17
C PHE A 229 -29.20 -11.68 -16.01
N TRP A 230 -28.04 -11.24 -16.48
CA TRP A 230 -27.96 -10.00 -17.23
C TRP A 230 -26.79 -10.06 -18.21
N THR A 231 -26.83 -9.16 -19.18
CA THR A 231 -25.75 -9.05 -20.15
C THR A 231 -25.77 -7.66 -20.77
N ILE A 232 -24.61 -7.29 -21.32
CA ILE A 232 -24.44 -6.02 -22.04
C ILE A 232 -24.44 -6.34 -23.53
N LEU A 233 -25.54 -5.99 -24.20
CA LEU A 233 -25.68 -6.16 -25.64
C LEU A 233 -25.11 -4.93 -26.34
N LYS A 234 -24.02 -5.15 -27.08
CA LYS A 234 -23.35 -4.09 -27.82
C LYS A 234 -24.14 -3.70 -29.07
N PRO A 235 -23.90 -2.51 -29.59
CA PRO A 235 -24.62 -2.07 -30.78
C PRO A 235 -24.41 -3.01 -31.93
N ASN A 236 -25.51 -3.26 -32.63
CA ASN A 236 -25.64 -4.15 -33.78
C ASN A 236 -25.67 -5.65 -33.51
N ASP A 237 -25.37 -6.06 -32.29
CA ASP A 237 -25.44 -7.45 -31.92
C ASP A 237 -26.87 -7.72 -31.55
N ALA A 238 -27.18 -8.98 -31.50
CA ALA A 238 -28.54 -9.41 -31.23
C ALA A 238 -28.55 -10.50 -30.16
N ILE A 239 -29.57 -10.45 -29.29
CA ILE A 239 -29.77 -11.47 -28.27
C ILE A 239 -30.86 -12.42 -28.75
N ASN A 240 -30.65 -13.72 -28.53
CA ASN A 240 -31.56 -14.77 -28.99
C ASN A 240 -32.00 -15.60 -27.78
N PHE A 241 -33.26 -15.42 -27.36
CA PHE A 241 -33.88 -16.26 -26.35
C PHE A 241 -34.64 -17.41 -27.00
N GLU A 242 -34.64 -18.54 -26.29
CA GLU A 242 -35.38 -19.74 -26.67
C GLU A 242 -35.76 -20.46 -25.38
N SER A 243 -37.02 -20.86 -25.26
CA SER A 243 -37.43 -21.46 -23.99
C SER A 243 -38.80 -22.12 -24.10
N ASN A 244 -38.98 -23.23 -23.40
CA ASN A 244 -40.27 -23.91 -23.33
C ASN A 244 -40.80 -23.99 -21.90
N GLY A 245 -40.42 -23.06 -21.05
CA GLY A 245 -40.94 -23.04 -19.69
C GLY A 245 -40.01 -22.34 -18.74
N ASN A 246 -40.57 -21.96 -17.59
CA ASN A 246 -39.85 -21.35 -16.47
C ASN A 246 -39.11 -20.08 -16.86
N PHE A 247 -39.49 -19.47 -17.98
CA PHE A 247 -38.82 -18.28 -18.48
C PHE A 247 -39.37 -17.02 -17.82
N ILE A 248 -38.46 -16.12 -17.44
CA ILE A 248 -38.81 -14.79 -16.96
C ILE A 248 -38.26 -13.77 -17.96
N ALA A 249 -39.09 -13.36 -18.92
CA ALA A 249 -38.62 -12.66 -20.10
C ALA A 249 -38.44 -11.16 -19.84
N PRO A 250 -37.56 -10.50 -20.58
CA PRO A 250 -37.45 -9.05 -20.43
C PRO A 250 -38.56 -8.33 -21.17
N GLU A 251 -39.07 -7.27 -20.55
CA GLU A 251 -39.85 -6.25 -21.25
C GLU A 251 -39.02 -4.99 -21.46
N TYR A 252 -38.28 -4.57 -20.44
CA TYR A 252 -37.48 -3.40 -20.73
C TYR A 252 -36.01 -3.69 -20.44
N ALA A 253 -35.24 -3.04 -21.31
CA ALA A 253 -33.80 -2.99 -21.24
C ALA A 253 -33.39 -1.59 -20.77
N TYR A 254 -32.09 -1.30 -20.83
CA TYR A 254 -31.56 -0.01 -20.39
C TYR A 254 -30.43 0.40 -21.32
N LYS A 255 -30.61 1.52 -22.03
CA LYS A 255 -29.50 2.13 -22.74
C LYS A 255 -28.50 2.66 -21.71
N ILE A 256 -27.23 2.42 -21.96
CA ILE A 256 -26.20 2.64 -20.94
C ILE A 256 -24.87 3.02 -21.61
N VAL A 257 -24.31 4.14 -21.17
CA VAL A 257 -22.93 4.52 -21.51
C VAL A 257 -22.26 4.97 -20.22
N LYS A 258 -21.12 4.36 -19.93
CA LYS A 258 -20.42 4.69 -18.69
C LYS A 258 -18.98 4.98 -19.06
N LYS A 259 -18.42 6.03 -18.52
CA LYS A 259 -17.00 6.30 -18.82
C LYS A 259 -16.23 6.16 -17.51
N GLY A 260 -16.67 6.88 -16.49
CA GLY A 260 -15.99 6.90 -15.19
C GLY A 260 -16.41 5.74 -14.31
N ASP A 261 -15.77 5.60 -13.14
CA ASP A 261 -16.10 4.49 -12.19
C ASP A 261 -16.31 5.07 -10.79
N SER A 262 -17.31 4.59 -10.07
CA SER A 262 -17.60 5.04 -8.71
C SER A 262 -17.80 3.85 -7.75
N ALA A 263 -18.58 4.05 -6.69
CA ALA A 263 -18.82 2.95 -5.72
C ALA A 263 -20.18 3.17 -5.03
N ILE A 264 -20.77 2.09 -4.51
CA ILE A 264 -22.08 2.17 -3.81
C ILE A 264 -21.83 2.39 -2.31
N MET A 265 -22.16 3.60 -1.84
CA MET A 265 -21.98 3.99 -0.44
C MET A 265 -23.28 3.75 0.32
N LYS A 266 -23.21 3.12 1.48
CA LYS A 266 -24.36 2.84 2.28
C LYS A 266 -24.51 3.95 3.28
N SER A 267 -25.57 4.72 3.15
CA SER A 267 -25.80 5.87 4.06
C SER A 267 -27.30 6.17 4.15
N GLU A 268 -27.72 6.82 5.23
CA GLU A 268 -29.15 7.16 5.42
C GLU A 268 -29.27 8.68 5.53
N VAL A 269 -28.15 9.39 5.62
CA VAL A 269 -28.15 10.88 5.65
C VAL A 269 -28.78 11.40 4.36
N GLU A 270 -29.57 12.47 4.48
CA GLU A 270 -30.37 13.06 3.36
C GLU A 270 -29.54 13.97 2.46
N TYR A 271 -30.00 14.14 1.22
CA TYR A 271 -29.39 14.97 0.16
C TYR A 271 -29.67 16.44 0.46
N GLY A 272 -28.64 17.30 0.39
CA GLY A 272 -28.79 18.71 0.76
C GLY A 272 -28.62 19.72 -0.36
N ASN A 273 -28.78 19.31 -1.61
CA ASN A 273 -28.72 20.27 -2.75
C ASN A 273 -27.41 21.04 -2.67
N CYS A 274 -26.30 20.34 -2.48
CA CYS A 274 -24.99 20.97 -2.38
C CYS A 274 -23.97 20.20 -3.20
N ASN A 275 -22.93 20.90 -3.64
CA ASN A 275 -21.89 20.28 -4.44
C ASN A 275 -20.65 20.04 -3.59
N THR A 276 -19.91 18.99 -3.97
CA THR A 276 -18.62 18.77 -3.35
C THR A 276 -17.77 17.93 -4.29
N LYS A 277 -16.46 18.01 -4.05
CA LYS A 277 -15.50 17.18 -4.74
C LYS A 277 -15.14 15.93 -3.96
N CYS A 278 -15.64 15.78 -2.73
CA CYS A 278 -15.37 14.62 -1.90
C CYS A 278 -16.53 14.41 -0.94
N GLN A 279 -16.94 13.16 -0.79
CA GLN A 279 -18.18 12.82 -0.09
C GLN A 279 -17.98 11.59 0.78
N THR A 280 -18.52 11.63 2.00
CA THR A 280 -18.48 10.53 2.94
C THR A 280 -19.89 10.15 3.39
N PRO A 281 -20.11 8.92 3.88
CA PRO A 281 -21.47 8.49 4.25
C PRO A 281 -22.06 9.20 5.45
N ILE A 282 -21.36 10.18 6.03
CA ILE A 282 -21.92 10.99 7.12
C ILE A 282 -21.91 12.47 6.78
N GLY A 283 -21.43 12.83 5.60
CA GLY A 283 -21.43 14.21 5.14
C GLY A 283 -20.31 14.41 4.13
N ALA A 284 -20.41 15.53 3.43
CA ALA A 284 -19.38 15.89 2.47
C ALA A 284 -18.30 16.72 3.18
N ILE A 285 -17.19 16.90 2.49
CA ILE A 285 -16.08 17.69 3.01
C ILE A 285 -15.53 18.60 1.93
N ASN A 286 -15.64 19.90 2.14
CA ASN A 286 -15.14 20.86 1.16
C ASN A 286 -13.87 21.54 1.65
N SER A 287 -12.82 20.76 1.83
CA SER A 287 -11.55 21.29 2.28
C SER A 287 -10.40 20.84 1.40
N SER A 288 -9.29 21.58 1.49
CA SER A 288 -8.08 21.26 0.74
C SER A 288 -6.91 20.97 1.66
N MET A 289 -7.17 20.66 2.94
CA MET A 289 -6.13 20.13 3.80
C MET A 289 -5.66 18.78 3.25
N PRO A 290 -4.42 18.39 3.54
CA PRO A 290 -3.94 17.10 3.02
C PRO A 290 -4.54 15.90 3.73
N PHE A 291 -5.11 16.07 4.92
CA PHE A 291 -5.54 14.93 5.73
C PHE A 291 -6.92 15.18 6.31
N HIS A 292 -7.64 14.09 6.57
CA HIS A 292 -8.93 14.13 7.23
C HIS A 292 -9.10 12.88 8.08
N ASN A 293 -9.98 12.97 9.08
CA ASN A 293 -10.31 11.85 9.95
C ASN A 293 -11.83 11.63 10.02
N ILE A 294 -12.56 12.06 8.99
CA ILE A 294 -14.01 12.10 9.10
C ILE A 294 -14.60 10.69 9.02
N HIS A 295 -14.23 9.94 7.98
CA HIS A 295 -14.81 8.64 7.69
C HIS A 295 -13.99 7.96 6.61
N PRO A 296 -13.74 6.66 6.73
CA PRO A 296 -12.85 6.00 5.74
C PRO A 296 -13.47 5.80 4.37
N LEU A 297 -14.78 5.58 4.29
CA LEU A 297 -15.41 5.18 3.02
C LEU A 297 -15.75 6.40 2.16
N THR A 298 -14.73 7.15 1.78
CA THR A 298 -14.99 8.39 1.03
C THR A 298 -15.07 8.10 -0.46
N ILE A 299 -15.67 9.01 -1.22
CA ILE A 299 -15.82 8.80 -2.67
C ILE A 299 -15.59 10.14 -3.32
N GLY A 300 -14.61 10.20 -4.21
CA GLY A 300 -14.22 11.45 -4.86
C GLY A 300 -12.74 11.70 -4.72
N GLU A 301 -12.34 12.95 -4.81
CA GLU A 301 -10.96 13.36 -4.68
C GLU A 301 -10.85 13.74 -3.25
N CYS A 302 -10.63 12.78 -2.39
CA CYS A 302 -10.64 13.23 -0.96
C CYS A 302 -9.23 13.38 -0.41
N PRO A 303 -9.03 13.87 0.82
CA PRO A 303 -7.70 13.95 1.42
C PRO A 303 -7.28 12.64 2.06
N LYS A 304 -6.09 12.52 2.58
CA LYS A 304 -5.69 11.27 3.15
C LYS A 304 -6.33 11.00 4.45
N TYR A 305 -6.87 9.82 4.62
CA TYR A 305 -7.56 9.44 5.88
C TYR A 305 -6.48 8.99 6.86
N VAL A 306 -6.44 9.64 8.02
CA VAL A 306 -5.43 9.30 9.05
C VAL A 306 -6.14 9.00 10.36
N LYS A 307 -5.42 8.38 11.29
CA LYS A 307 -5.98 8.09 12.63
C LYS A 307 -5.32 9.03 13.62
N SER A 308 -5.65 10.32 13.52
CA SER A 308 -5.07 11.42 14.33
C SER A 308 -6.20 12.30 14.85
N ASN A 309 -6.03 13.02 15.96
CA ASN A 309 -7.04 13.95 16.48
C ASN A 309 -6.75 15.35 15.98
N LYS A 310 -5.49 15.71 15.92
CA LYS A 310 -5.06 17.02 15.40
C LYS A 310 -3.69 16.85 14.76
N LEU A 311 -3.41 17.66 13.76
CA LEU A 311 -2.08 17.69 13.09
C LEU A 311 -1.75 19.16 12.97
N VAL A 312 -1.29 19.75 14.06
CA VAL A 312 -1.00 21.21 14.10
C VAL A 312 0.46 21.48 13.79
N LEU A 313 0.70 22.44 12.92
CA LEU A 313 2.06 22.88 12.56
C LEU A 313 2.31 24.21 13.26
N ALA A 314 3.47 24.44 13.82
CA ALA A 314 3.70 25.70 14.44
C ALA A 314 4.11 26.63 13.37
N THR A 315 3.57 27.83 13.39
CA THR A 315 3.88 28.88 12.43
C THR A 315 4.37 30.09 13.19
N GLY A 316 3.95 30.23 14.42
CA GLY A 316 4.38 31.34 15.22
C GLY A 316 5.55 30.95 16.06
N LEU A 317 5.87 31.78 17.03
CA LEU A 317 7.02 31.55 17.91
C LEU A 317 6.59 30.82 19.17
N ARG A 318 7.53 30.55 20.05
CA ARG A 318 7.16 29.96 21.34
C ARG A 318 6.48 31.06 22.14
N ASN A 319 5.29 30.80 22.64
CA ASN A 319 4.58 31.83 23.43
C ASN A 319 4.96 31.72 24.90
N SER A 320 5.87 32.60 25.33
CA SER A 320 6.33 32.63 26.73
C SER A 320 6.61 34.07 27.14
N PRO A 321 5.67 34.77 27.81
CA PRO A 321 5.91 36.12 28.31
C PRO A 321 6.62 36.06 29.67
N ASP B 1 44.73 29.33 36.45
CA ASP B 1 43.35 29.03 36.73
C ASP B 1 42.70 28.91 35.40
N GLN B 2 41.89 27.86 35.22
CA GLN B 2 41.19 27.62 33.96
C GLN B 2 39.85 26.99 34.18
N ILE B 3 38.96 27.18 33.22
CA ILE B 3 37.65 26.59 33.26
C ILE B 3 37.38 26.15 31.86
N CYS B 4 37.11 24.87 31.66
CA CYS B 4 36.84 24.34 30.33
C CYS B 4 35.42 23.78 30.21
N ILE B 5 34.86 23.83 29.01
CA ILE B 5 33.49 23.30 28.78
C ILE B 5 33.65 21.96 28.08
N GLY B 6 32.80 20.99 28.35
CA GLY B 6 33.07 19.69 27.72
C GLY B 6 31.90 18.77 27.88
N TYR B 7 32.02 17.56 27.37
CA TYR B 7 30.89 16.62 27.44
C TYR B 7 31.41 15.23 27.76
N HIS B 8 30.48 14.34 28.10
CA HIS B 8 30.68 12.94 28.51
C HIS B 8 31.37 12.06 27.45
N ALA B 9 31.99 11.00 27.92
CA ALA B 9 32.61 9.96 27.09
C ALA B 9 32.59 8.66 27.91
N ASN B 10 32.60 7.50 27.28
CA ASN B 10 32.61 6.25 28.03
C ASN B 10 33.24 5.11 27.25
N ASN B 11 33.02 3.89 27.71
CA ASN B 11 33.58 2.71 27.04
C ASN B 11 32.67 2.12 25.98
N SER B 12 31.57 2.81 25.68
CA SER B 12 30.63 2.36 24.67
C SER B 12 31.30 2.27 23.30
N THR B 13 30.88 1.28 22.54
CA THR B 13 31.43 1.03 21.19
C THR B 13 30.27 0.96 20.19
N GLU B 14 29.07 1.31 20.64
CA GLU B 14 27.86 1.33 19.79
C GLU B 14 28.03 2.37 18.69
N GLN B 15 27.76 2.00 17.45
CA GLN B 15 27.95 2.97 16.35
C GLN B 15 26.62 3.24 15.64
N VAL B 16 26.46 4.46 15.17
CA VAL B 16 25.22 4.81 14.43
C VAL B 16 25.60 5.42 13.09
N ASP B 17 24.64 5.46 12.18
CA ASP B 17 24.88 6.10 10.87
C ASP B 17 24.03 7.37 10.80
N THR B 18 24.57 8.35 10.10
CA THR B 18 24.09 9.73 9.85
C THR B 18 23.68 9.81 8.38
N ILE B 19 22.95 10.82 7.94
CA ILE B 19 22.75 10.97 6.49
C ILE B 19 24.08 11.42 5.85
N MET B 20 24.93 12.16 6.55
CA MET B 20 26.19 12.50 5.87
C MET B 20 27.41 11.97 6.63
N GLU B 21 27.20 11.17 7.68
CA GLU B 21 28.29 10.56 8.44
C GLU B 21 28.03 9.05 8.64
N LYS B 22 28.99 8.23 8.28
CA LYS B 22 28.84 6.79 8.42
C LYS B 22 29.70 6.25 9.55
N ASN B 23 29.20 5.22 10.21
CA ASN B 23 29.90 4.57 11.31
C ASN B 23 30.41 5.55 12.36
N VAL B 24 29.49 6.21 13.05
CA VAL B 24 29.85 7.17 14.09
C VAL B 24 29.69 6.55 15.46
N THR B 25 30.75 6.51 16.25
CA THR B 25 30.66 5.90 17.59
C THR B 25 29.94 6.88 18.53
N VAL B 26 28.94 6.40 19.25
CA VAL B 26 28.21 7.30 20.18
C VAL B 26 28.26 6.69 21.57
N THR B 27 27.96 7.54 22.54
CA THR B 27 27.90 7.27 23.99
C THR B 27 26.74 6.34 24.26
N HIS B 28 25.54 6.71 23.82
CA HIS B 28 24.30 5.93 24.03
C HIS B 28 23.55 5.78 22.73
N ALA B 29 22.83 4.68 22.57
CA ALA B 29 22.07 4.40 21.34
C ALA B 29 20.87 3.52 21.67
N GLN B 30 19.88 3.49 20.80
CA GLN B 30 18.65 2.70 21.05
C GLN B 30 18.21 2.05 19.74
N ASP B 31 18.15 0.72 19.70
CA ASP B 31 17.74 0.00 18.48
C ASP B 31 16.23 -0.09 18.48
N ILE B 32 15.59 0.23 17.37
CA ILE B 32 14.11 0.21 17.35
C ILE B 32 13.65 -0.91 16.43
N LEU B 33 14.53 -1.85 16.15
CA LEU B 33 14.15 -2.98 15.28
C LEU B 33 14.03 -4.24 16.11
N GLU B 34 12.86 -4.85 16.15
CA GLU B 34 12.74 -6.11 16.90
C GLU B 34 13.27 -7.24 16.02
N LYS B 35 13.97 -8.18 16.62
CA LYS B 35 14.65 -9.23 15.84
C LYS B 35 14.57 -10.54 16.59
N THR B 36 13.98 -10.54 17.77
CA THR B 36 14.03 -11.75 18.61
C THR B 36 12.63 -12.32 18.81
N HIS B 37 12.45 -13.55 18.35
CA HIS B 37 11.25 -14.35 18.66
C HIS B 37 11.56 -15.32 19.79
N ASN B 38 10.53 -15.93 20.33
CA ASN B 38 10.76 -16.88 21.42
C ASN B 38 10.85 -18.30 20.85
N GLY B 39 11.01 -18.42 19.52
CA GLY B 39 11.14 -19.76 18.98
C GLY B 39 9.97 -20.69 19.15
N LYS B 40 8.90 -20.31 19.85
CA LYS B 40 7.78 -21.21 20.09
C LYS B 40 6.47 -20.64 19.54
N LEU B 41 5.44 -21.48 19.50
CA LEU B 41 4.09 -21.12 19.06
C LEU B 41 3.25 -20.90 20.31
N CYS B 42 2.59 -19.76 20.40
CA CYS B 42 1.86 -19.52 21.63
C CYS B 42 0.49 -18.93 21.45
N ASP B 43 -0.10 -18.62 22.59
CA ASP B 43 -1.43 -18.04 22.61
C ASP B 43 -1.45 -16.69 21.91
N LEU B 44 -2.66 -16.21 21.61
CA LEU B 44 -2.87 -14.90 20.99
C LEU B 44 -4.01 -14.23 21.75
N ASP B 45 -3.66 -13.27 22.60
CA ASP B 45 -4.54 -12.67 23.62
C ASP B 45 -5.21 -13.74 24.47
N GLY B 46 -4.37 -14.65 24.96
CA GLY B 46 -4.80 -15.63 25.93
C GLY B 46 -5.74 -16.70 25.40
N VAL B 47 -5.78 -16.90 24.09
CA VAL B 47 -6.61 -17.94 23.46
C VAL B 47 -5.69 -18.85 22.66
N LYS B 48 -5.79 -20.16 22.92
CA LYS B 48 -4.81 -21.02 22.28
C LYS B 48 -5.19 -21.29 20.81
N PRO B 49 -4.18 -21.59 20.00
CA PRO B 49 -4.43 -21.95 18.61
C PRO B 49 -4.98 -23.36 18.46
N LEU B 50 -5.48 -23.62 17.26
CA LEU B 50 -5.94 -24.95 16.82
C LEU B 50 -4.82 -25.63 16.06
N ILE B 51 -4.05 -26.49 16.73
CA ILE B 51 -2.94 -27.09 16.01
C ILE B 51 -3.38 -28.44 15.47
N LEU B 52 -3.48 -28.46 14.14
CA LEU B 52 -3.81 -29.68 13.40
C LEU B 52 -2.49 -30.27 12.93
N ARG B 53 -1.98 -31.22 13.71
CA ARG B 53 -0.74 -31.93 13.37
C ARG B 53 -0.99 -32.90 12.23
N ASP B 54 -0.42 -32.61 11.05
CA ASP B 54 -0.45 -33.51 9.90
C ASP B 54 -1.86 -33.75 9.40
N CYS B 55 -2.84 -33.12 10.04
CA CYS B 55 -4.23 -33.18 9.60
C CYS B 55 -4.57 -31.89 8.89
N SER B 56 -5.16 -32.01 7.69
CA SER B 56 -5.68 -30.83 7.05
C SER B 56 -6.99 -30.42 7.72
N VAL B 57 -7.45 -29.21 7.41
CA VAL B 57 -8.71 -28.75 7.99
C VAL B 57 -9.85 -29.63 7.48
N ALA B 58 -9.75 -30.05 6.21
CA ALA B 58 -10.75 -30.94 5.62
C ALA B 58 -10.82 -32.26 6.38
N GLY B 59 -9.68 -32.94 6.54
CA GLY B 59 -9.67 -34.20 7.29
C GLY B 59 -10.23 -34.06 8.68
N TRP B 60 -9.86 -32.98 9.37
CA TRP B 60 -10.36 -32.75 10.72
C TRP B 60 -11.88 -32.58 10.73
N LEU B 61 -12.41 -31.76 9.81
CA LEU B 61 -13.85 -31.54 9.75
C LEU B 61 -14.60 -32.82 9.41
N LEU B 62 -14.21 -33.48 8.32
CA LEU B 62 -14.89 -34.69 7.87
C LEU B 62 -14.63 -35.87 8.79
N GLY B 63 -13.56 -35.81 9.59
CA GLY B 63 -13.22 -36.92 10.45
C GLY B 63 -12.49 -37.99 9.68
N ASN B 64 -11.39 -37.62 9.03
CA ASN B 64 -10.48 -38.60 8.49
C ASN B 64 -10.15 -39.60 9.60
N PRO B 65 -10.33 -40.91 9.37
CA PRO B 65 -10.13 -41.87 10.47
C PRO B 65 -8.73 -41.77 11.06
N MET B 66 -7.80 -41.17 10.32
CA MET B 66 -6.51 -41.01 10.96
C MET B 66 -6.31 -39.62 11.57
N CYS B 67 -7.36 -39.05 12.11
CA CYS B 67 -7.25 -37.75 12.79
C CYS B 67 -8.12 -37.78 14.06
N ASP B 68 -7.47 -37.68 15.22
CA ASP B 68 -8.03 -37.70 16.58
C ASP B 68 -9.29 -36.85 16.75
N GLU B 69 -10.24 -37.32 17.55
CA GLU B 69 -11.51 -36.60 17.78
C GLU B 69 -11.21 -35.21 18.34
N PHE B 70 -10.60 -35.17 19.53
CA PHE B 70 -10.14 -33.97 20.27
C PHE B 70 -11.10 -32.78 20.08
N ILE B 71 -12.40 -33.00 20.23
CA ILE B 71 -13.37 -31.88 20.07
C ILE B 71 -13.25 -31.01 21.32
N ASN B 72 -12.37 -31.42 22.20
CA ASN B 72 -12.22 -30.70 23.43
C ASN B 72 -11.51 -29.40 23.20
N VAL B 73 -11.89 -28.77 22.08
CA VAL B 73 -11.40 -27.46 21.67
C VAL B 73 -12.61 -26.67 21.30
N PRO B 74 -13.08 -25.81 22.18
CA PRO B 74 -14.29 -25.06 21.92
C PRO B 74 -14.04 -23.72 21.23
N GLU B 75 -12.82 -23.15 21.28
CA GLU B 75 -12.61 -21.86 20.62
C GLU B 75 -11.13 -21.76 20.31
N TRP B 76 -10.79 -21.03 19.25
CA TRP B 76 -9.39 -20.82 18.98
C TRP B 76 -9.15 -19.47 18.32
N SER B 77 -7.90 -19.04 18.33
CA SER B 77 -7.50 -17.75 17.77
C SER B 77 -6.90 -17.87 16.38
N TYR B 78 -6.16 -18.95 16.11
CA TYR B 78 -5.72 -19.23 14.76
C TYR B 78 -5.56 -20.74 14.63
N ILE B 79 -5.27 -21.18 13.41
CA ILE B 79 -5.11 -22.60 13.10
C ILE B 79 -3.69 -22.80 12.60
N VAL B 80 -3.07 -23.88 13.05
CA VAL B 80 -1.72 -24.24 12.65
C VAL B 80 -1.83 -25.52 11.83
N GLU B 81 -1.46 -25.42 10.56
CA GLU B 81 -1.41 -26.56 9.66
C GLU B 81 0.05 -26.80 9.30
N LYS B 82 0.41 -28.07 9.08
CA LYS B 82 1.73 -28.29 8.53
C LYS B 82 1.70 -27.96 7.04
N ALA B 83 2.84 -27.59 6.50
CA ALA B 83 2.94 -27.19 5.13
C ALA B 83 2.10 -28.02 4.22
N ASN B 84 2.31 -29.31 4.22
CA ASN B 84 1.50 -30.16 3.39
C ASN B 84 1.15 -31.37 4.19
N PRO B 85 0.04 -31.29 4.90
CA PRO B 85 -0.47 -32.33 5.77
C PRO B 85 -0.65 -33.60 5.05
N ALA B 86 -0.30 -34.68 5.71
CA ALA B 86 -0.37 -36.00 5.14
C ALA B 86 -1.77 -36.54 5.05
N ASN B 87 -2.57 -36.22 6.03
CA ASN B 87 -3.90 -36.70 6.06
C ASN B 87 -4.89 -35.63 5.75
N ASP B 88 -5.18 -35.47 4.47
CA ASP B 88 -6.14 -34.43 4.01
C ASP B 88 -7.47 -35.10 3.65
N LEU B 89 -7.54 -35.67 2.45
CA LEU B 89 -8.74 -36.39 1.97
C LEU B 89 -8.32 -37.80 1.55
N CYS B 90 -8.48 -38.77 2.46
CA CYS B 90 -8.10 -40.19 2.19
C CYS B 90 -8.70 -40.61 0.84
N TYR B 91 -10.02 -40.49 0.68
CA TYR B 91 -10.61 -40.78 -0.62
C TYR B 91 -10.45 -39.57 -1.54
N PRO B 92 -9.90 -39.73 -2.74
CA PRO B 92 -9.60 -38.57 -3.58
C PRO B 92 -10.86 -37.87 -4.03
N GLY B 93 -10.72 -36.58 -4.30
CA GLY B 93 -11.87 -35.77 -4.69
C GLY B 93 -11.56 -34.30 -4.48
N ASN B 94 -12.63 -33.52 -4.36
CA ASN B 94 -12.53 -32.07 -4.28
C ASN B 94 -13.41 -31.55 -3.15
N PHE B 95 -12.90 -30.56 -2.44
CA PHE B 95 -13.61 -29.87 -1.37
C PHE B 95 -14.02 -28.50 -1.89
N ASN B 96 -15.32 -28.31 -2.06
CA ASN B 96 -15.82 -27.07 -2.67
C ASN B 96 -15.59 -25.88 -1.74
N ASP B 97 -15.13 -24.78 -2.33
CA ASP B 97 -14.92 -23.51 -1.61
C ASP B 97 -14.04 -23.73 -0.37
N TYR B 98 -13.01 -24.55 -0.54
CA TYR B 98 -12.18 -24.99 0.59
C TYR B 98 -11.46 -23.81 1.24
N GLU B 99 -10.78 -22.99 0.43
CA GLU B 99 -10.03 -21.85 0.96
C GLU B 99 -10.95 -20.86 1.66
N GLU B 100 -12.15 -20.64 1.11
CA GLU B 100 -13.10 -19.73 1.74
C GLU B 100 -13.54 -20.27 3.09
N LEU B 101 -13.73 -21.59 3.19
CA LEU B 101 -14.03 -22.21 4.47
C LEU B 101 -12.89 -22.03 5.46
N LYS B 102 -11.66 -22.35 5.04
CA LYS B 102 -10.51 -22.20 5.93
C LYS B 102 -10.44 -20.79 6.48
N HIS B 103 -10.68 -19.79 5.63
CA HIS B 103 -10.79 -18.41 6.11
C HIS B 103 -11.93 -18.27 7.12
N LEU B 104 -13.05 -18.95 6.90
CA LEU B 104 -14.12 -18.80 7.90
C LEU B 104 -13.74 -19.45 9.23
N LEU B 105 -12.95 -20.51 9.22
CA LEU B 105 -12.65 -21.18 10.51
C LEU B 105 -11.31 -20.70 11.08
N SER B 106 -10.81 -19.56 10.62
CA SER B 106 -9.49 -19.05 11.06
C SER B 106 -9.50 -18.73 12.55
N ARG B 107 -10.59 -18.10 13.00
CA ARG B 107 -10.76 -17.69 14.40
C ARG B 107 -12.22 -17.95 14.75
N ILE B 108 -12.49 -18.97 15.54
CA ILE B 108 -13.88 -19.29 15.87
C ILE B 108 -14.11 -19.05 17.35
N ASN B 109 -15.26 -18.43 17.67
CA ASN B 109 -15.56 -18.11 19.05
C ASN B 109 -16.12 -19.31 19.81
N HIS B 110 -17.10 -20.01 19.26
CA HIS B 110 -17.55 -21.25 19.87
C HIS B 110 -17.76 -22.31 18.80
N PHE B 111 -17.27 -23.52 19.05
CA PHE B 111 -17.28 -24.61 18.08
C PHE B 111 -17.62 -25.91 18.79
N GLU B 112 -18.73 -26.55 18.39
CA GLU B 112 -19.18 -27.76 19.07
C GLU B 112 -19.81 -28.72 18.07
N LYS B 113 -19.18 -29.86 17.82
CA LYS B 113 -19.75 -30.88 16.95
C LYS B 113 -21.02 -31.47 17.57
N ILE B 114 -22.04 -31.69 16.74
CA ILE B 114 -23.29 -32.28 17.19
C ILE B 114 -23.76 -33.35 16.20
N GLN B 115 -24.59 -34.26 16.72
CA GLN B 115 -25.29 -35.23 15.88
C GLN B 115 -26.57 -34.60 15.34
N ILE B 116 -26.75 -34.68 14.02
CA ILE B 116 -27.91 -34.05 13.38
C ILE B 116 -28.72 -35.11 12.65
N ILE B 117 -28.05 -36.12 12.12
CA ILE B 117 -28.69 -37.24 11.44
C ILE B 117 -28.07 -38.52 11.99
N PRO B 118 -28.67 -39.14 13.01
CA PRO B 118 -28.03 -40.28 13.65
C PRO B 118 -27.88 -41.43 12.67
N LYS B 119 -26.73 -42.12 12.76
CA LYS B 119 -26.45 -43.19 11.82
C LYS B 119 -27.51 -44.28 11.89
N SER B 120 -28.02 -44.56 13.09
CA SER B 120 -29.09 -45.52 13.27
C SER B 120 -30.26 -45.26 12.32
N SER B 121 -30.57 -43.99 12.07
CA SER B 121 -31.84 -43.69 11.38
C SER B 121 -31.82 -44.07 9.93
N TRP B 122 -30.73 -44.69 9.49
CA TRP B 122 -30.65 -45.12 8.07
C TRP B 122 -31.08 -46.58 7.98
N SER B 123 -32.40 -46.76 8.00
CA SER B 123 -33.16 -48.05 8.04
C SER B 123 -33.24 -48.83 6.72
N ASP B 124 -33.67 -48.18 5.64
CA ASP B 124 -33.85 -48.85 4.32
C ASP B 124 -32.56 -48.84 3.50
N HIS B 125 -31.48 -48.36 4.10
CA HIS B 125 -30.20 -48.30 3.38
C HIS B 125 -29.11 -48.93 4.24
N GLU B 126 -28.03 -49.40 3.61
CA GLU B 126 -26.93 -50.00 4.36
C GLU B 126 -25.99 -48.87 4.79
N ALA B 127 -25.99 -48.56 6.07
CA ALA B 127 -25.21 -47.45 6.59
C ALA B 127 -23.77 -47.83 6.86
N SER B 128 -23.56 -49.02 7.44
CA SER B 128 -22.27 -49.39 8.02
C SER B 128 -21.34 -50.16 7.07
N SER B 129 -21.62 -50.21 5.76
CA SER B 129 -20.68 -50.87 4.88
C SER B 129 -20.20 -49.97 3.75
N GLY B 130 -20.24 -48.66 3.97
CA GLY B 130 -19.62 -47.72 3.07
C GLY B 130 -18.22 -47.37 3.53
N VAL B 131 -17.27 -48.26 3.24
CA VAL B 131 -15.88 -48.11 3.63
C VAL B 131 -15.00 -48.34 2.40
N SER B 132 -13.71 -48.04 2.56
CA SER B 132 -12.75 -48.23 1.48
C SER B 132 -11.37 -48.45 2.06
N SER B 133 -10.51 -49.07 1.25
CA SER B 133 -9.14 -49.34 1.67
C SER B 133 -8.27 -48.09 1.65
N ALA B 134 -8.69 -47.04 0.94
CA ALA B 134 -7.93 -45.81 0.89
C ALA B 134 -8.09 -44.99 2.15
N CYS B 135 -9.03 -45.37 3.02
CA CYS B 135 -9.26 -44.69 4.30
C CYS B 135 -9.17 -45.70 5.45
N PRO B 136 -8.00 -46.29 5.66
CA PRO B 136 -7.87 -47.33 6.69
C PRO B 136 -7.77 -46.72 8.08
N TYR B 137 -8.55 -47.23 9.02
CA TYR B 137 -8.56 -46.65 10.39
C TYR B 137 -7.61 -47.40 11.32
N GLN B 138 -7.49 -48.71 11.16
CA GLN B 138 -6.55 -49.51 11.99
C GLN B 138 -6.17 -50.74 11.17
N GLY B 139 -5.56 -50.50 10.00
CA GLY B 139 -5.17 -51.59 9.10
C GLY B 139 -6.38 -52.16 8.38
N THR B 140 -7.58 -51.88 8.91
CA THR B 140 -8.86 -52.35 8.30
C THR B 140 -9.54 -51.19 7.56
N PRO B 141 -10.20 -51.44 6.40
CA PRO B 141 -10.85 -50.37 5.64
C PRO B 141 -11.87 -49.58 6.48
N SER B 142 -11.80 -48.25 6.40
CA SER B 142 -12.73 -47.35 7.14
C SER B 142 -13.18 -46.23 6.22
N PHE B 143 -13.60 -45.10 6.80
CA PHE B 143 -14.13 -43.96 6.06
C PHE B 143 -14.30 -42.80 7.02
N PHE B 144 -14.42 -41.59 6.45
CA PHE B 144 -14.68 -40.37 7.20
C PHE B 144 -15.74 -40.61 8.27
N ARG B 145 -15.45 -40.16 9.49
CA ARG B 145 -16.31 -40.44 10.64
C ARG B 145 -17.55 -39.55 10.68
N ASN B 146 -17.46 -38.32 10.19
CA ASN B 146 -18.56 -37.37 10.38
C ASN B 146 -19.55 -37.39 9.22
N VAL B 147 -19.23 -38.08 8.13
CA VAL B 147 -20.15 -38.26 7.02
C VAL B 147 -20.18 -39.75 6.69
N ILE B 148 -21.34 -40.22 6.24
CA ILE B 148 -21.62 -41.63 6.06
C ILE B 148 -21.88 -41.93 4.59
N TRP B 149 -21.20 -42.96 4.07
CA TRP B 149 -21.32 -43.43 2.70
C TRP B 149 -22.46 -44.45 2.61
N LEU B 150 -23.64 -43.98 2.25
CA LEU B 150 -24.81 -44.85 2.19
C LEU B 150 -24.76 -45.77 0.97
N ILE B 151 -25.29 -46.98 1.16
CA ILE B 151 -25.26 -48.04 0.14
C ILE B 151 -26.62 -48.72 0.10
N LYS B 152 -26.94 -49.30 -1.06
CA LYS B 152 -28.19 -50.03 -1.23
C LYS B 152 -28.27 -51.20 -0.25
N LYS B 153 -29.49 -51.48 0.18
CA LYS B 153 -29.77 -52.61 1.05
C LYS B 153 -30.81 -53.42 0.31
N ASN B 154 -30.61 -54.75 0.29
CA ASN B 154 -31.53 -55.66 -0.39
C ASN B 154 -31.81 -55.24 -1.82
N ASN B 155 -30.75 -55.08 -2.60
CA ASN B 155 -30.83 -54.71 -4.01
C ASN B 155 -31.62 -53.45 -4.37
N THR B 156 -31.99 -52.65 -3.36
CA THR B 156 -32.73 -51.39 -3.59
C THR B 156 -32.03 -50.19 -2.92
N TYR B 157 -32.27 -48.99 -3.46
CA TYR B 157 -31.76 -47.74 -2.90
C TYR B 157 -32.93 -46.77 -2.99
N PRO B 158 -33.86 -46.84 -2.03
CA PRO B 158 -35.06 -46.01 -2.12
C PRO B 158 -34.71 -44.53 -2.06
N THR B 159 -35.46 -43.74 -2.83
CA THR B 159 -34.93 -42.38 -2.83
C THR B 159 -35.38 -41.64 -1.57
N ILE B 160 -34.29 -41.06 -1.05
CA ILE B 160 -34.22 -40.44 0.27
C ILE B 160 -34.86 -39.06 0.28
N LYS B 161 -35.43 -38.66 1.40
CA LYS B 161 -36.02 -37.34 1.57
C LYS B 161 -35.87 -36.94 3.00
N ARG B 162 -34.69 -36.52 3.40
CA ARG B 162 -34.36 -36.13 4.76
C ARG B 162 -34.30 -34.61 4.92
N SER B 163 -34.60 -34.16 6.14
CA SER B 163 -34.65 -32.75 6.48
C SER B 163 -34.09 -32.54 7.88
N TYR B 164 -33.71 -31.29 8.16
CA TYR B 164 -33.17 -30.92 9.46
C TYR B 164 -33.35 -29.44 9.75
N ASN B 165 -34.09 -29.15 10.81
CA ASN B 165 -34.36 -27.79 11.21
C ASN B 165 -33.40 -27.39 12.30
N ASN B 166 -32.67 -26.29 12.11
CA ASN B 166 -31.73 -25.84 13.11
C ASN B 166 -32.50 -25.30 14.30
N THR B 167 -32.69 -26.13 15.33
CA THR B 167 -33.44 -25.69 16.50
C THR B 167 -32.60 -24.90 17.49
N ASN B 168 -31.27 -24.90 17.32
CA ASN B 168 -30.29 -24.10 18.04
C ASN B 168 -30.51 -22.63 17.71
N GLN B 169 -29.78 -21.75 18.39
CA GLN B 169 -29.72 -20.34 18.01
C GLN B 169 -28.32 -19.88 17.63
N GLU B 170 -27.45 -20.80 17.26
CA GLU B 170 -26.17 -20.49 16.64
C GLU B 170 -26.14 -21.06 15.22
N ASP B 171 -25.28 -20.48 14.39
CA ASP B 171 -25.12 -21.00 13.03
C ASP B 171 -24.57 -22.41 13.06
N LEU B 172 -24.91 -23.19 12.03
CA LEU B 172 -24.51 -24.58 11.93
C LEU B 172 -23.71 -24.80 10.65
N LEU B 173 -22.56 -25.45 10.77
CA LEU B 173 -21.76 -25.81 9.59
C LEU B 173 -22.08 -27.26 9.23
N ILE B 174 -22.75 -27.45 8.09
CA ILE B 174 -23.17 -28.77 7.63
C ILE B 174 -22.38 -29.14 6.38
N LEU B 175 -21.91 -30.38 6.33
CA LEU B 175 -21.19 -30.91 5.17
C LEU B 175 -21.88 -32.15 4.63
N TRP B 176 -21.67 -32.40 3.35
CA TRP B 176 -22.13 -33.62 2.70
C TRP B 176 -21.22 -33.87 1.50
N GLY B 177 -21.53 -34.92 0.74
CA GLY B 177 -20.67 -35.25 -0.37
C GLY B 177 -21.42 -36.03 -1.43
N ILE B 178 -20.72 -36.29 -2.52
CA ILE B 178 -21.22 -37.07 -3.64
C ILE B 178 -20.09 -37.94 -4.17
N HIS B 179 -20.42 -39.19 -4.52
CA HIS B 179 -19.45 -40.16 -5.01
C HIS B 179 -19.57 -40.29 -6.52
N HIS B 180 -18.54 -39.84 -7.23
CA HIS B 180 -18.40 -40.11 -8.66
C HIS B 180 -17.83 -41.51 -8.82
N SER B 181 -18.68 -42.44 -9.28
CA SER B 181 -18.29 -43.80 -9.59
C SER B 181 -17.65 -43.84 -10.98
N ASN B 182 -17.23 -45.04 -11.40
CA ASN B 182 -16.41 -45.17 -12.59
C ASN B 182 -17.12 -45.79 -13.80
N ASP B 183 -18.21 -46.53 -13.59
CA ASP B 183 -18.95 -47.10 -14.71
C ASP B 183 -20.31 -47.56 -14.19
N ALA B 184 -21.20 -47.89 -15.14
CA ALA B 184 -22.57 -48.25 -14.79
C ALA B 184 -22.62 -49.49 -13.90
N ALA B 185 -21.70 -50.43 -14.10
CA ALA B 185 -21.72 -51.66 -13.32
C ALA B 185 -21.47 -51.37 -11.84
N GLU B 186 -20.36 -50.68 -11.54
CA GLU B 186 -20.10 -50.18 -10.19
C GLU B 186 -21.27 -49.36 -9.66
N GLN B 187 -21.74 -48.41 -10.48
CA GLN B 187 -22.83 -47.52 -10.09
C GLN B 187 -24.02 -48.30 -9.55
N THR B 188 -24.48 -49.31 -10.30
CA THR B 188 -25.65 -50.07 -9.87
C THR B 188 -25.31 -51.12 -8.82
N LYS B 189 -24.05 -51.48 -8.71
CA LYS B 189 -23.68 -52.44 -7.64
C LYS B 189 -23.81 -51.72 -6.30
N LEU B 190 -23.59 -50.41 -6.26
CA LEU B 190 -23.68 -49.68 -4.98
C LEU B 190 -25.04 -49.02 -4.82
N TYR B 191 -25.55 -48.38 -5.86
CA TYR B 191 -26.88 -47.73 -5.78
C TYR B 191 -27.63 -48.30 -6.96
N GLN B 192 -28.53 -49.23 -6.74
CA GLN B 192 -29.27 -49.89 -7.76
C GLN B 192 -29.59 -49.03 -8.95
N ASN B 193 -29.95 -47.80 -8.71
CA ASN B 193 -30.36 -46.90 -9.77
C ASN B 193 -29.18 -46.45 -10.55
N PRO B 194 -29.33 -46.29 -11.85
CA PRO B 194 -28.23 -45.90 -12.74
C PRO B 194 -28.06 -44.42 -13.00
N THR B 195 -29.11 -43.63 -13.08
CA THR B 195 -28.95 -42.21 -13.23
C THR B 195 -29.49 -41.71 -11.93
N THR B 196 -28.72 -40.87 -11.25
CA THR B 196 -29.01 -40.45 -9.89
C THR B 196 -28.79 -38.95 -9.76
N TYR B 197 -29.10 -38.43 -8.57
CA TYR B 197 -28.95 -37.01 -8.28
C TYR B 197 -28.81 -36.81 -6.78
N ILE B 198 -28.46 -35.58 -6.41
CA ILE B 198 -28.46 -35.10 -5.03
C ILE B 198 -28.96 -33.66 -5.10
N SER B 199 -30.13 -33.39 -4.56
CA SER B 199 -30.65 -32.03 -4.46
C SER B 199 -30.62 -31.61 -2.99
N VAL B 200 -29.99 -30.46 -2.72
CA VAL B 200 -29.88 -29.92 -1.34
C VAL B 200 -30.52 -28.54 -1.31
N GLY B 201 -31.46 -28.29 -0.41
CA GLY B 201 -32.14 -27.01 -0.37
C GLY B 201 -32.26 -26.34 0.97
N THR B 202 -32.02 -25.04 0.97
CA THR B 202 -32.00 -24.22 2.18
C THR B 202 -32.81 -22.93 1.87
N SER B 203 -32.68 -21.84 2.58
CA SER B 203 -33.39 -20.63 2.25
C SER B 203 -32.61 -19.94 1.18
N THR B 204 -31.33 -20.16 1.22
CA THR B 204 -30.37 -19.67 0.23
C THR B 204 -29.86 -20.75 -0.71
N LEU B 205 -29.68 -21.97 -0.24
CA LEU B 205 -29.03 -23.00 -1.03
C LEU B 205 -30.02 -23.67 -1.97
N ASN B 206 -29.58 -23.87 -3.22
CA ASN B 206 -30.42 -24.42 -4.29
C ASN B 206 -29.52 -25.28 -5.17
N GLN B 207 -29.07 -26.41 -4.64
CA GLN B 207 -28.04 -27.22 -5.28
C GLN B 207 -28.65 -28.49 -5.86
N ARG B 208 -28.20 -28.85 -7.06
CA ARG B 208 -28.48 -30.15 -7.65
C ARG B 208 -27.20 -30.68 -8.25
N LEU B 209 -26.84 -31.89 -7.86
CA LEU B 209 -25.60 -32.55 -8.25
C LEU B 209 -25.93 -33.84 -9.03
N VAL B 210 -25.23 -34.08 -10.05
CA VAL B 210 -25.33 -35.33 -10.84
C VAL B 210 -23.93 -35.96 -10.84
N PRO B 211 -23.82 -37.26 -10.58
CA PRO B 211 -22.49 -37.89 -10.57
C PRO B 211 -21.88 -37.94 -11.96
N LYS B 212 -20.59 -37.63 -12.03
CA LYS B 212 -19.81 -37.77 -13.26
C LYS B 212 -19.20 -39.17 -13.30
N ILE B 213 -19.74 -40.02 -14.16
CA ILE B 213 -19.30 -41.41 -14.28
C ILE B 213 -18.34 -41.46 -15.46
N ALA B 214 -17.03 -41.46 -15.16
CA ALA B 214 -15.99 -41.54 -16.17
C ALA B 214 -14.88 -42.45 -15.62
N THR B 215 -13.83 -42.61 -16.41
CA THR B 215 -12.67 -43.35 -15.93
C THR B 215 -11.55 -42.37 -15.67
N ARG B 216 -10.96 -42.50 -14.48
CA ARG B 216 -9.96 -41.55 -14.00
C ARG B 216 -8.78 -42.33 -13.42
N SER B 217 -7.68 -41.61 -13.24
CA SER B 217 -6.49 -42.20 -12.66
C SER B 217 -6.76 -42.69 -11.24
N LYS B 218 -6.07 -43.76 -10.85
CA LYS B 218 -6.15 -44.23 -9.48
C LYS B 218 -5.37 -43.27 -8.59
N VAL B 219 -5.95 -42.95 -7.43
CA VAL B 219 -5.37 -42.07 -6.43
C VAL B 219 -5.59 -42.71 -5.07
N ASN B 220 -4.55 -42.86 -4.25
CA ASN B 220 -4.62 -43.70 -3.05
C ASN B 220 -5.29 -45.03 -3.35
N GLY B 221 -4.92 -45.65 -4.48
CA GLY B 221 -5.49 -46.93 -4.86
C GLY B 221 -6.91 -46.90 -5.34
N GLN B 222 -7.62 -45.78 -5.18
CA GLN B 222 -9.03 -45.67 -5.58
C GLN B 222 -9.14 -44.77 -6.81
N SER B 223 -9.96 -45.18 -7.77
CA SER B 223 -10.21 -44.36 -8.95
C SER B 223 -11.57 -43.68 -8.94
N GLY B 224 -12.38 -43.88 -7.92
CA GLY B 224 -13.55 -43.05 -7.74
C GLY B 224 -13.16 -41.69 -7.18
N ARG B 225 -14.14 -40.79 -7.17
CA ARG B 225 -13.89 -39.47 -6.62
C ARG B 225 -15.03 -39.12 -5.66
N MET B 226 -14.72 -38.28 -4.68
CA MET B 226 -15.75 -37.81 -3.76
C MET B 226 -15.64 -36.32 -3.60
N ASP B 227 -16.71 -35.61 -3.96
CA ASP B 227 -16.75 -34.16 -3.89
C ASP B 227 -17.57 -33.78 -2.67
N PHE B 228 -17.04 -32.88 -1.85
CA PHE B 228 -17.71 -32.48 -0.63
C PHE B 228 -18.16 -31.03 -0.75
N PHE B 229 -19.23 -30.71 -0.03
CA PHE B 229 -19.81 -29.38 -0.07
C PHE B 229 -20.15 -28.98 1.36
N TRP B 230 -20.44 -27.70 1.56
CA TRP B 230 -20.71 -27.22 2.90
C TRP B 230 -21.65 -26.04 2.85
N THR B 231 -22.27 -25.76 4.00
CA THR B 231 -23.16 -24.62 4.10
C THR B 231 -23.31 -24.22 5.57
N ILE B 232 -23.70 -22.97 5.76
CA ILE B 232 -24.02 -22.43 7.07
C ILE B 232 -25.54 -22.34 7.16
N LEU B 233 -26.13 -23.22 7.96
CA LEU B 233 -27.56 -23.22 8.24
C LEU B 233 -27.81 -22.26 9.40
N LYS B 234 -28.53 -21.19 9.11
CA LYS B 234 -28.84 -20.18 10.11
C LYS B 234 -29.87 -20.74 11.09
N PRO B 235 -29.95 -20.15 12.28
CA PRO B 235 -30.90 -20.64 13.27
C PRO B 235 -32.31 -20.51 12.76
N ASN B 236 -33.07 -21.57 13.01
CA ASN B 236 -34.48 -21.80 12.65
C ASN B 236 -34.74 -22.19 11.20
N ASP B 237 -33.73 -22.15 10.36
CA ASP B 237 -33.84 -22.57 9.00
C ASP B 237 -33.65 -24.06 8.95
N ALA B 238 -34.00 -24.64 7.84
CA ALA B 238 -33.95 -26.08 7.66
C ALA B 238 -33.28 -26.45 6.34
N ILE B 239 -32.50 -27.52 6.37
CA ILE B 239 -31.87 -28.09 5.18
C ILE B 239 -32.68 -29.31 4.73
N ASN B 240 -32.83 -29.45 3.42
CA ASN B 240 -33.59 -30.57 2.85
C ASN B 240 -32.70 -31.30 1.85
N PHE B 241 -32.31 -32.51 2.23
CA PHE B 241 -31.59 -33.41 1.33
C PHE B 241 -32.56 -34.30 0.57
N GLU B 242 -32.20 -34.64 -0.66
CA GLU B 242 -32.98 -35.56 -1.48
C GLU B 242 -32.03 -36.26 -2.43
N SER B 243 -32.14 -37.59 -2.54
CA SER B 243 -31.17 -38.30 -3.37
C SER B 243 -31.59 -39.75 -3.57
N ASN B 244 -31.23 -40.28 -4.76
CA ASN B 244 -31.42 -41.69 -5.09
C ASN B 244 -30.09 -42.38 -5.40
N GLY B 245 -28.99 -41.90 -4.85
CA GLY B 245 -27.72 -42.58 -5.06
C GLY B 245 -26.52 -41.65 -4.90
N ASN B 246 -25.35 -42.28 -4.73
CA ASN B 246 -24.05 -41.61 -4.67
C ASN B 246 -23.95 -40.56 -3.58
N PHE B 247 -24.85 -40.60 -2.60
CA PHE B 247 -24.90 -39.60 -1.54
C PHE B 247 -23.90 -39.95 -0.44
N ILE B 248 -23.19 -38.93 0.03
CA ILE B 248 -22.34 -39.04 1.21
C ILE B 248 -22.95 -38.13 2.26
N ALA B 249 -23.81 -38.71 3.11
CA ALA B 249 -24.75 -37.96 3.95
C ALA B 249 -24.08 -37.45 5.21
N PRO B 250 -24.60 -36.37 5.80
CA PRO B 250 -24.06 -35.90 7.08
C PRO B 250 -24.57 -36.74 8.23
N GLU B 251 -23.68 -37.02 9.19
CA GLU B 251 -24.07 -37.42 10.53
C GLU B 251 -23.93 -36.28 11.53
N TYR B 252 -22.79 -35.59 11.51
CA TYR B 252 -22.47 -34.52 12.45
C TYR B 252 -22.42 -33.18 11.75
N ALA B 253 -23.02 -32.17 12.38
CA ALA B 253 -22.76 -30.78 12.04
C ALA B 253 -21.86 -30.16 13.11
N TYR B 254 -21.67 -28.84 13.04
CA TYR B 254 -20.79 -28.13 13.97
C TYR B 254 -21.46 -26.80 14.30
N LYS B 255 -21.84 -26.60 15.56
CA LYS B 255 -22.28 -25.29 16.02
C LYS B 255 -21.08 -24.35 16.02
N ILE B 256 -21.31 -23.15 15.49
CA ILE B 256 -20.18 -22.21 15.31
C ILE B 256 -20.64 -20.76 15.52
N VAL B 257 -19.79 -19.99 16.18
CA VAL B 257 -20.01 -18.54 16.42
C VAL B 257 -18.75 -17.83 15.89
N LYS B 258 -18.91 -16.73 15.19
CA LYS B 258 -17.73 -16.06 14.61
C LYS B 258 -17.82 -14.55 14.79
N LYS B 259 -17.02 -14.00 15.72
CA LYS B 259 -17.02 -12.54 15.99
C LYS B 259 -15.63 -11.98 15.71
N GLY B 260 -14.95 -12.52 14.68
CA GLY B 260 -13.59 -12.06 14.32
C GLY B 260 -13.15 -12.63 12.98
N ASP B 261 -11.85 -12.57 12.69
CA ASP B 261 -11.30 -13.10 11.41
C ASP B 261 -9.79 -13.29 11.56
N SER B 262 -9.33 -14.55 11.58
CA SER B 262 -7.89 -14.86 11.71
C SER B 262 -7.37 -15.53 10.43
N ALA B 263 -6.19 -16.15 10.50
CA ALA B 263 -5.58 -16.83 9.34
C ALA B 263 -5.13 -18.23 9.73
N ILE B 264 -4.67 -18.99 8.74
CA ILE B 264 -4.12 -20.34 9.03
C ILE B 264 -2.62 -20.14 8.97
N MET B 265 -1.86 -20.69 9.90
CA MET B 265 -0.44 -20.51 9.84
C MET B 265 0.19 -21.82 9.57
N LYS B 266 1.16 -21.82 8.70
CA LYS B 266 1.83 -23.03 8.40
C LYS B 266 3.10 -23.05 9.17
N SER B 267 3.14 -23.83 10.23
CA SER B 267 4.29 -23.89 11.06
C SER B 267 4.62 -25.25 11.59
N GLU B 268 5.90 -25.44 11.81
CA GLU B 268 6.39 -26.70 12.36
C GLU B 268 6.76 -26.53 13.82
N VAL B 269 6.96 -25.29 14.22
CA VAL B 269 7.30 -24.96 15.57
C VAL B 269 6.22 -25.49 16.50
N GLU B 270 6.65 -26.13 17.58
CA GLU B 270 5.75 -26.69 18.57
C GLU B 270 5.20 -25.62 19.45
N TYR B 271 4.10 -25.91 20.10
CA TYR B 271 3.46 -24.98 20.98
C TYR B 271 4.34 -24.84 22.17
N GLY B 272 4.45 -23.64 22.71
CA GLY B 272 5.31 -23.45 23.86
C GLY B 272 4.67 -22.91 25.11
N ASN B 273 3.36 -23.05 25.24
CA ASN B 273 2.63 -22.60 26.38
C ASN B 273 3.07 -21.21 26.65
N CYS B 274 2.98 -20.37 25.63
CA CYS B 274 3.38 -18.98 25.75
C CYS B 274 2.21 -18.09 25.36
N ASN B 275 2.30 -16.82 25.71
CA ASN B 275 1.25 -15.89 25.39
C ASN B 275 1.94 -14.75 24.69
N THR B 276 1.29 -14.21 23.68
CA THR B 276 1.88 -13.18 22.86
C THR B 276 0.77 -12.35 22.23
N LYS B 277 1.11 -11.11 21.90
CA LYS B 277 0.25 -10.30 21.06
C LYS B 277 0.64 -10.36 19.59
N CYS B 278 1.74 -11.03 19.25
CA CYS B 278 2.18 -11.16 17.87
C CYS B 278 2.95 -12.46 17.69
N GLN B 279 2.62 -13.19 16.63
CA GLN B 279 3.08 -14.56 16.41
C GLN B 279 3.48 -14.74 14.95
N THR B 280 4.59 -15.42 14.72
CA THR B 280 5.13 -15.73 13.40
C THR B 280 5.35 -17.23 13.29
N PRO B 281 5.42 -17.76 12.06
CA PRO B 281 5.55 -19.21 11.89
C PRO B 281 6.85 -19.79 12.42
N ILE B 282 7.73 -18.98 13.03
CA ILE B 282 8.91 -19.50 13.68
C ILE B 282 8.99 -19.10 15.14
N GLY B 283 8.04 -18.31 15.63
CA GLY B 283 8.04 -17.93 17.03
C GLY B 283 7.28 -16.65 17.26
N ALA B 284 6.99 -16.40 18.53
CA ALA B 284 6.28 -15.18 18.91
C ALA B 284 7.26 -14.07 19.21
N ILE B 285 6.71 -12.87 19.30
CA ILE B 285 7.42 -11.64 19.54
C ILE B 285 6.79 -10.82 20.65
N ASN B 286 7.63 -10.26 21.53
CA ASN B 286 7.10 -9.52 22.65
C ASN B 286 7.04 -8.01 22.47
N SER B 287 8.12 -7.34 22.81
CA SER B 287 8.17 -5.87 22.74
C SER B 287 7.71 -5.25 21.43
N SER B 288 6.96 -4.18 21.57
CA SER B 288 6.44 -3.43 20.44
C SER B 288 7.32 -2.23 20.14
N MET B 289 8.56 -2.53 19.74
CA MET B 289 9.29 -1.65 18.86
C MET B 289 8.47 -1.47 17.58
N PRO B 290 8.67 -0.40 16.83
CA PRO B 290 7.85 -0.20 15.63
C PRO B 290 8.16 -1.14 14.48
N PHE B 291 9.32 -1.79 14.46
CA PHE B 291 9.73 -2.56 13.30
C PHE B 291 10.31 -3.92 13.71
N HIS B 292 10.19 -4.89 12.80
CA HIS B 292 10.80 -6.20 13.00
C HIS B 292 11.24 -6.75 11.64
N ASN B 293 12.18 -7.70 11.68
CA ASN B 293 12.68 -8.37 10.49
C ASN B 293 12.62 -9.89 10.63
N ILE B 294 11.75 -10.39 11.49
CA ILE B 294 11.76 -11.81 11.84
C ILE B 294 11.13 -12.67 10.75
N HIS B 295 9.92 -12.31 10.32
CA HIS B 295 9.15 -13.12 9.39
C HIS B 295 7.96 -12.32 8.89
N PRO B 296 7.65 -12.38 7.60
CA PRO B 296 6.56 -11.54 7.06
C PRO B 296 5.18 -12.06 7.44
N LEU B 297 5.02 -13.35 7.55
CA LEU B 297 3.73 -13.91 7.82
C LEU B 297 3.34 -13.93 9.26
N THR B 298 3.01 -12.79 9.80
CA THR B 298 2.64 -12.65 11.17
C THR B 298 1.16 -12.58 11.35
N ILE B 299 0.70 -12.77 12.57
CA ILE B 299 -0.70 -12.70 12.88
C ILE B 299 -0.84 -11.87 14.11
N GLY B 300 -1.74 -10.90 14.11
CA GLY B 300 -2.02 -10.12 15.33
C GLY B 300 -1.56 -8.68 15.22
N GLU B 301 -1.35 -8.02 16.36
CA GLU B 301 -0.85 -6.62 16.39
C GLU B 301 0.67 -6.68 16.33
N CYS B 302 1.21 -6.69 15.12
CA CYS B 302 2.65 -6.80 14.92
C CYS B 302 3.33 -5.51 14.49
N PRO B 303 4.61 -5.40 14.77
CA PRO B 303 5.38 -4.28 14.30
C PRO B 303 5.54 -4.36 12.80
N LYS B 304 5.78 -3.25 12.15
CA LYS B 304 5.92 -3.24 10.72
C LYS B 304 7.09 -3.99 10.19
N TYR B 305 6.87 -4.87 9.21
CA TYR B 305 7.99 -5.70 8.70
C TYR B 305 8.93 -4.90 7.78
N VAL B 306 10.23 -5.09 7.96
CA VAL B 306 11.22 -4.35 7.14
C VAL B 306 12.33 -5.29 6.71
N LYS B 307 13.12 -4.84 5.74
CA LYS B 307 14.31 -5.63 5.34
C LYS B 307 15.49 -4.81 5.83
N SER B 308 15.72 -4.94 7.12
CA SER B 308 16.80 -4.19 7.77
C SER B 308 17.50 -5.08 8.77
N ASN B 309 18.78 -4.82 9.01
CA ASN B 309 19.57 -5.59 9.99
C ASN B 309 19.57 -4.82 11.29
N LYS B 310 19.62 -3.50 11.22
CA LYS B 310 19.59 -2.68 12.44
C LYS B 310 18.99 -1.33 12.10
N LEU B 311 18.28 -0.74 13.05
CA LEU B 311 17.70 0.61 12.99
C LEU B 311 18.08 1.26 14.31
N VAL B 312 19.31 1.72 14.42
CA VAL B 312 19.84 2.31 15.67
C VAL B 312 19.73 3.83 15.69
N LEU B 313 19.18 4.34 16.76
CA LEU B 313 18.97 5.80 16.94
C LEU B 313 20.02 6.30 17.94
N ALA B 314 20.76 7.34 17.64
CA ALA B 314 21.73 7.86 18.56
C ALA B 314 20.97 8.55 19.62
N THR B 315 21.51 8.50 20.81
CA THR B 315 20.87 9.10 21.92
C THR B 315 21.90 9.88 22.70
N GLY B 316 23.15 9.53 22.59
CA GLY B 316 24.16 10.19 23.35
C GLY B 316 25.04 11.02 22.50
N LEU B 317 26.22 11.25 23.00
CA LEU B 317 27.19 12.06 22.35
C LEU B 317 28.21 11.26 21.63
N ARG B 318 28.93 11.90 20.75
CA ARG B 318 29.94 11.25 20.01
C ARG B 318 31.05 10.81 20.94
N ASN B 319 31.46 9.56 20.86
CA ASN B 319 32.51 9.05 21.72
C ASN B 319 33.89 9.29 21.15
N SER B 320 34.79 9.73 22.03
CA SER B 320 36.15 10.18 21.64
C SER B 320 37.17 9.04 21.47
N PRO B 321 37.26 8.05 22.38
CA PRO B 321 38.19 6.93 22.19
C PRO B 321 38.08 6.27 20.81
N ASP C 1 44.88 46.20 5.87
CA ASP C 1 45.17 44.76 5.68
C ASP C 1 43.95 43.96 6.13
N GLN C 2 43.29 43.30 5.18
CA GLN C 2 42.06 42.52 5.46
C GLN C 2 42.25 41.06 5.05
N ILE C 3 41.53 40.17 5.73
CA ILE C 3 41.42 38.73 5.37
C ILE C 3 39.92 38.44 5.38
N CYS C 4 39.42 37.65 4.44
CA CYS C 4 37.95 37.42 4.37
C CYS C 4 37.60 35.96 4.24
N ILE C 5 36.39 35.63 4.68
CA ILE C 5 35.88 34.24 4.55
C ILE C 5 34.81 34.25 3.48
N GLY C 6 34.77 33.21 2.67
CA GLY C 6 33.78 33.19 1.59
C GLY C 6 33.60 31.81 1.00
N TYR C 7 32.60 31.66 0.14
CA TYR C 7 32.36 30.35 -0.49
C TYR C 7 32.38 30.52 -2.00
N HIS C 8 32.27 29.41 -2.72
CA HIS C 8 32.28 29.38 -4.20
C HIS C 8 31.00 29.97 -4.79
N ALA C 9 31.10 30.42 -6.04
CA ALA C 9 30.02 30.94 -6.90
C ALA C 9 30.45 30.60 -8.34
N ASN C 10 29.52 30.37 -9.25
CA ASN C 10 29.90 30.04 -10.60
C ASN C 10 28.88 30.42 -11.66
N ASN C 11 29.04 29.86 -12.85
CA ASN C 11 28.15 30.14 -13.97
C ASN C 11 27.04 29.12 -14.09
N SER C 12 26.36 28.84 -12.98
CA SER C 12 25.28 27.86 -12.98
C SER C 12 23.96 28.49 -12.61
N THR C 13 22.89 28.04 -13.27
CA THR C 13 21.54 28.56 -12.99
C THR C 13 20.63 27.40 -12.63
N GLU C 14 21.20 26.27 -12.22
CA GLU C 14 20.29 25.18 -11.85
C GLU C 14 19.62 25.56 -10.53
N GLN C 15 18.30 25.53 -10.49
CA GLN C 15 17.61 25.93 -9.25
C GLN C 15 16.98 24.72 -8.57
N VAL C 16 16.84 24.83 -7.26
CA VAL C 16 16.25 23.77 -6.41
C VAL C 16 15.14 24.40 -5.58
N ASP C 17 14.31 23.56 -4.98
CA ASP C 17 13.23 24.10 -4.12
C ASP C 17 13.52 23.66 -2.70
N THR C 18 13.31 24.56 -1.75
CA THR C 18 13.49 24.33 -0.31
C THR C 18 12.09 24.17 0.31
N ILE C 19 11.97 23.86 1.59
CA ILE C 19 10.62 23.77 2.17
C ILE C 19 10.12 25.18 2.52
N MET C 20 11.01 26.16 2.62
CA MET C 20 10.62 27.54 2.94
C MET C 20 10.98 28.49 1.80
N GLU C 21 11.79 28.02 0.85
CA GLU C 21 12.26 28.87 -0.28
C GLU C 21 11.98 28.19 -1.61
N LYS C 22 11.51 29.07 -2.50
CA LYS C 22 11.13 28.81 -3.85
C LYS C 22 12.18 29.29 -4.84
N ASN C 23 12.47 28.47 -5.83
CA ASN C 23 13.44 28.80 -6.88
C ASN C 23 14.77 29.36 -6.39
N VAL C 24 15.56 28.54 -5.73
CA VAL C 24 16.86 28.94 -5.23
C VAL C 24 17.92 28.43 -6.18
N THR C 25 18.81 29.29 -6.68
CA THR C 25 19.82 28.77 -7.62
C THR C 25 21.05 28.30 -6.85
N VAL C 26 21.60 27.18 -7.28
CA VAL C 26 22.74 26.60 -6.53
C VAL C 26 23.90 26.29 -7.46
N THR C 27 25.08 26.19 -6.87
CA THR C 27 26.38 25.86 -7.50
C THR C 27 26.30 24.51 -8.20
N HIS C 28 26.05 23.45 -7.46
CA HIS C 28 25.95 22.09 -8.06
C HIS C 28 24.68 21.44 -7.54
N ALA C 29 24.06 20.59 -8.35
CA ALA C 29 22.81 19.92 -7.95
C ALA C 29 22.84 18.48 -8.47
N GLN C 30 21.84 17.69 -8.10
CA GLN C 30 21.79 16.28 -8.55
C GLN C 30 20.33 15.87 -8.69
N ASP C 31 19.93 15.39 -9.86
CA ASP C 31 18.53 14.98 -10.02
C ASP C 31 18.42 13.49 -9.75
N ILE C 32 17.46 13.09 -8.92
CA ILE C 32 17.31 11.65 -8.56
C ILE C 32 16.06 11.10 -9.24
N LEU C 33 15.57 11.76 -10.29
CA LEU C 33 14.39 11.27 -11.02
C LEU C 33 14.82 10.82 -12.42
N GLU C 34 14.54 9.58 -12.80
CA GLU C 34 14.91 9.09 -14.13
C GLU C 34 13.80 9.45 -15.10
N LYS C 35 14.17 10.00 -16.26
CA LYS C 35 13.10 10.30 -17.24
C LYS C 35 13.57 9.92 -18.63
N THR C 36 14.51 8.99 -18.70
CA THR C 36 15.01 8.58 -20.03
C THR C 36 14.96 7.07 -20.22
N HIS C 37 14.36 6.64 -21.32
CA HIS C 37 14.31 5.20 -21.70
C HIS C 37 14.93 5.05 -23.10
N ASN C 38 15.24 3.83 -23.50
CA ASN C 38 15.97 3.64 -24.78
C ASN C 38 14.95 3.40 -25.89
N GLY C 39 13.68 3.63 -25.63
CA GLY C 39 12.73 3.52 -26.72
C GLY C 39 12.49 2.14 -27.31
N LYS C 40 13.20 1.10 -26.88
CA LYS C 40 13.05 -0.23 -27.46
C LYS C 40 12.72 -1.27 -26.38
N LEU C 41 12.44 -2.49 -26.84
CA LEU C 41 12.11 -3.63 -26.00
C LEU C 41 13.31 -4.55 -25.85
N CYS C 42 13.68 -4.93 -24.64
CA CYS C 42 14.90 -5.70 -24.53
C CYS C 42 14.80 -6.90 -23.65
N ASP C 43 15.92 -7.60 -23.49
CA ASP C 43 15.88 -8.77 -22.64
C ASP C 43 15.85 -8.35 -21.19
N LEU C 44 15.72 -9.36 -20.33
CA LEU C 44 15.54 -9.14 -18.91
C LEU C 44 16.46 -10.14 -18.19
N ASP C 45 17.61 -9.64 -17.72
CA ASP C 45 18.68 -10.48 -17.17
C ASP C 45 19.10 -11.56 -18.18
N GLY C 46 19.32 -11.13 -19.41
CA GLY C 46 19.82 -12.01 -20.44
C GLY C 46 18.83 -13.04 -20.96
N VAL C 47 17.53 -12.82 -20.73
CA VAL C 47 16.48 -13.68 -21.27
C VAL C 47 15.54 -12.81 -22.11
N LYS C 48 15.35 -13.20 -23.36
CA LYS C 48 14.57 -12.42 -24.31
C LYS C 48 13.07 -12.55 -24.02
N PRO C 49 12.29 -11.54 -24.36
CA PRO C 49 10.83 -11.71 -24.30
C PRO C 49 10.32 -12.58 -25.44
N LEU C 50 9.11 -13.06 -25.27
CA LEU C 50 8.38 -13.80 -26.30
C LEU C 50 7.48 -12.79 -27.01
N ILE C 51 7.93 -12.28 -28.14
CA ILE C 51 7.22 -11.22 -28.85
C ILE C 51 6.24 -11.86 -29.83
N LEU C 52 4.96 -11.78 -29.51
CA LEU C 52 3.89 -12.26 -30.38
C LEU C 52 3.30 -11.01 -31.03
N ARG C 53 3.84 -10.75 -32.20
CA ARG C 53 3.40 -9.60 -33.00
C ARG C 53 2.01 -9.95 -33.51
N ASP C 54 1.00 -9.23 -33.04
CA ASP C 54 -0.33 -9.33 -33.67
C ASP C 54 -1.08 -10.61 -33.35
N CYS C 55 -0.41 -11.59 -32.75
CA CYS C 55 -1.04 -12.84 -32.34
C CYS C 55 -1.30 -12.84 -30.84
N SER C 56 -2.52 -13.21 -30.46
CA SER C 56 -2.83 -13.38 -29.05
C SER C 56 -2.22 -14.69 -28.53
N VAL C 57 -2.19 -14.82 -27.20
CA VAL C 57 -1.62 -16.01 -26.58
C VAL C 57 -2.46 -17.23 -26.90
N ALA C 58 -3.79 -17.06 -26.93
CA ALA C 58 -4.67 -18.17 -27.28
C ALA C 58 -4.36 -18.69 -28.68
N GLY C 59 -4.35 -17.78 -29.67
CA GLY C 59 -3.99 -18.18 -31.03
C GLY C 59 -2.63 -18.85 -31.11
N TRP C 60 -1.65 -18.34 -30.38
CA TRP C 60 -0.32 -18.92 -30.38
C TRP C 60 -0.35 -20.34 -29.84
N LEU C 61 -1.03 -20.55 -28.72
CA LEU C 61 -1.11 -21.89 -28.13
C LEU C 61 -1.84 -22.86 -29.06
N LEU C 62 -3.06 -22.50 -29.46
CA LEU C 62 -3.85 -23.38 -30.31
C LEU C 62 -3.33 -23.45 -31.74
N GLY C 63 -2.55 -22.47 -32.16
CA GLY C 63 -2.06 -22.44 -33.52
C GLY C 63 -3.09 -21.92 -34.49
N ASN C 64 -3.59 -20.72 -34.24
CA ASN C 64 -4.39 -20.04 -35.24
C ASN C 64 -3.61 -20.05 -36.57
N PRO C 65 -4.20 -20.59 -37.65
CA PRO C 65 -3.46 -20.66 -38.92
C PRO C 65 -2.94 -19.36 -39.43
N MET C 66 -3.53 -18.26 -38.98
CA MET C 66 -3.14 -16.91 -39.44
C MET C 66 -1.97 -16.39 -38.62
N CYS C 67 -1.48 -17.17 -37.67
CA CYS C 67 -0.39 -16.72 -36.79
C CYS C 67 0.83 -17.53 -37.20
N ASP C 68 1.01 -18.67 -36.56
CA ASP C 68 1.99 -19.70 -36.93
C ASP C 68 3.43 -19.21 -36.87
N GLU C 69 3.70 -17.96 -36.57
CA GLU C 69 5.12 -17.62 -36.59
C GLU C 69 5.99 -17.83 -35.33
N PHE C 70 5.64 -18.70 -34.39
CA PHE C 70 6.48 -18.72 -33.19
C PHE C 70 6.64 -19.87 -32.19
N ILE C 71 6.18 -21.09 -32.45
CA ILE C 71 6.36 -22.08 -31.34
C ILE C 71 7.73 -22.78 -31.45
N ASN C 72 8.81 -22.01 -31.19
CA ASN C 72 10.24 -22.40 -31.36
C ASN C 72 11.11 -21.93 -30.19
N VAL C 73 10.68 -20.93 -29.42
CA VAL C 73 11.46 -20.37 -28.32
C VAL C 73 11.31 -21.20 -27.06
N PRO C 74 12.41 -21.62 -26.42
CA PRO C 74 12.29 -22.45 -25.22
C PRO C 74 12.24 -21.70 -23.90
N GLU C 75 12.51 -20.39 -23.86
CA GLU C 75 12.52 -19.67 -22.60
C GLU C 75 12.25 -18.19 -22.87
N TRP C 76 11.49 -17.57 -21.97
CA TRP C 76 11.26 -16.13 -22.05
C TRP C 76 10.96 -15.59 -20.66
N SER C 77 11.15 -14.27 -20.53
CA SER C 77 10.94 -13.58 -19.26
C SER C 77 9.61 -12.86 -19.18
N TYR C 78 9.11 -12.36 -20.31
CA TYR C 78 7.77 -11.81 -20.38
C TYR C 78 7.25 -12.01 -21.79
N ILE C 79 5.98 -11.66 -21.98
CA ILE C 79 5.29 -11.83 -23.25
C ILE C 79 4.87 -10.46 -23.73
N VAL C 80 5.02 -10.21 -25.03
CA VAL C 80 4.61 -8.96 -25.63
C VAL C 80 3.43 -9.23 -26.55
N GLU C 81 2.29 -8.65 -26.19
CA GLU C 81 1.08 -8.72 -26.99
C GLU C 81 0.79 -7.31 -27.50
N LYS C 82 0.21 -7.21 -28.69
CA LYS C 82 -0.31 -5.91 -29.06
C LYS C 82 -1.59 -5.66 -28.28
N ALA C 83 -1.95 -4.37 -28.17
CA ALA C 83 -3.06 -3.99 -27.29
C ALA C 83 -4.30 -4.83 -27.54
N ASN C 84 -4.61 -5.07 -28.81
CA ASN C 84 -5.69 -5.97 -29.19
C ASN C 84 -5.24 -6.77 -30.40
N PRO C 85 -4.67 -7.95 -30.14
CA PRO C 85 -4.15 -8.76 -31.26
C PRO C 85 -5.25 -9.09 -32.25
N ALA C 86 -4.86 -9.18 -33.50
CA ALA C 86 -5.78 -9.46 -34.62
C ALA C 86 -6.15 -10.93 -34.65
N ASN C 87 -5.18 -11.81 -34.36
CA ASN C 87 -5.47 -13.25 -34.44
C ASN C 87 -5.60 -13.86 -33.04
N ASP C 88 -6.82 -13.90 -32.51
CA ASP C 88 -7.06 -14.49 -31.17
C ASP C 88 -7.66 -15.89 -31.36
N LEU C 89 -8.97 -15.96 -31.58
CA LEU C 89 -9.68 -17.25 -31.82
C LEU C 89 -10.44 -17.13 -33.13
N CYS C 90 -9.86 -17.63 -34.23
CA CYS C 90 -10.50 -17.56 -35.58
C CYS C 90 -11.94 -18.09 -35.46
N TYR C 91 -12.13 -19.24 -34.81
CA TYR C 91 -13.48 -19.75 -34.60
C TYR C 91 -14.02 -19.21 -33.28
N PRO C 92 -15.20 -18.60 -33.27
CA PRO C 92 -15.66 -17.92 -32.06
C PRO C 92 -15.88 -18.89 -30.90
N GLY C 93 -15.76 -18.38 -29.69
CA GLY C 93 -15.89 -19.21 -28.52
C GLY C 93 -15.24 -18.53 -27.33
N ASN C 94 -14.93 -19.35 -26.32
CA ASN C 94 -14.33 -18.82 -25.11
C ASN C 94 -13.24 -19.76 -24.63
N PHE C 95 -12.22 -19.14 -24.06
CA PHE C 95 -11.05 -19.82 -23.52
C PHE C 95 -11.16 -19.83 -22.00
N ASN C 96 -11.38 -21.01 -21.42
CA ASN C 96 -11.60 -21.11 -19.99
C ASN C 96 -10.33 -20.77 -19.22
N ASP C 97 -10.49 -19.99 -18.15
CA ASP C 97 -9.39 -19.61 -17.28
C ASP C 97 -8.24 -18.99 -18.07
N TYR C 98 -8.60 -18.13 -19.03
CA TYR C 98 -7.61 -17.60 -19.96
C TYR C 98 -6.56 -16.74 -19.25
N GLU C 99 -7.01 -15.79 -18.44
CA GLU C 99 -6.07 -14.90 -17.76
C GLU C 99 -5.16 -15.66 -16.81
N GLU C 100 -5.69 -16.68 -16.12
CA GLU C 100 -4.85 -17.46 -15.22
C GLU C 100 -3.76 -18.18 -15.99
N LEU C 101 -4.10 -18.71 -17.16
CA LEU C 101 -3.09 -19.32 -18.03
C LEU C 101 -2.06 -18.29 -18.48
N LYS C 102 -2.53 -17.15 -18.98
CA LYS C 102 -1.61 -16.10 -19.44
C LYS C 102 -0.62 -15.70 -18.35
N HIS C 103 -1.11 -15.57 -17.12
CA HIS C 103 -0.22 -15.33 -15.99
C HIS C 103 0.78 -16.47 -15.83
N LEU C 104 0.28 -17.71 -15.88
CA LEU C 104 1.18 -18.87 -15.78
C LEU C 104 2.29 -18.82 -16.82
N LEU C 105 1.98 -18.41 -18.04
CA LEU C 105 2.94 -18.38 -19.15
C LEU C 105 3.66 -17.03 -19.16
N SER C 106 3.51 -16.24 -18.11
CA SER C 106 4.16 -14.93 -18.04
C SER C 106 5.66 -15.03 -18.22
N ARG C 107 6.26 -16.03 -17.59
CA ARG C 107 7.72 -16.27 -17.65
C ARG C 107 7.95 -17.77 -17.56
N ILE C 108 8.44 -18.37 -18.63
CA ILE C 108 8.62 -19.82 -18.68
C ILE C 108 10.10 -20.12 -18.81
N ASN C 109 10.58 -21.08 -18.02
CA ASN C 109 11.99 -21.41 -18.08
C ASN C 109 12.30 -22.36 -19.23
N HIS C 110 11.54 -23.44 -19.35
CA HIS C 110 11.67 -24.34 -20.48
C HIS C 110 10.30 -24.64 -21.06
N PHE C 111 10.17 -24.50 -22.37
CA PHE C 111 8.91 -24.63 -23.09
C PHE C 111 9.17 -25.36 -24.39
N GLU C 112 8.52 -26.50 -24.58
CA GLU C 112 8.79 -27.34 -25.76
C GLU C 112 7.50 -28.01 -26.22
N LYS C 113 6.99 -27.60 -27.38
CA LYS C 113 5.82 -28.26 -27.93
C LYS C 113 6.15 -29.69 -28.34
N ILE C 114 5.27 -30.63 -28.01
CA ILE C 114 5.42 -32.02 -28.40
C ILE C 114 4.08 -32.54 -28.89
N GLN C 115 4.12 -33.57 -29.73
CA GLN C 115 2.91 -34.26 -30.13
C GLN C 115 2.60 -35.37 -29.12
N ILE C 116 1.35 -35.44 -28.67
CA ILE C 116 0.99 -36.44 -27.63
C ILE C 116 0.01 -37.46 -28.22
N ILE C 117 -0.89 -37.01 -29.08
CA ILE C 117 -1.85 -37.95 -29.73
C ILE C 117 -1.75 -37.67 -31.22
N PRO C 118 -0.97 -38.46 -31.98
CA PRO C 118 -0.74 -38.23 -33.40
C PRO C 118 -1.99 -38.19 -34.27
N LYS C 119 -2.04 -37.23 -35.20
CA LYS C 119 -3.23 -37.14 -36.05
C LYS C 119 -3.45 -38.45 -36.81
N SER C 120 -2.36 -39.10 -37.23
CA SER C 120 -2.45 -40.41 -37.88
C SER C 120 -3.31 -41.40 -37.10
N SER C 121 -3.20 -41.39 -35.77
CA SER C 121 -3.75 -42.44 -34.90
C SER C 121 -5.28 -42.42 -34.78
N TRP C 122 -6.03 -41.61 -35.53
CA TRP C 122 -7.49 -41.61 -35.49
C TRP C 122 -8.01 -42.59 -36.53
N SER C 123 -8.19 -43.84 -36.10
CA SER C 123 -8.56 -44.96 -36.96
C SER C 123 -10.01 -44.85 -37.45
N ASP C 124 -10.91 -44.60 -36.52
CA ASP C 124 -12.34 -44.71 -36.75
C ASP C 124 -13.03 -43.36 -36.92
N HIS C 125 -12.28 -42.26 -36.88
CA HIS C 125 -12.85 -40.92 -37.05
C HIS C 125 -12.10 -40.13 -38.10
N GLU C 126 -12.77 -39.10 -38.60
CA GLU C 126 -12.24 -38.24 -39.67
C GLU C 126 -11.42 -37.10 -39.06
N ALA C 127 -10.10 -37.17 -39.22
CA ALA C 127 -9.22 -36.14 -38.66
C ALA C 127 -9.08 -34.95 -39.60
N SER C 128 -8.83 -35.22 -40.85
CA SER C 128 -8.56 -34.16 -41.78
C SER C 128 -9.74 -33.50 -42.36
N SER C 129 -10.84 -33.46 -41.64
CA SER C 129 -12.00 -32.83 -42.21
C SER C 129 -12.60 -31.77 -41.35
N GLY C 130 -11.95 -31.42 -40.26
CA GLY C 130 -12.47 -30.40 -39.42
C GLY C 130 -11.87 -29.07 -39.77
N VAL C 131 -12.50 -28.40 -40.70
CA VAL C 131 -12.04 -27.13 -41.18
C VAL C 131 -13.19 -26.19 -41.26
N SER C 132 -12.88 -24.92 -41.38
CA SER C 132 -13.92 -23.89 -41.42
C SER C 132 -13.38 -22.68 -42.15
N SER C 133 -14.31 -21.85 -42.65
CA SER C 133 -13.93 -20.64 -43.34
C SER C 133 -13.46 -19.54 -42.40
N ALA C 134 -13.83 -19.67 -41.13
CA ALA C 134 -13.53 -18.64 -40.10
C ALA C 134 -12.06 -18.68 -39.72
N CYS C 135 -11.41 -19.82 -39.92
CA CYS C 135 -10.00 -19.98 -39.60
C CYS C 135 -9.26 -20.42 -40.85
N PRO C 136 -9.16 -19.51 -41.83
CA PRO C 136 -8.52 -19.70 -43.14
C PRO C 136 -7.02 -19.68 -43.27
N TYR C 137 -6.48 -20.58 -44.07
CA TYR C 137 -5.04 -20.62 -44.27
C TYR C 137 -4.65 -20.04 -45.61
N GLN C 138 -4.36 -18.75 -45.62
CA GLN C 138 -3.99 -18.07 -46.86
C GLN C 138 -5.06 -18.22 -47.93
N GLY C 139 -6.30 -17.93 -47.56
CA GLY C 139 -7.43 -18.00 -48.45
C GLY C 139 -8.27 -19.24 -48.33
N THR C 140 -7.63 -20.36 -48.04
CA THR C 140 -8.33 -21.62 -47.89
C THR C 140 -8.68 -21.86 -46.45
N PRO C 141 -9.85 -22.47 -46.22
CA PRO C 141 -10.49 -22.92 -45.01
C PRO C 141 -9.66 -23.83 -44.17
N SER C 142 -9.42 -23.46 -42.91
CA SER C 142 -8.61 -24.28 -42.04
C SER C 142 -9.13 -24.36 -40.61
N PHE C 143 -8.17 -24.57 -39.69
CA PHE C 143 -8.43 -24.69 -38.28
C PHE C 143 -7.13 -24.64 -37.52
N PHE C 144 -7.23 -24.46 -36.22
CA PHE C 144 -6.13 -24.47 -35.30
C PHE C 144 -5.24 -25.66 -35.57
N ARG C 145 -3.96 -25.39 -35.58
CA ARG C 145 -2.91 -26.33 -35.95
C ARG C 145 -2.73 -27.43 -34.91
N ASN C 146 -2.86 -27.09 -33.64
CA ASN C 146 -2.46 -27.96 -32.54
C ASN C 146 -3.60 -28.76 -31.94
N VAL C 147 -4.84 -28.51 -32.37
CA VAL C 147 -5.98 -29.32 -31.96
C VAL C 147 -6.71 -29.76 -33.22
N ILE C 148 -7.34 -30.93 -33.15
CA ILE C 148 -7.94 -31.58 -34.30
C ILE C 148 -9.45 -31.63 -34.09
N TRP C 149 -10.18 -31.14 -35.08
CA TRP C 149 -11.64 -31.14 -35.07
C TRP C 149 -12.09 -32.46 -35.70
N LEU C 150 -12.32 -33.46 -34.85
CA LEU C 150 -12.67 -34.78 -35.33
C LEU C 150 -14.11 -34.81 -35.84
N ILE C 151 -14.34 -35.63 -36.87
CA ILE C 151 -15.62 -35.73 -37.54
C ILE C 151 -15.93 -37.22 -37.75
N LYS C 152 -17.22 -37.53 -37.88
CA LYS C 152 -17.64 -38.90 -38.10
C LYS C 152 -17.03 -39.46 -39.38
N LYS C 153 -16.67 -40.73 -39.34
CA LYS C 153 -16.10 -41.41 -40.49
C LYS C 153 -17.04 -42.56 -40.85
N ASN C 154 -17.34 -42.70 -42.13
CA ASN C 154 -18.24 -43.74 -42.63
C ASN C 154 -19.55 -43.72 -41.85
N ASN C 155 -20.15 -42.53 -41.79
CA ASN C 155 -21.42 -42.27 -41.11
C ASN C 155 -21.47 -42.71 -39.65
N THR C 156 -20.31 -42.87 -39.02
CA THR C 156 -20.24 -43.32 -37.64
C THR C 156 -19.28 -42.46 -36.85
N TYR C 157 -19.55 -42.35 -35.55
CA TYR C 157 -18.66 -41.68 -34.60
C TYR C 157 -18.63 -42.55 -33.36
N PRO C 158 -17.87 -43.63 -33.39
CA PRO C 158 -17.83 -44.54 -32.22
C PRO C 158 -17.20 -43.84 -31.03
N THR C 159 -17.66 -44.22 -29.85
CA THR C 159 -17.21 -43.57 -28.63
C THR C 159 -15.70 -43.67 -28.47
N ILE C 160 -15.03 -42.52 -28.44
CA ILE C 160 -13.59 -42.44 -28.31
C ILE C 160 -13.18 -42.75 -26.88
N LYS C 161 -12.08 -43.48 -26.68
CA LYS C 161 -11.68 -43.64 -25.28
C LYS C 161 -10.13 -43.60 -25.31
N ARG C 162 -9.54 -42.39 -25.37
CA ARG C 162 -8.10 -42.23 -25.44
C ARG C 162 -7.51 -41.82 -24.08
N SER C 163 -6.25 -42.22 -23.85
CA SER C 163 -5.57 -41.94 -22.59
C SER C 163 -4.12 -41.56 -22.86
N TYR C 164 -3.47 -40.93 -21.88
CA TYR C 164 -2.09 -40.52 -22.06
C TYR C 164 -1.34 -40.36 -20.73
N ASN C 165 -0.24 -41.10 -20.61
CA ASN C 165 0.57 -41.04 -19.42
C ASN C 165 1.77 -40.13 -19.67
N ASN C 166 1.94 -39.12 -18.83
CA ASN C 166 3.05 -38.19 -18.99
C ASN C 166 4.36 -38.86 -18.58
N THR C 167 5.09 -39.36 -19.55
CA THR C 167 6.32 -40.03 -19.30
C THR C 167 7.49 -39.10 -19.30
N ASN C 168 7.23 -37.83 -19.35
CA ASN C 168 8.29 -36.88 -19.34
C ASN C 168 8.59 -36.51 -17.93
N GLN C 169 9.63 -35.73 -17.79
CA GLN C 169 10.12 -35.33 -16.51
C GLN C 169 9.63 -33.97 -16.12
N GLU C 170 8.89 -33.34 -16.99
CA GLU C 170 8.38 -32.05 -16.74
C GLU C 170 6.89 -32.06 -16.78
N ASP C 171 6.29 -30.94 -16.42
CA ASP C 171 4.86 -30.81 -16.42
C ASP C 171 4.42 -30.63 -17.83
N LEU C 172 3.21 -31.02 -18.13
CA LEU C 172 2.71 -30.98 -19.50
C LEU C 172 1.45 -30.12 -19.55
N LEU C 173 1.42 -29.15 -20.46
CA LEU C 173 0.26 -28.29 -20.65
C LEU C 173 -0.54 -28.84 -21.83
N ILE C 174 -1.74 -29.35 -21.55
CA ILE C 174 -2.63 -29.90 -22.57
C ILE C 174 -3.86 -29.03 -22.68
N LEU C 175 -4.29 -28.77 -23.92
CA LEU C 175 -5.54 -28.07 -24.18
C LEU C 175 -6.44 -28.92 -25.07
N TRP C 176 -7.73 -28.68 -24.97
CA TRP C 176 -8.72 -29.35 -25.82
C TRP C 176 -9.96 -28.45 -25.87
N GLY C 177 -11.02 -28.94 -26.52
CA GLY C 177 -12.20 -28.10 -26.67
C GLY C 177 -13.46 -28.90 -26.90
N ILE C 178 -14.56 -28.16 -27.01
CA ILE C 178 -15.87 -28.72 -27.34
C ILE C 178 -16.55 -27.76 -28.32
N HIS C 179 -17.24 -28.34 -29.32
CA HIS C 179 -17.93 -27.57 -30.35
C HIS C 179 -19.43 -27.56 -30.06
N HIS C 180 -19.95 -26.38 -29.74
CA HIS C 180 -21.39 -26.15 -29.65
C HIS C 180 -21.93 -25.95 -31.06
N SER C 181 -22.71 -26.93 -31.53
CA SER C 181 -23.39 -26.87 -32.81
C SER C 181 -24.67 -26.06 -32.67
N ASN C 182 -25.40 -25.91 -33.78
CA ASN C 182 -26.53 -24.98 -33.85
C ASN C 182 -27.90 -25.63 -33.89
N ASP C 183 -27.98 -26.90 -34.30
CA ASP C 183 -29.26 -27.61 -34.32
C ASP C 183 -28.98 -29.09 -34.47
N ALA C 184 -30.02 -29.90 -34.29
CA ALA C 184 -29.87 -31.34 -34.33
C ALA C 184 -29.38 -31.81 -35.70
N ALA C 185 -29.84 -31.13 -36.76
CA ALA C 185 -29.45 -31.54 -38.11
C ALA C 185 -27.95 -31.38 -38.32
N GLU C 186 -27.42 -30.18 -38.06
CA GLU C 186 -25.98 -29.97 -38.09
C GLU C 186 -25.26 -30.94 -37.15
N GLN C 187 -25.74 -31.05 -35.92
CA GLN C 187 -25.12 -31.92 -34.93
C GLN C 187 -24.92 -33.33 -35.46
N THR C 188 -25.97 -33.92 -36.04
CA THR C 188 -25.91 -35.29 -36.54
C THR C 188 -25.20 -35.41 -37.89
N LYS C 189 -25.22 -34.35 -38.69
CA LYS C 189 -24.40 -34.34 -39.90
C LYS C 189 -22.93 -34.35 -39.52
N LEU C 190 -22.58 -33.69 -38.44
CA LEU C 190 -21.16 -33.62 -38.09
C LEU C 190 -20.73 -34.81 -37.24
N TYR C 191 -21.45 -35.09 -36.21
CA TYR C 191 -21.20 -36.22 -35.35
C TYR C 191 -22.47 -37.00 -35.53
N GLN C 192 -22.37 -38.28 -35.69
CA GLN C 192 -23.55 -39.03 -36.00
C GLN C 192 -24.60 -39.01 -34.89
N ASN C 193 -24.11 -39.09 -33.67
CA ASN C 193 -24.94 -39.17 -32.49
C ASN C 193 -25.51 -37.86 -32.05
N PRO C 194 -26.77 -37.85 -31.65
CA PRO C 194 -27.48 -36.65 -31.26
C PRO C 194 -27.15 -36.09 -29.88
N THR C 195 -27.17 -36.94 -28.86
CA THR C 195 -26.80 -36.47 -27.51
C THR C 195 -25.37 -36.93 -27.24
N THR C 196 -24.46 -35.99 -26.97
CA THR C 196 -23.02 -36.30 -26.81
C THR C 196 -22.44 -35.74 -25.51
N TYR C 197 -21.18 -36.03 -25.27
CA TYR C 197 -20.50 -35.60 -24.05
C TYR C 197 -19.00 -35.69 -24.27
N ILE C 198 -18.26 -35.14 -23.29
CA ILE C 198 -16.81 -35.25 -23.20
C ILE C 198 -16.45 -35.41 -21.74
N SER C 199 -15.84 -36.54 -21.39
CA SER C 199 -15.31 -36.74 -20.06
C SER C 199 -13.79 -36.63 -20.13
N VAL C 200 -13.22 -35.85 -19.22
CA VAL C 200 -11.79 -35.63 -19.15
C VAL C 200 -11.38 -35.82 -17.70
N GLY C 201 -10.52 -36.80 -17.46
CA GLY C 201 -10.12 -37.09 -16.10
C GLY C 201 -8.66 -37.36 -15.90
N THR C 202 -8.09 -36.65 -14.95
CA THR C 202 -6.73 -36.93 -14.45
C THR C 202 -6.88 -37.17 -12.95
N SER C 203 -5.80 -36.97 -12.20
CA SER C 203 -5.85 -37.14 -10.75
C SER C 203 -6.57 -35.94 -10.17
N THR C 204 -6.31 -34.78 -10.74
CA THR C 204 -6.95 -33.53 -10.32
C THR C 204 -8.25 -33.26 -11.06
N LEU C 205 -8.29 -33.54 -12.36
CA LEU C 205 -9.42 -33.15 -13.20
C LEU C 205 -10.52 -34.20 -13.20
N ASN C 206 -11.77 -33.72 -13.14
CA ASN C 206 -12.96 -34.56 -13.12
C ASN C 206 -14.05 -33.81 -13.88
N GLN C 207 -13.85 -33.67 -15.19
CA GLN C 207 -14.67 -32.79 -16.02
C GLN C 207 -15.58 -33.60 -16.94
N ARG C 208 -16.82 -33.13 -17.10
CA ARG C 208 -17.70 -33.63 -18.15
C ARG C 208 -18.45 -32.46 -18.78
N LEU C 209 -18.40 -32.40 -20.11
CA LEU C 209 -18.96 -31.32 -20.89
C LEU C 209 -20.04 -31.85 -21.83
N VAL C 210 -21.13 -31.09 -21.96
CA VAL C 210 -22.20 -31.39 -22.89
C VAL C 210 -22.39 -30.15 -23.79
N PRO C 211 -22.51 -30.33 -25.10
CA PRO C 211 -22.67 -29.17 -25.99
C PRO C 211 -24.02 -28.48 -25.81
N LYS C 212 -24.01 -27.16 -25.80
CA LYS C 212 -25.23 -26.36 -25.80
C LYS C 212 -25.62 -26.11 -27.25
N ILE C 213 -26.68 -26.78 -27.71
CA ILE C 213 -27.14 -26.69 -29.09
C ILE C 213 -28.25 -25.64 -29.11
N ALA C 214 -27.90 -24.44 -29.49
CA ALA C 214 -28.80 -23.34 -29.53
C ALA C 214 -28.48 -22.44 -30.71
N THR C 215 -29.17 -21.31 -30.82
CA THR C 215 -28.92 -20.42 -31.92
C THR C 215 -28.29 -19.13 -31.47
N ARG C 216 -27.19 -18.77 -32.09
CA ARG C 216 -26.51 -17.59 -31.72
C ARG C 216 -26.37 -16.71 -32.90
N SER C 217 -25.77 -15.57 -32.67
CA SER C 217 -25.47 -14.68 -33.73
C SER C 217 -24.22 -15.17 -34.38
N LYS C 218 -24.07 -14.86 -35.64
CA LYS C 218 -22.85 -15.25 -36.35
C LYS C 218 -21.70 -14.33 -36.00
N VAL C 219 -20.52 -14.94 -35.85
CA VAL C 219 -19.27 -14.25 -35.52
C VAL C 219 -18.18 -14.85 -36.39
N ASN C 220 -17.40 -14.03 -37.08
CA ASN C 220 -16.53 -14.49 -38.16
C ASN C 220 -17.29 -15.44 -39.08
N GLY C 221 -18.52 -15.04 -39.42
CA GLY C 221 -19.41 -15.79 -40.29
C GLY C 221 -20.02 -17.05 -39.72
N GLN C 222 -19.53 -17.48 -38.57
CA GLN C 222 -19.98 -18.75 -37.96
C GLN C 222 -20.89 -18.55 -36.76
N SER C 223 -21.98 -19.31 -36.66
CA SER C 223 -22.81 -19.24 -35.48
C SER C 223 -22.62 -20.42 -34.55
N GLY C 224 -21.73 -21.34 -34.87
CA GLY C 224 -21.30 -22.31 -33.89
C GLY C 224 -20.31 -21.68 -32.94
N ARG C 225 -20.01 -22.40 -31.86
CA ARG C 225 -19.05 -21.91 -30.89
C ARG C 225 -18.09 -23.04 -30.55
N MET C 226 -16.87 -22.67 -30.16
CA MET C 226 -15.90 -23.65 -29.70
C MET C 226 -15.25 -23.15 -28.43
N ASP C 227 -15.42 -23.91 -27.34
CA ASP C 227 -14.89 -23.55 -26.04
C ASP C 227 -13.68 -24.41 -25.74
N PHE C 228 -12.60 -23.79 -25.27
CA PHE C 228 -11.35 -24.49 -25.02
C PHE C 228 -11.03 -24.54 -23.54
N PHE C 229 -10.29 -25.59 -23.16
CA PHE C 229 -9.92 -25.86 -21.78
C PHE C 229 -8.46 -26.30 -21.75
N TRP C 230 -7.89 -26.29 -20.53
CA TRP C 230 -6.47 -26.60 -20.38
C TRP C 230 -6.21 -27.21 -19.02
N THR C 231 -5.06 -27.87 -18.91
CA THR C 231 -4.63 -28.43 -17.64
C THR C 231 -3.13 -28.69 -17.67
N ILE C 232 -2.56 -28.74 -16.47
CA ILE C 232 -1.16 -29.12 -16.28
C ILE C 232 -1.17 -30.55 -15.75
N LEU C 233 -0.74 -31.47 -16.59
CA LEU C 233 -0.62 -32.89 -16.28
C LEU C 233 0.76 -33.10 -15.66
N LYS C 234 0.78 -33.48 -14.38
CA LYS C 234 2.04 -33.69 -13.70
C LYS C 234 2.71 -34.96 -14.22
N PRO C 235 4.03 -35.05 -14.11
CA PRO C 235 4.78 -36.21 -14.56
C PRO C 235 4.25 -37.47 -13.95
N ASN C 236 4.07 -38.47 -14.80
CA ASN C 236 3.52 -39.80 -14.54
C ASN C 236 2.04 -39.89 -14.35
N ASP C 237 1.34 -38.77 -14.38
CA ASP C 237 -0.08 -38.83 -14.27
C ASP C 237 -0.62 -39.04 -15.66
N ALA C 238 -1.84 -39.50 -15.74
CA ALA C 238 -2.44 -39.78 -17.03
C ALA C 238 -3.76 -39.05 -17.18
N ILE C 239 -4.00 -38.56 -18.40
CA ILE C 239 -5.26 -37.91 -18.77
C ILE C 239 -6.12 -38.90 -19.55
N ASN C 240 -7.42 -38.88 -19.29
CA ASN C 240 -8.35 -39.80 -19.94
C ASN C 240 -9.45 -38.99 -20.61
N PHE C 241 -9.43 -39.00 -21.94
CA PHE C 241 -10.51 -38.44 -22.73
C PHE C 241 -11.53 -39.54 -23.07
N GLU C 242 -12.79 -39.13 -23.14
CA GLU C 242 -13.88 -40.03 -23.55
C GLU C 242 -14.95 -39.17 -24.19
N SER C 243 -15.46 -39.58 -25.36
CA SER C 243 -16.39 -38.70 -26.04
C SER C 243 -17.04 -39.44 -27.20
N ASN C 244 -18.30 -39.08 -27.46
CA ASN C 244 -19.02 -39.56 -28.65
C ASN C 244 -19.46 -38.40 -29.54
N GLY C 245 -18.74 -37.29 -29.52
CA GLY C 245 -19.03 -36.19 -30.41
C GLY C 245 -18.54 -34.85 -29.88
N ASN C 246 -18.47 -33.88 -30.79
CA ASN C 246 -18.14 -32.48 -30.51
C ASN C 246 -16.77 -32.30 -29.84
N PHE C 247 -15.91 -33.30 -29.95
CA PHE C 247 -14.59 -33.24 -29.32
C PHE C 247 -13.60 -32.48 -30.20
N ILE C 248 -12.80 -31.62 -29.57
CA ILE C 248 -11.68 -30.97 -30.23
C ILE C 248 -10.42 -31.51 -29.59
N ALA C 249 -9.86 -32.57 -30.17
CA ALA C 249 -8.88 -33.38 -29.47
C ALA C 249 -7.49 -32.75 -29.56
N PRO C 250 -6.62 -33.02 -28.60
CA PRO C 250 -5.25 -32.53 -28.70
C PRO C 250 -4.42 -33.39 -29.63
N GLU C 251 -3.58 -32.74 -30.42
CA GLU C 251 -2.44 -33.40 -31.05
C GLU C 251 -1.15 -33.08 -30.30
N TYR C 252 -0.92 -31.82 -29.98
CA TYR C 252 0.29 -31.37 -29.32
C TYR C 252 -0.03 -30.88 -27.91
N ALA C 253 0.78 -31.30 -26.95
CA ALA C 253 0.87 -30.66 -25.65
C ALA C 253 2.13 -29.81 -25.60
N TYR C 254 2.46 -29.29 -24.42
CA TYR C 254 3.61 -28.39 -24.27
C TYR C 254 4.35 -28.73 -22.98
N LYS C 255 5.60 -29.18 -23.11
CA LYS C 255 6.47 -29.33 -21.96
C LYS C 255 6.76 -27.95 -21.35
N ILE C 256 6.73 -27.87 -20.03
CA ILE C 256 6.63 -26.60 -19.30
C ILE C 256 7.39 -26.71 -17.98
N VAL C 257 8.27 -25.77 -17.75
CA VAL C 257 8.98 -25.71 -16.45
C VAL C 257 8.80 -24.29 -15.94
N LYS C 258 8.08 -24.11 -14.84
CA LYS C 258 7.84 -22.75 -14.33
C LYS C 258 8.62 -22.55 -13.04
N LYS C 259 9.58 -21.63 -13.07
CA LYS C 259 10.40 -21.30 -11.88
C LYS C 259 10.41 -19.78 -11.80
N GLY C 260 9.25 -19.16 -11.89
CA GLY C 260 9.25 -17.69 -11.81
C GLY C 260 7.97 -17.05 -12.28
N ASP C 261 7.59 -15.97 -11.66
CA ASP C 261 6.39 -15.29 -12.18
C ASP C 261 6.86 -14.01 -12.83
N SER C 262 6.04 -13.59 -13.80
CA SER C 262 6.34 -12.36 -14.55
C SER C 262 5.00 -11.72 -14.91
N ALA C 263 4.97 -10.92 -15.95
CA ALA C 263 3.67 -10.30 -16.29
C ALA C 263 3.61 -9.98 -17.79
N ILE C 264 2.44 -10.16 -18.40
CA ILE C 264 2.25 -9.88 -19.86
C ILE C 264 2.38 -8.37 -20.07
N MET C 265 2.94 -7.95 -21.21
CA MET C 265 3.12 -6.51 -21.51
C MET C 265 2.48 -6.17 -22.86
N LYS C 266 1.54 -5.22 -22.86
CA LYS C 266 0.86 -4.78 -24.08
C LYS C 266 1.62 -3.59 -24.65
N SER C 267 2.28 -3.79 -25.78
CA SER C 267 3.20 -2.81 -26.34
C SER C 267 3.33 -3.03 -27.84
N GLU C 268 3.58 -1.94 -28.57
CA GLU C 268 3.87 -2.03 -29.98
C GLU C 268 5.33 -1.72 -30.33
N VAL C 269 6.08 -1.17 -29.39
CA VAL C 269 7.50 -0.86 -29.54
C VAL C 269 8.21 -2.11 -30.02
N GLU C 270 9.23 -1.97 -30.84
CA GLU C 270 9.92 -3.13 -31.37
C GLU C 270 11.21 -3.46 -30.65
N TYR C 271 11.52 -4.73 -30.52
CA TYR C 271 12.69 -5.22 -29.85
C TYR C 271 13.94 -4.61 -30.39
N GLY C 272 14.87 -4.31 -29.52
CA GLY C 272 16.06 -3.66 -29.98
C GLY C 272 17.36 -4.22 -29.50
N ASN C 273 17.38 -5.52 -29.29
CA ASN C 273 18.57 -6.21 -28.87
C ASN C 273 19.29 -5.56 -27.73
N CYS C 274 18.56 -5.24 -26.68
CA CYS C 274 19.17 -4.58 -25.53
C CYS C 274 18.76 -5.22 -24.22
N ASN C 275 19.71 -5.34 -23.30
CA ASN C 275 19.42 -5.94 -22.01
C ASN C 275 19.16 -4.85 -20.98
N THR C 276 18.31 -5.17 -20.00
CA THR C 276 18.00 -4.27 -18.90
C THR C 276 17.56 -5.08 -17.70
N LYS C 277 17.66 -4.44 -16.54
CA LYS C 277 16.98 -5.00 -15.39
C LYS C 277 15.62 -4.34 -15.16
N CYS C 278 15.19 -3.43 -16.05
CA CYS C 278 13.88 -2.81 -15.93
C CYS C 278 13.33 -2.40 -17.30
N GLN C 279 12.06 -2.71 -17.55
CA GLN C 279 11.42 -2.57 -18.85
C GLN C 279 10.00 -2.01 -18.71
N THR C 280 9.64 -1.07 -19.59
CA THR C 280 8.33 -0.45 -19.65
C THR C 280 7.77 -0.57 -21.07
N PRO C 281 6.44 -0.50 -21.23
CA PRO C 281 5.85 -0.67 -22.57
C PRO C 281 6.21 0.41 -23.57
N ILE C 282 7.04 1.39 -23.21
CA ILE C 282 7.54 2.38 -24.15
C ILE C 282 9.07 2.43 -24.19
N GLY C 283 9.75 1.57 -23.44
CA GLY C 283 11.20 1.57 -23.47
C GLY C 283 11.79 0.98 -22.21
N ALA C 284 13.07 0.69 -22.28
CA ALA C 284 13.82 0.14 -21.17
C ALA C 284 14.41 1.25 -20.30
N ILE C 285 14.88 0.85 -19.12
CA ILE C 285 15.46 1.78 -18.16
C ILE C 285 16.78 1.24 -17.63
N ASN C 286 17.84 2.01 -17.82
CA ASN C 286 19.16 1.65 -17.37
C ASN C 286 19.52 2.70 -16.33
N SER C 287 18.99 2.53 -15.13
CA SER C 287 19.20 3.52 -14.08
C SER C 287 19.49 3.01 -12.69
N SER C 288 19.98 3.91 -11.84
CA SER C 288 20.22 3.59 -10.45
C SER C 288 19.52 4.58 -9.53
N MET C 289 18.95 5.66 -10.07
CA MET C 289 18.12 6.61 -9.34
C MET C 289 16.96 5.93 -8.66
N PRO C 290 16.46 6.47 -7.54
CA PRO C 290 15.36 5.82 -6.83
C PRO C 290 13.99 6.00 -7.48
N PHE C 291 13.81 6.98 -8.37
CA PHE C 291 12.49 7.32 -8.87
C PHE C 291 12.50 7.52 -10.37
N HIS C 292 11.34 7.29 -10.99
CA HIS C 292 11.16 7.55 -12.40
C HIS C 292 9.73 8.02 -12.64
N ASN C 293 9.52 8.73 -13.75
CA ASN C 293 8.21 9.20 -14.15
C ASN C 293 7.88 8.74 -15.57
N ILE C 294 8.52 7.68 -16.03
CA ILE C 294 8.42 7.28 -17.43
C ILE C 294 7.09 6.61 -17.72
N HIS C 295 6.75 5.58 -16.94
CA HIS C 295 5.58 4.74 -17.21
C HIS C 295 5.31 3.83 -16.03
N PRO C 296 4.05 3.66 -15.63
CA PRO C 296 3.75 2.87 -14.42
C PRO C 296 3.92 1.36 -14.59
N LEU C 297 3.64 0.80 -15.76
CA LEU C 297 3.55 -0.66 -15.94
C LEU C 297 4.92 -1.28 -16.25
N THR C 298 5.81 -1.24 -15.25
CA THR C 298 7.16 -1.75 -15.40
C THR C 298 7.28 -3.25 -15.06
N ILE C 299 8.32 -3.87 -15.60
CA ILE C 299 8.63 -5.29 -15.33
C ILE C 299 10.11 -5.32 -14.98
N GLY C 300 10.45 -5.77 -13.79
CA GLY C 300 11.85 -5.86 -13.39
C GLY C 300 12.09 -5.16 -12.09
N GLU C 301 13.35 -4.94 -11.73
CA GLU C 301 13.73 -4.20 -10.52
C GLU C 301 13.74 -2.75 -10.94
N CYS C 302 12.65 -2.00 -10.70
CA CYS C 302 12.62 -0.65 -11.23
C CYS C 302 12.61 0.39 -10.11
N PRO C 303 12.97 1.64 -10.40
CA PRO C 303 12.73 2.70 -9.43
C PRO C 303 11.24 2.87 -9.17
N LYS C 304 10.91 3.39 -8.00
CA LYS C 304 9.51 3.56 -7.63
C LYS C 304 8.90 4.68 -8.48
N TYR C 305 7.74 4.44 -9.05
CA TYR C 305 7.07 5.40 -9.91
C TYR C 305 6.42 6.56 -9.22
N VAL C 306 6.75 7.75 -9.65
CA VAL C 306 6.21 8.94 -9.07
C VAL C 306 5.52 9.78 -10.10
N LYS C 307 4.75 10.70 -9.64
CA LYS C 307 4.06 11.57 -10.52
C LYS C 307 4.70 12.88 -10.26
N SER C 308 5.94 13.01 -10.66
CA SER C 308 6.68 14.23 -10.47
C SER C 308 7.54 14.49 -11.69
N ASN C 309 7.96 15.71 -11.93
CA ASN C 309 8.76 16.04 -13.14
C ASN C 309 10.22 16.25 -12.80
N LYS C 310 10.48 16.79 -11.61
CA LYS C 310 11.84 17.07 -11.11
C LYS C 310 11.91 16.51 -9.71
N LEU C 311 13.10 16.08 -9.31
CA LEU C 311 13.43 15.69 -7.91
C LEU C 311 14.89 16.05 -7.73
N VAL C 312 15.19 17.35 -7.71
CA VAL C 312 16.60 17.85 -7.63
C VAL C 312 17.07 18.06 -6.20
N LEU C 313 18.24 17.51 -5.90
CA LEU C 313 18.85 17.65 -4.57
C LEU C 313 19.99 18.67 -4.65
N ALA C 314 19.93 19.71 -3.83
CA ALA C 314 20.99 20.74 -3.80
C ALA C 314 22.27 20.08 -3.28
N THR C 315 23.39 20.39 -3.90
CA THR C 315 24.69 19.76 -3.58
C THR C 315 25.71 20.85 -3.32
N GLY C 316 25.52 22.00 -3.93
CA GLY C 316 26.43 23.10 -3.78
C GLY C 316 25.83 24.19 -2.99
N LEU C 317 26.45 25.34 -3.05
CA LEU C 317 26.02 26.45 -2.27
C LEU C 317 25.15 27.37 -3.05
N ARG C 318 24.76 28.47 -2.47
CA ARG C 318 23.94 29.40 -3.20
C ARG C 318 24.78 30.18 -4.19
N ASN C 319 24.20 30.43 -5.35
CA ASN C 319 24.93 31.04 -6.49
C ASN C 319 24.57 32.52 -6.43
N SER C 320 25.56 33.37 -6.63
CA SER C 320 25.38 34.84 -6.59
C SER C 320 25.26 35.40 -8.01
N PRO C 321 24.59 36.56 -8.21
CA PRO C 321 24.39 37.14 -9.52
C PRO C 321 25.62 37.92 -10.02
N ALA D 1 12.03 48.81 31.37
CA ALA D 1 13.20 48.18 30.77
C ALA D 1 13.27 46.68 31.08
N ILE D 2 13.20 45.87 30.03
CA ILE D 2 13.15 44.42 30.14
C ILE D 2 14.12 43.69 29.15
N ALA D 3 14.50 42.45 29.52
CA ALA D 3 15.41 41.49 28.84
C ALA D 3 15.06 40.98 27.45
N GLY D 4 15.93 40.15 26.86
CA GLY D 4 15.81 39.66 25.49
C GLY D 4 16.12 38.19 25.16
N PHE D 5 17.23 37.96 24.43
CA PHE D 5 17.49 36.72 23.68
C PHE D 5 17.54 35.49 24.59
N ILE D 6 18.40 35.47 25.60
CA ILE D 6 18.42 34.32 26.49
C ILE D 6 17.08 34.17 27.23
N GLU D 7 16.33 35.27 27.40
CA GLU D 7 15.10 35.27 28.18
C GLU D 7 13.86 35.24 27.28
N GLY D 8 12.69 35.37 27.91
CA GLY D 8 11.37 35.28 27.29
C GLY D 8 10.95 36.27 26.22
N GLY D 9 9.67 36.18 25.83
CA GLY D 9 9.08 37.02 24.80
C GLY D 9 8.40 38.28 25.35
N TRP D 10 8.02 39.16 24.41
CA TRP D 10 7.49 40.49 24.71
C TRP D 10 6.04 40.60 24.27
N GLN D 11 5.11 40.65 25.22
CA GLN D 11 3.75 40.92 24.77
C GLN D 11 3.61 42.36 24.26
N GLY D 12 4.50 43.27 24.67
CA GLY D 12 4.41 44.66 24.24
C GLY D 12 4.69 44.91 22.78
N MET D 13 5.39 44.00 22.09
CA MET D 13 5.79 44.20 20.71
C MET D 13 4.76 43.50 19.82
N VAL D 14 4.01 44.29 19.03
CA VAL D 14 2.86 43.80 18.29
C VAL D 14 2.92 44.08 16.82
N ASP D 15 4.01 44.69 16.32
CA ASP D 15 4.12 45.01 14.91
C ASP D 15 5.09 44.10 14.17
N GLY D 16 5.47 42.98 14.78
CA GLY D 16 6.23 41.96 14.08
C GLY D 16 6.47 40.77 14.96
N TRP D 17 7.38 39.91 14.49
CA TRP D 17 7.76 38.68 15.18
C TRP D 17 9.05 38.82 15.96
N TYR D 18 10.07 39.43 15.35
CA TYR D 18 11.32 39.77 16.01
C TYR D 18 11.55 41.27 15.96
N GLY D 19 12.12 41.82 17.03
CA GLY D 19 12.37 43.24 17.06
C GLY D 19 13.23 43.62 18.25
N TYR D 20 13.27 44.93 18.48
CA TYR D 20 14.17 45.57 19.44
C TYR D 20 13.35 46.23 20.53
N HIS D 21 13.97 46.39 21.70
CA HIS D 21 13.38 47.13 22.81
C HIS D 21 14.44 48.05 23.40
N HIS D 22 14.21 49.36 23.33
CA HIS D 22 15.14 50.34 23.84
C HIS D 22 14.68 50.93 25.17
N SER D 23 15.66 51.44 25.93
CA SER D 23 15.42 52.27 27.09
C SER D 23 16.48 53.36 27.15
N ASN D 24 16.04 54.60 27.30
CA ASN D 24 16.93 55.75 27.44
C ASN D 24 16.27 56.75 28.35
N GLU D 25 16.81 57.97 28.46
CA GLU D 25 16.19 58.88 29.42
C GLU D 25 14.93 59.53 28.86
N GLN D 26 14.75 59.55 27.54
CA GLN D 26 13.54 60.11 26.97
C GLN D 26 12.39 59.11 26.88
N GLY D 27 12.57 57.88 27.37
CA GLY D 27 11.48 56.93 27.38
C GLY D 27 11.90 55.58 26.83
N SER D 28 10.96 54.63 26.91
CA SER D 28 11.17 53.23 26.55
C SER D 28 10.25 52.86 25.41
N GLY D 29 10.59 51.81 24.67
CA GLY D 29 9.69 51.35 23.63
C GLY D 29 10.19 50.15 22.84
N TYR D 30 9.24 49.48 22.18
CA TYR D 30 9.48 48.35 21.28
C TYR D 30 9.36 48.79 19.83
N ALA D 31 10.16 48.19 18.96
CA ALA D 31 10.02 48.39 17.52
C ALA D 31 10.38 47.10 16.80
N ALA D 32 9.57 46.71 15.82
CA ALA D 32 9.80 45.44 15.13
C ALA D 32 10.80 45.61 13.98
N ASP D 33 11.62 44.59 13.78
CA ASP D 33 12.55 44.57 12.69
C ASP D 33 11.79 43.93 11.59
N LYS D 34 11.10 44.71 10.79
CA LYS D 34 10.27 44.16 9.77
C LYS D 34 10.88 43.35 8.66
N GLU D 35 12.15 43.50 8.40
CA GLU D 35 12.76 42.72 7.35
C GLU D 35 13.04 41.32 7.80
N SER D 36 13.19 41.12 9.09
CA SER D 36 13.41 39.80 9.59
C SER D 36 12.11 39.08 9.70
N THR D 37 11.11 39.74 10.25
CA THR D 37 9.86 39.08 10.43
C THR D 37 9.14 38.80 9.16
N GLN D 38 9.33 39.59 8.12
CA GLN D 38 8.66 39.27 6.90
C GLN D 38 9.26 38.01 6.34
N LYS D 39 10.57 37.92 6.32
CA LYS D 39 11.23 36.74 5.80
C LYS D 39 10.78 35.51 6.50
N ALA D 40 10.63 35.59 7.79
CA ALA D 40 10.18 34.44 8.55
C ALA D 40 8.73 34.08 8.21
N ILE D 41 7.86 35.07 8.16
CA ILE D 41 6.46 34.82 7.81
C ILE D 41 6.36 34.19 6.43
N ASP D 42 7.11 34.73 5.46
CA ASP D 42 7.13 34.12 4.14
C ASP D 42 7.61 32.67 4.21
N GLY D 43 8.70 32.43 4.96
CA GLY D 43 9.23 31.09 5.03
C GLY D 43 8.27 30.08 5.64
N VAL D 44 7.65 30.43 6.75
CA VAL D 44 6.79 29.45 7.41
C VAL D 44 5.47 29.26 6.67
N THR D 45 4.93 30.31 6.04
CA THR D 45 3.74 30.09 5.24
C THR D 45 4.08 29.28 3.99
N ASN D 46 5.31 29.40 3.49
CA ASN D 46 5.78 28.52 2.44
C ASN D 46 5.92 27.08 2.93
N LYS D 47 6.33 26.90 4.19
CA LYS D 47 6.42 25.56 4.75
C LYS D 47 5.04 24.90 4.79
N VAL D 48 4.06 25.62 5.34
CA VAL D 48 2.69 25.09 5.38
C VAL D 48 2.18 24.81 3.97
N ASN D 49 2.40 25.75 3.04
CA ASN D 49 1.92 25.58 1.68
C ASN D 49 2.65 24.47 0.94
N SER D 50 3.87 24.13 1.34
CA SER D 50 4.53 22.97 0.75
C SER D 50 3.94 21.68 1.31
N ILE D 51 3.71 21.64 2.63
CA ILE D 51 3.07 20.48 3.24
C ILE D 51 1.72 20.20 2.58
N ILE D 52 0.99 21.26 2.21
CA ILE D 52 -0.35 21.09 1.64
C ILE D 52 -0.32 20.88 0.13
N ASP D 53 0.39 21.74 -0.58
CA ASP D 53 0.33 21.74 -2.06
C ASP D 53 0.96 20.51 -2.69
N LYS D 54 1.90 19.82 -2.05
CA LYS D 54 2.53 18.66 -2.73
C LYS D 54 1.79 17.36 -2.47
N MET D 55 0.52 17.43 -2.08
CA MET D 55 -0.27 16.19 -1.93
C MET D 55 -0.85 15.83 -3.30
N ASN D 56 -0.72 14.58 -3.73
CA ASN D 56 -1.31 14.18 -5.02
C ASN D 56 -2.73 13.72 -4.70
N THR D 57 -3.73 14.37 -5.23
CA THR D 57 -5.09 13.89 -4.87
C THR D 57 -5.73 13.26 -6.10
N GLN D 58 -5.92 11.96 -6.09
CA GLN D 58 -6.63 11.41 -7.27
C GLN D 58 -8.06 11.09 -6.84
N PHE D 59 -8.94 10.96 -7.81
CA PHE D 59 -10.34 10.56 -7.53
C PHE D 59 -10.37 9.07 -7.29
N GLU D 60 -10.77 8.67 -6.11
CA GLU D 60 -10.88 7.28 -5.78
C GLU D 60 -12.14 7.08 -4.99
N ALA D 61 -12.73 5.92 -5.10
CA ALA D 61 -13.94 5.61 -4.39
C ALA D 61 -13.75 4.44 -3.50
N VAL D 62 -13.74 4.64 -2.21
CA VAL D 62 -13.57 3.52 -1.33
C VAL D 62 -14.90 2.86 -1.12
N GLY D 63 -15.02 1.64 -1.59
CA GLY D 63 -16.25 0.92 -1.44
C GLY D 63 -16.02 -0.55 -1.25
N ARG D 64 -16.63 -1.08 -0.21
CA ARG D 64 -16.55 -2.50 0.12
C ARG D 64 -17.65 -3.29 -0.54
N GLU D 65 -17.40 -3.97 -1.65
CA GLU D 65 -18.45 -4.76 -2.25
C GLU D 65 -18.10 -6.17 -2.67
N PHE D 66 -18.13 -7.09 -1.72
CA PHE D 66 -17.79 -8.47 -1.93
C PHE D 66 -18.85 -9.35 -1.27
N ASN D 67 -19.07 -10.55 -1.77
CA ASN D 67 -20.10 -11.38 -1.14
C ASN D 67 -19.64 -12.27 -0.06
N ASN D 68 -20.47 -13.22 0.30
CA ASN D 68 -20.18 -14.12 1.40
C ASN D 68 -19.25 -15.26 1.12
N LEU D 69 -18.80 -15.38 -0.12
CA LEU D 69 -17.84 -16.36 -0.47
C LEU D 69 -16.73 -15.59 -1.10
N GLU D 70 -16.68 -14.29 -0.85
CA GLU D 70 -15.52 -13.52 -1.31
C GLU D 70 -14.82 -12.87 -0.12
N ARG D 71 -14.91 -13.52 1.04
CA ARG D 71 -14.32 -12.97 2.27
C ARG D 71 -12.80 -12.83 2.16
N ARG D 72 -12.15 -13.66 1.35
CA ARG D 72 -10.69 -13.54 1.21
C ARG D 72 -10.32 -12.26 0.49
N ILE D 73 -11.04 -11.92 -0.58
CA ILE D 73 -10.75 -10.69 -1.32
C ILE D 73 -11.14 -9.48 -0.48
N GLU D 74 -12.23 -9.58 0.26
CA GLU D 74 -12.58 -8.55 1.26
C GLU D 74 -11.43 -8.35 2.25
N ASN D 75 -10.89 -9.45 2.78
CA ASN D 75 -9.80 -9.37 3.74
C ASN D 75 -8.56 -8.76 3.12
N LEU D 76 -8.32 -9.02 1.84
CA LEU D 76 -7.19 -8.42 1.14
C LEU D 76 -7.38 -6.92 0.97
N ASN D 77 -8.56 -6.52 0.49
CA ASN D 77 -8.90 -5.09 0.43
C ASN D 77 -8.72 -4.42 1.78
N LYS D 78 -9.07 -5.13 2.87
CA LYS D 78 -8.97 -4.55 4.19
C LYS D 78 -7.51 -4.41 4.63
N LYS D 79 -6.71 -5.45 4.40
CA LYS D 79 -5.26 -5.36 4.60
C LYS D 79 -4.69 -4.13 3.91
N MET D 80 -5.04 -3.92 2.66
CA MET D 80 -4.53 -2.84 1.86
C MET D 80 -4.87 -1.47 2.36
N GLU D 81 -6.12 -1.26 2.70
CA GLU D 81 -6.62 -0.01 3.20
C GLU D 81 -6.00 0.36 4.51
N ASP D 82 -5.90 -0.65 5.37
CA ASP D 82 -5.36 -0.49 6.70
C ASP D 82 -3.89 -0.14 6.57
N GLY D 83 -3.19 -0.85 5.69
CA GLY D 83 -1.78 -0.53 5.52
C GLY D 83 -1.58 0.90 5.07
N PHE D 84 -2.40 1.37 4.13
CA PHE D 84 -2.29 2.76 3.70
C PHE D 84 -2.64 3.71 4.84
N LEU D 85 -3.63 3.35 5.66
CA LEU D 85 -3.96 4.18 6.81
C LEU D 85 -2.78 4.28 7.76
N ASP D 86 -2.17 3.14 8.12
CA ASP D 86 -1.05 3.16 9.06
C ASP D 86 0.11 3.97 8.49
N VAL D 87 0.43 3.78 7.21
CA VAL D 87 1.52 4.51 6.60
C VAL D 87 1.26 6.01 6.69
N TRP D 88 0.07 6.44 6.27
CA TRP D 88 -0.21 7.87 6.21
C TRP D 88 -0.20 8.50 7.60
N THR D 89 -0.77 7.82 8.61
CA THR D 89 -0.76 8.45 9.94
C THR D 89 0.65 8.54 10.50
N TYR D 90 1.43 7.47 10.39
CA TYR D 90 2.79 7.54 10.92
C TYR D 90 3.56 8.68 10.24
N ASN D 91 3.47 8.74 8.90
CA ASN D 91 4.21 9.74 8.16
C ASN D 91 3.74 11.15 8.50
N ALA D 92 2.44 11.36 8.66
CA ALA D 92 1.92 12.69 8.94
C ALA D 92 2.30 13.15 10.34
N GLU D 93 2.11 12.29 11.35
CA GLU D 93 2.46 12.67 12.72
C GLU D 93 3.94 13.00 12.82
N LEU D 94 4.79 12.15 12.23
CA LEU D 94 6.22 12.41 12.35
C LEU D 94 6.64 13.60 11.51
N LEU D 95 5.96 13.84 10.38
CA LEU D 95 6.26 15.03 9.59
C LEU D 95 6.00 16.31 10.39
N VAL D 96 4.85 16.37 11.06
CA VAL D 96 4.55 17.59 11.81
C VAL D 96 5.51 17.73 12.99
N LEU D 97 5.86 16.61 13.65
CA LEU D 97 6.83 16.70 14.75
C LEU D 97 8.18 17.24 14.28
N MET D 98 8.72 16.63 13.26
CA MET D 98 9.99 17.04 12.74
C MET D 98 9.98 18.43 12.20
N GLU D 99 8.88 18.87 11.63
CA GLU D 99 8.88 20.19 11.06
C GLU D 99 8.61 21.19 12.12
N ASN D 100 7.96 20.79 13.17
CA ASN D 100 7.70 21.70 14.24
C ASN D 100 8.97 21.97 14.99
N GLU D 101 9.84 20.98 15.08
CA GLU D 101 11.10 21.13 15.72
C GLU D 101 11.98 22.07 14.95
N ARG D 102 11.90 22.00 13.62
CA ARG D 102 12.70 22.84 12.75
C ARG D 102 12.19 24.26 12.69
N THR D 103 10.89 24.45 12.88
CA THR D 103 10.33 25.78 12.83
C THR D 103 10.74 26.57 14.05
N LEU D 104 10.86 25.93 15.19
CA LEU D 104 11.24 26.61 16.38
C LEU D 104 12.70 26.91 16.47
N ASP D 105 13.54 26.15 15.84
CA ASP D 105 14.94 26.45 15.87
C ASP D 105 15.26 27.55 14.92
N PHE D 106 14.49 27.63 13.87
CA PHE D 106 14.57 28.64 12.86
C PHE D 106 14.29 29.95 13.51
N HIS D 107 13.26 30.03 14.32
CA HIS D 107 12.95 31.24 15.00
C HIS D 107 14.06 31.61 15.92
N ASP D 108 14.60 30.65 16.65
CA ASP D 108 15.71 30.95 17.55
C ASP D 108 16.95 31.43 16.78
N SER D 109 17.24 30.78 15.65
CA SER D 109 18.41 31.18 14.86
C SER D 109 18.25 32.59 14.33
N ASN D 110 17.05 32.95 13.89
CA ASN D 110 16.82 34.32 13.42
C ASN D 110 17.06 35.32 14.54
N VAL D 111 16.61 34.99 15.75
CA VAL D 111 16.80 35.88 16.89
C VAL D 111 18.28 36.09 17.18
N LYS D 112 19.04 35.01 17.15
CA LYS D 112 20.46 35.14 17.49
C LYS D 112 21.24 35.86 16.38
N ASN D 113 20.83 35.70 15.13
CA ASN D 113 21.51 36.48 14.09
C ASN D 113 21.18 37.97 14.21
N LEU D 114 19.95 38.35 14.61
CA LEU D 114 19.69 39.77 14.85
C LEU D 114 20.54 40.31 16.00
N TYR D 115 20.69 39.49 17.06
CA TYR D 115 21.54 39.90 18.18
C TYR D 115 22.98 40.10 17.73
N ASP D 116 23.48 39.19 16.88
CA ASP D 116 24.84 39.33 16.37
C ASP D 116 24.96 40.56 15.48
N LYS D 117 23.91 40.86 14.71
CA LYS D 117 23.95 41.95 13.75
C LYS D 117 24.02 43.30 14.44
N VAL D 118 23.52 43.40 15.68
CA VAL D 118 23.75 44.63 16.42
C VAL D 118 24.97 44.57 17.35
N ARG D 119 25.38 43.37 17.78
CA ARG D 119 26.59 43.26 18.57
C ARG D 119 27.82 43.67 17.76
N LEU D 120 27.86 43.30 16.48
CA LEU D 120 29.03 43.61 15.66
C LEU D 120 29.13 45.09 15.37
N GLN D 121 28.02 45.82 15.41
CA GLN D 121 28.09 47.27 15.30
C GLN D 121 28.53 47.90 16.61
N LEU D 122 27.91 47.48 17.72
CA LEU D 122 28.14 48.16 18.99
C LEU D 122 29.58 47.97 19.49
N ARG D 123 30.11 46.75 19.36
CA ARG D 123 31.51 46.47 19.73
C ARG D 123 31.72 46.83 21.20
N ASP D 124 32.77 47.60 21.48
CA ASP D 124 33.09 47.98 22.86
C ASP D 124 32.23 49.11 23.45
N ASN D 125 31.49 49.82 22.60
CA ASN D 125 30.66 50.91 23.09
C ASN D 125 29.48 50.42 23.92
N ALA D 126 29.37 49.12 24.17
CA ALA D 126 28.29 48.57 24.95
C ALA D 126 28.74 47.29 25.65
N LYS D 127 28.00 46.95 26.69
CA LYS D 127 28.26 45.78 27.53
C LYS D 127 27.19 44.73 27.27
N GLU D 128 27.62 43.55 26.80
CA GLU D 128 26.76 42.38 26.69
C GLU D 128 26.33 41.93 28.08
N LEU D 129 25.05 42.01 28.42
CA LEU D 129 24.58 41.61 29.74
C LEU D 129 24.24 40.13 29.85
N GLY D 130 24.34 39.37 28.76
CA GLY D 130 24.00 37.96 28.82
C GLY D 130 22.51 37.66 28.85
N ASN D 131 21.69 38.55 28.30
CA ASN D 131 20.26 38.31 28.29
C ASN D 131 19.59 38.94 27.08
N GLY D 132 20.33 39.16 25.99
CA GLY D 132 19.80 39.80 24.81
C GLY D 132 19.88 41.31 24.82
N CYS D 133 20.47 41.89 25.87
CA CYS D 133 20.54 43.34 25.99
C CYS D 133 21.97 43.82 25.93
N PHE D 134 22.13 45.06 25.50
CA PHE D 134 23.41 45.76 25.53
C PHE D 134 23.21 47.01 26.36
N GLU D 135 24.05 47.22 27.35
CA GLU D 135 24.06 48.47 28.09
C GLU D 135 25.09 49.38 27.44
N PHE D 136 24.64 50.49 26.86
CA PHE D 136 25.56 51.37 26.18
C PHE D 136 26.53 51.99 27.18
N TYR D 137 27.79 52.11 26.78
CA TYR D 137 28.76 52.80 27.61
C TYR D 137 28.68 54.31 27.45
N HIS D 138 27.67 54.80 26.72
CA HIS D 138 27.47 56.22 26.48
C HIS D 138 25.98 56.48 26.46
N LYS D 139 25.59 57.70 26.11
CA LYS D 139 24.16 57.97 26.08
C LYS D 139 23.69 57.83 24.64
N CYS D 140 22.51 57.21 24.50
CA CYS D 140 21.99 56.81 23.19
C CYS D 140 20.54 57.25 23.04
N ASP D 141 20.32 58.36 22.35
CA ASP D 141 18.99 58.93 22.16
C ASP D 141 18.22 58.12 21.12
N ASN D 142 17.01 58.58 20.79
CA ASN D 142 16.12 57.81 19.92
C ASN D 142 16.67 57.70 18.51
N GLU D 143 17.44 58.70 18.07
CA GLU D 143 18.04 58.63 16.74
C GLU D 143 19.25 57.72 16.73
N CYS D 144 19.97 57.66 17.86
CA CYS D 144 21.02 56.66 18.01
C CYS D 144 20.45 55.25 17.99
N MET D 145 19.29 55.05 18.63
CA MET D 145 18.69 53.72 18.64
C MET D 145 18.18 53.31 17.26
N GLU D 146 17.60 54.23 16.49
CA GLU D 146 17.23 53.81 15.14
C GLU D 146 18.43 53.75 14.19
N SER D 147 19.57 54.23 14.62
CA SER D 147 20.73 54.07 13.81
C SER D 147 21.18 52.63 13.92
N VAL D 148 21.09 52.11 15.13
CA VAL D 148 21.50 50.76 15.45
C VAL D 148 20.53 49.72 14.95
N ARG D 149 19.28 50.06 14.81
CA ARG D 149 18.32 49.11 14.29
C ARG D 149 18.40 49.09 12.78
N ASN D 150 18.89 50.18 12.20
CA ASN D 150 19.05 50.37 10.80
C ASN D 150 20.37 49.85 10.32
N GLY D 151 21.30 49.73 11.22
CA GLY D 151 22.62 49.24 10.87
C GLY D 151 23.55 50.35 10.50
N THR D 152 23.15 51.55 10.84
CA THR D 152 23.91 52.70 10.49
C THR D 152 24.41 53.36 11.72
N TYR D 153 25.10 52.61 12.54
CA TYR D 153 25.59 53.14 13.78
C TYR D 153 27.03 53.57 13.66
N ASP D 154 27.24 54.85 13.91
CA ASP D 154 28.55 55.43 13.83
C ASP D 154 29.32 55.12 15.09
N TYR D 155 30.04 54.01 15.10
CA TYR D 155 30.82 53.60 16.26
C TYR D 155 31.70 54.68 16.79
N PRO D 156 32.66 55.09 15.98
CA PRO D 156 33.69 56.08 16.20
C PRO D 156 33.17 57.26 16.97
N GLN D 157 32.12 57.89 16.48
CA GLN D 157 31.59 59.05 17.14
C GLN D 157 31.25 58.85 18.60
N TYR D 158 31.08 57.62 19.05
CA TYR D 158 30.74 57.47 20.44
C TYR D 158 31.89 56.92 21.23
N SER D 159 32.97 56.59 20.55
CA SER D 159 34.14 56.03 21.27
C SER D 159 34.62 57.07 22.27
N GLU D 160 34.43 58.32 21.88
CA GLU D 160 34.82 59.57 22.58
C GLU D 160 34.37 59.43 24.03
N GLU D 161 33.07 59.30 24.23
CA GLU D 161 32.46 59.25 25.59
C GLU D 161 32.49 57.84 26.18
N ALA D 162 32.71 56.80 25.35
CA ALA D 162 32.70 55.39 25.79
C ALA D 162 33.94 55.03 26.60
N ARG D 163 35.11 55.18 26.01
CA ARG D 163 36.36 54.82 26.65
C ARG D 163 36.49 55.53 27.95
N LEU D 164 35.77 56.61 28.10
CA LEU D 164 35.86 57.38 29.31
C LEU D 164 35.01 56.77 30.38
N LYS D 165 33.90 56.18 29.96
CA LYS D 165 32.98 55.57 30.90
C LYS D 165 33.48 54.23 31.26
N ARG D 166 34.20 53.62 30.35
CA ARG D 166 34.68 52.27 30.66
C ARG D 166 35.74 52.45 31.73
N GLU D 167 36.77 53.27 31.45
CA GLU D 167 37.83 53.51 32.43
C GLU D 167 37.27 53.86 33.80
N GLU D 168 36.06 54.40 33.85
CA GLU D 168 35.46 54.82 35.11
C GLU D 168 34.90 53.65 35.95
N ILE D 169 35.20 52.40 35.59
CA ILE D 169 34.94 51.25 36.46
C ILE D 169 36.20 50.39 36.51
N ALA E 1 48.19 21.85 30.11
CA ALA E 1 46.82 22.18 30.45
C ALA E 1 45.91 20.98 30.27
N ILE E 2 44.60 21.21 30.39
CA ILE E 2 43.59 20.17 30.23
C ILE E 2 42.53 20.73 29.29
N ALA E 3 42.19 19.96 28.27
CA ALA E 3 41.46 20.47 27.11
C ALA E 3 39.96 20.22 27.19
N GLY E 4 39.21 21.05 26.49
CA GLY E 4 37.76 21.07 26.50
C GLY E 4 37.17 20.43 25.28
N PHE E 5 35.94 20.85 24.95
CA PHE E 5 35.11 20.12 23.99
C PHE E 5 35.77 20.03 22.61
N ILE E 6 36.37 21.13 22.14
CA ILE E 6 36.98 21.16 20.81
C ILE E 6 37.91 19.98 20.58
N GLU E 7 38.51 19.44 21.65
CA GLU E 7 39.39 18.33 21.34
C GLU E 7 38.88 16.99 21.87
N GLY E 8 37.55 16.86 21.92
CA GLY E 8 36.92 15.60 22.24
C GLY E 8 36.20 15.64 23.57
N GLY E 9 35.72 14.45 23.98
CA GLY E 9 34.96 14.31 25.21
C GLY E 9 35.83 13.98 26.41
N TRP E 10 35.19 14.01 27.58
CA TRP E 10 35.86 13.84 28.87
C TRP E 10 35.40 12.52 29.46
N GLN E 11 36.30 11.52 29.45
CA GLN E 11 36.00 10.27 30.13
C GLN E 11 35.84 10.48 31.63
N GLY E 12 36.52 11.47 32.19
CA GLY E 12 36.51 11.70 33.63
C GLY E 12 35.20 12.18 34.19
N MET E 13 34.32 12.75 33.37
CA MET E 13 33.08 13.33 33.84
C MET E 13 31.96 12.31 33.74
N VAL E 14 31.44 11.88 34.91
CA VAL E 14 30.52 10.75 34.97
C VAL E 14 29.22 11.09 35.67
N ASP E 15 29.01 12.34 36.10
CA ASP E 15 27.70 12.58 36.67
C ASP E 15 26.89 13.59 35.88
N GLY E 16 27.17 13.66 34.57
CA GLY E 16 26.27 14.31 33.64
C GLY E 16 26.76 14.16 32.22
N TRP E 17 26.10 14.90 31.32
CA TRP E 17 26.40 14.85 29.89
C TRP E 17 27.22 16.05 29.40
N TYR E 18 26.83 17.26 29.78
CA TYR E 18 27.59 18.47 29.52
C TYR E 18 27.96 19.11 30.84
N GLY E 19 29.17 19.66 30.90
CA GLY E 19 29.58 20.30 32.13
C GLY E 19 30.90 21.02 31.96
N TYR E 20 31.47 21.40 33.10
CA TYR E 20 32.64 22.24 33.17
C TYR E 20 33.77 21.47 33.86
N HIS E 21 35.01 21.86 33.58
CA HIS E 21 36.16 21.32 34.30
C HIS E 21 37.08 22.47 34.64
N HIS E 22 37.27 22.73 35.93
CA HIS E 22 38.14 23.80 36.39
C HIS E 22 39.41 23.23 36.99
N SER E 23 40.46 24.04 36.98
CA SER E 23 41.66 23.76 37.76
C SER E 23 42.18 25.08 38.31
N ASN E 24 42.39 25.14 39.62
CA ASN E 24 42.92 26.36 40.22
C ASN E 24 43.82 25.97 41.38
N GLU E 25 44.18 26.94 42.20
CA GLU E 25 45.07 26.72 43.32
C GLU E 25 44.70 25.56 44.23
N GLN E 26 43.46 25.51 44.62
CA GLN E 26 42.95 24.49 45.50
C GLN E 26 42.72 23.15 44.87
N GLY E 27 42.96 23.02 43.59
CA GLY E 27 42.69 21.78 42.90
C GLY E 27 41.81 21.88 41.67
N SER E 28 41.67 20.74 41.00
CA SER E 28 40.97 20.60 39.74
C SER E 28 39.81 19.62 39.90
N GLY E 29 38.84 19.73 39.00
CA GLY E 29 37.72 18.79 39.01
C GLY E 29 36.71 19.11 37.93
N TYR E 30 35.86 18.12 37.68
CA TYR E 30 34.72 18.25 36.77
C TYR E 30 33.47 18.51 37.59
N ALA E 31 32.54 19.24 37.00
CA ALA E 31 31.23 19.46 37.58
C ALA E 31 30.21 19.44 36.46
N ALA E 32 29.18 18.64 36.55
CA ALA E 32 28.22 18.60 35.48
C ALA E 32 27.16 19.64 35.59
N ASP E 33 26.65 20.03 34.44
CA ASP E 33 25.58 20.96 34.39
C ASP E 33 24.33 20.15 34.49
N LYS E 34 24.01 19.73 35.69
CA LYS E 34 22.87 18.88 35.90
C LYS E 34 21.55 19.33 35.34
N GLU E 35 21.43 20.57 34.95
CA GLU E 35 20.16 21.00 34.47
C GLU E 35 20.05 20.91 32.99
N SER E 36 21.05 21.40 32.31
CA SER E 36 21.01 21.32 30.89
C SER E 36 21.02 19.88 30.41
N THR E 37 21.70 18.98 31.08
CA THR E 37 21.71 17.62 30.57
C THR E 37 20.47 16.90 30.89
N GLN E 38 19.72 17.33 31.88
CA GLN E 38 18.52 16.64 32.21
C GLN E 38 17.57 16.91 31.12
N LYS E 39 17.48 18.14 30.67
CA LYS E 39 16.55 18.43 29.58
C LYS E 39 17.01 17.79 28.27
N ALA E 40 18.32 17.66 28.07
CA ALA E 40 18.82 17.00 26.86
C ALA E 40 18.38 15.53 26.89
N ILE E 41 18.55 14.86 28.05
CA ILE E 41 18.08 13.48 28.16
C ILE E 41 16.60 13.42 27.89
N ASP E 42 15.84 14.37 28.46
CA ASP E 42 14.40 14.41 28.21
C ASP E 42 14.11 14.57 26.71
N GLY E 43 14.83 15.47 26.05
CA GLY E 43 14.56 15.70 24.64
C GLY E 43 14.81 14.48 23.78
N VAL E 44 15.95 13.80 23.99
CA VAL E 44 16.26 12.67 23.11
C VAL E 44 15.39 11.46 23.44
N THR E 45 15.06 11.23 24.71
CA THR E 45 14.16 10.12 24.99
C THR E 45 12.75 10.41 24.52
N ASN E 46 12.35 11.70 24.50
CA ASN E 46 11.09 12.05 23.87
C ASN E 46 11.13 11.79 22.37
N LYS E 47 12.28 12.02 21.73
CA LYS E 47 12.40 11.73 20.31
C LYS E 47 12.23 10.24 20.05
N VAL E 48 12.96 9.40 20.80
CA VAL E 48 12.86 7.96 20.63
C VAL E 48 11.42 7.48 20.92
N ASN E 49 10.83 7.96 22.01
CA ASN E 49 9.48 7.55 22.37
C ASN E 49 8.44 8.06 21.40
N SER E 50 8.73 9.13 20.66
CA SER E 50 7.83 9.55 19.58
C SER E 50 7.97 8.63 18.38
N ILE E 51 9.18 8.21 18.07
CA ILE E 51 9.35 7.31 16.90
C ILE E 51 8.72 5.97 17.21
N ILE E 52 8.63 5.60 18.47
CA ILE E 52 8.01 4.28 18.81
C ILE E 52 6.53 4.47 19.05
N ASP E 53 6.15 5.44 19.85
CA ASP E 53 4.74 5.60 20.27
C ASP E 53 3.86 6.15 19.17
N LYS E 54 4.39 6.63 18.05
CA LYS E 54 3.45 7.19 17.05
C LYS E 54 3.06 6.16 15.99
N MET E 55 3.38 4.91 16.24
CA MET E 55 3.02 3.85 15.29
C MET E 55 1.78 3.13 15.81
N ASN E 56 0.62 3.38 15.23
CA ASN E 56 -0.54 2.61 15.70
C ASN E 56 -0.44 1.29 14.97
N THR E 57 -0.55 0.18 15.68
CA THR E 57 -0.54 -1.13 15.01
C THR E 57 -1.99 -1.58 14.97
N GLN E 58 -2.40 -2.18 13.87
CA GLN E 58 -3.77 -2.72 13.77
C GLN E 58 -3.68 -4.23 13.93
N PHE E 59 -4.69 -4.89 14.45
CA PHE E 59 -4.55 -6.36 14.47
C PHE E 59 -4.78 -6.81 13.05
N GLU E 60 -3.79 -7.43 12.42
CA GLU E 60 -3.91 -7.90 11.05
C GLU E 60 -3.25 -9.26 10.96
N ALA E 61 -3.77 -10.14 10.10
CA ALA E 61 -3.18 -11.47 9.97
C ALA E 61 -2.76 -11.71 8.54
N VAL E 62 -1.47 -11.59 8.26
CA VAL E 62 -0.96 -11.83 6.90
C VAL E 62 -0.89 -13.33 6.74
N GLY E 63 -1.70 -13.83 5.83
CA GLY E 63 -1.68 -15.27 5.52
C GLY E 63 -1.82 -15.50 4.04
N ARG E 64 -1.69 -16.70 3.54
CA ARG E 64 -1.82 -16.85 2.10
C ARG E 64 -2.69 -18.00 1.75
N GLU E 65 -3.94 -17.73 1.50
CA GLU E 65 -4.90 -18.82 1.22
C GLU E 65 -5.47 -18.69 -0.19
N PHE E 66 -4.73 -19.08 -1.21
CA PHE E 66 -5.24 -19.01 -2.58
C PHE E 66 -4.82 -20.28 -3.30
N ASN E 67 -5.71 -20.80 -4.17
CA ASN E 67 -5.42 -22.05 -4.85
C ASN E 67 -4.75 -21.81 -6.20
N ASN E 68 -4.46 -22.90 -6.91
CA ASN E 68 -3.64 -22.86 -8.12
C ASN E 68 -4.35 -22.27 -9.32
N LEU E 69 -5.65 -22.00 -9.25
CA LEU E 69 -6.33 -21.21 -10.28
C LEU E 69 -6.71 -19.83 -9.77
N GLU E 70 -6.04 -19.34 -8.73
CA GLU E 70 -6.14 -17.97 -8.26
C GLU E 70 -4.76 -17.33 -8.14
N ARG E 71 -3.81 -17.76 -8.99
CA ARG E 71 -2.45 -17.24 -8.88
C ARG E 71 -2.38 -15.74 -9.12
N ARG E 72 -3.31 -15.19 -9.89
CA ARG E 72 -3.32 -13.74 -10.12
C ARG E 72 -3.63 -12.97 -8.84
N ILE E 73 -4.56 -13.48 -8.05
CA ILE E 73 -4.90 -12.78 -6.82
C ILE E 73 -3.78 -12.94 -5.79
N GLU E 74 -3.12 -14.09 -5.73
CA GLU E 74 -1.90 -14.21 -4.95
C GLU E 74 -0.85 -13.19 -5.38
N ASN E 75 -0.65 -13.06 -6.70
CA ASN E 75 0.33 -12.10 -7.20
C ASN E 75 -0.04 -10.67 -6.81
N LEU E 76 -1.33 -10.35 -6.79
CA LEU E 76 -1.76 -9.01 -6.36
C LEU E 76 -1.49 -8.79 -4.88
N ASN E 77 -1.94 -9.74 -4.04
CA ASN E 77 -1.63 -9.69 -2.62
C ASN E 77 -0.13 -9.55 -2.38
N LYS E 78 0.68 -10.23 -3.19
CA LYS E 78 2.13 -10.20 -3.04
C LYS E 78 2.70 -8.85 -3.45
N LYS E 79 2.21 -8.30 -4.57
CA LYS E 79 2.52 -6.92 -4.94
C LYS E 79 2.29 -5.97 -3.77
N MET E 80 1.15 -6.15 -3.09
CA MET E 80 0.80 -5.28 -1.97
C MET E 80 1.78 -5.45 -0.81
N GLU E 81 2.05 -6.72 -0.45
CA GLU E 81 2.96 -7.00 0.65
C GLU E 81 4.33 -6.39 0.40
N ASP E 82 4.82 -6.52 -0.83
CA ASP E 82 6.13 -6.00 -1.19
C ASP E 82 6.15 -4.48 -1.21
N GLY E 83 5.07 -3.87 -1.71
CA GLY E 83 5.01 -2.41 -1.71
C GLY E 83 5.08 -1.85 -0.31
N PHE E 84 4.31 -2.42 0.61
CA PHE E 84 4.37 -1.95 1.99
C PHE E 84 5.74 -2.22 2.59
N LEU E 85 6.36 -3.34 2.25
CA LEU E 85 7.72 -3.62 2.73
C LEU E 85 8.68 -2.54 2.27
N ASP E 86 8.69 -2.23 0.97
CA ASP E 86 9.59 -1.22 0.44
C ASP E 86 9.36 0.13 1.11
N VAL E 87 8.09 0.53 1.24
CA VAL E 87 7.75 1.81 1.83
C VAL E 87 8.29 1.89 3.25
N TRP E 88 7.99 0.88 4.07
CA TRP E 88 8.35 0.95 5.47
C TRP E 88 9.86 0.92 5.67
N THR E 89 10.59 0.07 4.93
CA THR E 89 12.04 0.06 5.14
C THR E 89 12.66 1.37 4.71
N TYR E 90 12.29 1.88 3.54
CA TYR E 90 12.92 3.14 3.06
C TYR E 90 12.68 4.29 4.05
N ASN E 91 11.49 4.39 4.60
CA ASN E 91 11.14 5.48 5.54
C ASN E 91 11.79 5.27 6.90
N ALA E 92 11.90 4.04 7.34
CA ALA E 92 12.52 3.75 8.66
C ALA E 92 14.01 4.05 8.57
N GLU E 93 14.66 3.67 7.48
CA GLU E 93 16.08 3.94 7.34
C GLU E 93 16.34 5.43 7.22
N LEU E 94 15.54 6.13 6.42
CA LEU E 94 15.79 7.56 6.25
C LEU E 94 15.41 8.36 7.49
N LEU E 95 14.40 7.91 8.22
CA LEU E 95 14.06 8.55 9.49
C LEU E 95 15.22 8.44 10.47
N VAL E 96 15.81 7.26 10.58
CA VAL E 96 16.90 7.10 11.55
C VAL E 96 18.12 7.90 11.12
N LEU E 97 18.44 7.95 9.82
CA LEU E 97 19.56 8.76 9.37
C LEU E 97 19.33 10.25 9.67
N MET E 98 18.16 10.76 9.30
CA MET E 98 17.85 12.18 9.47
C MET E 98 17.94 12.57 10.95
N GLU E 99 17.29 11.81 11.81
CA GLU E 99 17.25 12.24 13.21
C GLU E 99 18.54 11.92 13.96
N ASN E 100 19.38 11.02 13.44
CA ASN E 100 20.71 10.90 14.03
C ASN E 100 21.54 12.14 13.72
N GLU E 101 21.50 12.60 12.46
CA GLU E 101 22.12 13.87 12.12
C GLU E 101 21.63 14.98 13.06
N ARG E 102 20.34 15.09 13.23
CA ARG E 102 19.71 16.06 14.08
C ARG E 102 20.16 15.97 15.51
N THR E 103 20.19 14.80 16.06
CA THR E 103 20.59 14.60 17.45
C THR E 103 22.03 15.02 17.70
N LEU E 104 22.94 14.63 16.80
CA LEU E 104 24.34 15.00 16.98
C LEU E 104 24.51 16.52 16.91
N ASP E 105 23.72 17.18 16.10
CA ASP E 105 23.83 18.66 16.04
C ASP E 105 23.21 19.28 17.29
N PHE E 106 22.22 18.63 17.88
CA PHE E 106 21.58 19.11 19.13
C PHE E 106 22.61 19.10 20.26
N HIS E 107 23.45 18.07 20.29
CA HIS E 107 24.52 17.98 21.31
C HIS E 107 25.60 19.02 21.01
N ASP E 108 25.95 19.20 19.75
CA ASP E 108 26.98 20.18 19.42
C ASP E 108 26.53 21.60 19.77
N SER E 109 25.30 21.95 19.40
CA SER E 109 24.80 23.28 19.66
C SER E 109 24.69 23.54 21.16
N ASN E 110 24.25 22.54 21.92
CA ASN E 110 24.15 22.73 23.37
C ASN E 110 25.51 22.98 24.00
N VAL E 111 26.53 22.24 23.59
CA VAL E 111 27.76 22.55 24.33
C VAL E 111 28.37 23.85 23.80
N LYS E 112 28.12 24.26 22.56
CA LYS E 112 28.60 25.58 22.15
C LYS E 112 27.84 26.70 22.86
N ASN E 113 26.56 26.48 23.17
CA ASN E 113 25.84 27.47 23.97
C ASN E 113 26.42 27.55 25.38
N LEU E 114 26.81 26.41 25.94
CA LEU E 114 27.44 26.44 27.26
C LEU E 114 28.75 27.23 27.23
N TYR E 115 29.53 27.06 26.15
CA TYR E 115 30.76 27.84 26.00
C TYR E 115 30.47 29.34 25.83
N ASP E 116 29.45 29.68 25.04
CA ASP E 116 29.12 31.09 24.81
C ASP E 116 28.65 31.78 26.09
N LYS E 117 27.92 31.04 26.93
CA LYS E 117 27.34 31.66 28.12
C LYS E 117 28.40 32.08 29.12
N VAL E 118 29.57 31.44 29.10
CA VAL E 118 30.67 31.91 29.94
C VAL E 118 31.65 32.81 29.20
N ARG E 119 31.73 32.72 27.87
CA ARG E 119 32.56 33.70 27.15
C ARG E 119 32.00 35.10 27.35
N LEU E 120 30.68 35.23 27.31
CA LEU E 120 29.96 36.48 27.47
C LEU E 120 30.14 37.06 28.87
N GLN E 121 30.24 36.17 29.86
CA GLN E 121 30.44 36.61 31.22
C GLN E 121 31.87 37.07 31.46
N LEU E 122 32.83 36.23 31.05
CA LEU E 122 34.23 36.49 31.40
C LEU E 122 34.77 37.72 30.67
N ARG E 123 34.39 37.92 29.40
CA ARG E 123 34.80 39.12 28.66
C ARG E 123 36.33 39.18 28.63
N ASP E 124 36.90 40.30 29.02
CA ASP E 124 38.36 40.48 28.99
C ASP E 124 39.11 39.88 30.18
N ASN E 125 38.38 39.43 31.20
CA ASN E 125 39.03 38.86 32.38
C ASN E 125 39.63 37.49 32.12
N ALA E 126 39.57 36.97 30.89
CA ALA E 126 40.14 35.67 30.58
C ALA E 126 40.50 35.60 29.10
N LYS E 127 41.38 34.67 28.78
CA LYS E 127 41.87 34.43 27.43
C LYS E 127 41.26 33.14 26.90
N GLU E 128 40.54 33.25 25.78
CA GLU E 128 40.04 32.07 25.07
C GLU E 128 41.21 31.30 24.49
N LEU E 129 41.38 30.05 24.91
CA LEU E 129 42.50 29.25 24.44
C LEU E 129 42.23 28.57 23.11
N GLY E 130 41.03 28.71 22.55
CA GLY E 130 40.74 28.05 21.30
C GLY E 130 40.52 26.56 21.42
N ASN E 131 40.08 26.08 22.58
CA ASN E 131 39.87 24.66 22.78
C ASN E 131 38.77 24.38 23.78
N GLY E 132 37.83 25.31 23.99
CA GLY E 132 36.80 25.15 24.98
C GLY E 132 37.20 25.60 26.36
N CYS E 133 38.41 26.13 26.52
CA CYS E 133 38.95 26.50 27.82
C CYS E 133 39.22 28.00 27.87
N PHE E 134 39.20 28.54 29.10
CA PHE E 134 39.54 29.93 29.37
C PHE E 134 40.65 29.97 30.41
N GLU E 135 41.71 30.74 30.13
CA GLU E 135 42.74 31.00 31.13
C GLU E 135 42.43 32.34 31.79
N PHE E 136 42.13 32.31 33.09
CA PHE E 136 41.79 33.53 33.81
C PHE E 136 42.99 34.46 33.92
N TYR E 137 42.75 35.75 33.80
CA TYR E 137 43.77 36.75 34.04
C TYR E 137 43.92 37.09 35.51
N HIS E 138 43.20 36.38 36.37
CA HIS E 138 43.24 36.60 37.80
C HIS E 138 43.14 35.28 38.57
N LYS E 139 42.98 35.39 39.87
CA LYS E 139 42.78 34.10 40.50
C LYS E 139 41.33 34.01 40.95
N CYS E 140 40.89 32.77 40.77
CA CYS E 140 39.48 32.41 40.74
C CYS E 140 39.28 31.21 41.65
N ASP E 141 38.90 31.47 42.91
CA ASP E 141 38.76 30.40 43.87
C ASP E 141 37.50 29.60 43.57
N ASN E 142 37.20 28.62 44.43
CA ASN E 142 36.14 27.67 44.11
C ASN E 142 34.77 28.35 44.02
N GLU E 143 34.56 29.44 44.77
CA GLU E 143 33.27 30.12 44.64
C GLU E 143 33.21 31.01 43.42
N CYS E 144 34.33 31.57 42.98
CA CYS E 144 34.35 32.25 41.69
C CYS E 144 33.99 31.30 40.56
N MET E 145 34.51 30.06 40.63
CA MET E 145 34.20 29.06 39.63
C MET E 145 32.72 28.66 39.68
N GLU E 146 32.16 28.59 40.88
CA GLU E 146 30.71 28.25 41.01
C GLU E 146 29.88 29.44 40.55
N SER E 147 30.44 30.64 40.65
CA SER E 147 29.80 31.81 40.08
C SER E 147 29.71 31.69 38.56
N VAL E 148 30.81 31.26 37.92
CA VAL E 148 30.84 31.24 36.46
C VAL E 148 29.82 30.23 35.92
N ARG E 149 29.74 29.05 36.55
CA ARG E 149 28.70 28.10 36.16
C ARG E 149 27.31 28.59 36.55
N ASN E 150 27.24 29.41 37.60
CA ASN E 150 25.97 29.97 38.06
C ASN E 150 25.41 31.01 37.09
N GLY E 151 26.33 31.70 36.45
CA GLY E 151 26.00 32.78 35.58
C GLY E 151 26.01 34.10 36.32
N THR E 152 26.40 34.06 37.59
CA THR E 152 26.43 35.23 38.44
C THR E 152 27.86 35.60 38.76
N TYR E 153 28.63 35.98 37.76
CA TYR E 153 30.01 36.31 37.98
C TYR E 153 30.23 37.80 37.96
N ASP E 154 30.99 38.27 38.94
CA ASP E 154 31.32 39.67 39.09
C ASP E 154 32.48 40.09 38.23
N TYR E 155 32.21 40.67 37.07
CA TYR E 155 33.29 41.06 36.22
C TYR E 155 34.14 42.08 36.88
N PRO E 156 33.51 43.17 37.32
CA PRO E 156 34.07 44.33 38.00
C PRO E 156 34.99 43.98 39.13
N GLN E 157 34.60 43.02 39.94
CA GLN E 157 35.38 42.55 41.05
C GLN E 157 36.69 41.93 40.70
N TYR E 158 37.02 41.73 39.45
CA TYR E 158 38.30 41.16 39.16
C TYR E 158 38.95 41.92 38.06
N SER E 159 38.35 43.03 37.67
CA SER E 159 38.83 43.83 36.58
C SER E 159 40.25 44.25 36.74
N GLU E 160 40.51 44.78 37.91
CA GLU E 160 41.81 45.29 38.33
C GLU E 160 42.95 44.36 38.10
N GLU E 161 43.00 43.30 38.88
CA GLU E 161 44.09 42.30 38.78
C GLU E 161 44.26 41.83 37.34
N ALA E 162 43.17 41.46 36.71
CA ALA E 162 43.15 40.96 35.32
C ALA E 162 43.76 42.02 34.43
N ARG E 163 43.31 43.27 34.56
CA ARG E 163 43.85 44.37 33.71
C ARG E 163 45.37 44.39 33.86
N LEU E 164 45.85 44.23 35.09
CA LEU E 164 47.30 44.20 35.27
C LEU E 164 47.91 43.02 34.53
N LYS E 165 47.48 41.83 34.96
CA LYS E 165 48.01 40.55 34.42
C LYS E 165 48.00 40.64 32.90
N ARG E 166 47.13 41.50 32.38
CA ARG E 166 47.05 41.70 30.93
C ARG E 166 48.06 42.78 30.53
N GLU E 167 48.02 43.95 31.17
CA GLU E 167 48.99 45.02 30.87
C GLU E 167 50.41 44.43 30.98
N GLU E 168 50.49 43.24 31.58
CA GLU E 168 51.74 42.46 31.75
C GLU E 168 52.24 41.87 30.45
N ILE E 169 51.63 42.20 29.30
CA ILE E 169 52.43 41.84 28.13
C ILE E 169 52.24 42.94 27.12
N ALA F 1 39.18 46.59 -4.61
CA ALA F 1 37.88 46.37 -3.97
C ALA F 1 37.68 44.89 -3.64
N ILE F 2 37.44 44.57 -2.36
CA ILE F 2 37.25 43.18 -1.93
C ILE F 2 35.92 42.90 -1.23
N ALA F 3 35.41 41.70 -1.36
CA ALA F 3 34.09 41.34 -0.77
C ALA F 3 34.29 40.32 0.36
N GLY F 4 33.20 39.87 0.97
CA GLY F 4 33.25 38.88 2.07
C GLY F 4 32.15 37.84 1.95
N PHE F 5 32.08 36.91 2.90
CA PHE F 5 31.05 35.86 2.86
C PHE F 5 29.66 36.43 3.13
N ILE F 6 29.52 37.26 4.17
CA ILE F 6 28.25 37.88 4.54
C ILE F 6 27.62 38.58 3.34
N GLU F 7 28.44 38.98 2.37
CA GLU F 7 28.15 39.78 1.19
C GLU F 7 27.69 38.95 0.00
N GLY F 8 27.87 37.63 0.05
CA GLY F 8 27.63 36.78 -1.09
C GLY F 8 28.82 35.91 -1.39
N GLY F 9 28.75 35.17 -2.49
CA GLY F 9 29.80 34.27 -2.85
C GLY F 9 30.82 34.87 -3.72
N TRP F 10 31.96 34.22 -3.83
CA TRP F 10 33.01 34.77 -4.63
C TRP F 10 33.18 34.00 -5.88
N GLN F 11 32.94 34.63 -6.99
CA GLN F 11 33.07 33.89 -8.22
C GLN F 11 34.49 33.62 -8.67
N GLY F 12 35.45 34.36 -8.14
CA GLY F 12 36.84 34.18 -8.48
C GLY F 12 37.58 33.24 -7.55
N MET F 13 36.85 32.50 -6.76
CA MET F 13 37.42 31.53 -5.87
C MET F 13 37.00 30.25 -6.55
N VAL F 14 37.90 29.55 -7.19
CA VAL F 14 37.49 28.36 -7.94
C VAL F 14 38.16 27.05 -7.49
N ASP F 15 38.96 27.06 -6.43
CA ASP F 15 39.63 25.82 -6.02
C ASP F 15 39.06 25.24 -4.73
N GLY F 16 37.85 25.63 -4.36
CA GLY F 16 37.18 24.94 -3.28
C GLY F 16 35.77 25.45 -3.06
N TRP F 17 35.19 25.05 -1.93
CA TRP F 17 33.83 25.43 -1.60
C TRP F 17 33.80 26.59 -0.60
N TYR F 18 34.59 26.51 0.45
CA TYR F 18 34.67 27.59 1.42
C TYR F 18 36.11 28.00 1.47
N GLY F 19 36.39 29.28 1.42
CA GLY F 19 37.76 29.71 1.42
C GLY F 19 38.02 31.09 1.96
N TYR F 20 39.23 31.58 1.71
CA TYR F 20 39.69 32.86 2.21
C TYR F 20 40.12 33.82 1.15
N HIS F 21 40.11 35.09 1.48
CA HIS F 21 40.54 36.15 0.58
C HIS F 21 41.18 37.32 1.31
N HIS F 22 42.45 37.60 1.04
CA HIS F 22 43.13 38.70 1.72
C HIS F 22 43.41 39.87 0.83
N SER F 23 44.07 40.87 1.41
CA SER F 23 44.47 42.10 0.74
C SER F 23 45.56 42.74 1.55
N ASN F 24 46.79 42.67 1.08
CA ASN F 24 47.91 43.27 1.77
C ASN F 24 48.55 44.30 0.87
N GLU F 25 49.78 44.67 1.16
CA GLU F 25 50.45 45.68 0.35
C GLU F 25 50.99 45.04 -0.90
N GLN F 26 51.38 43.78 -0.77
CA GLN F 26 51.92 43.08 -1.93
C GLN F 26 50.87 42.41 -2.81
N GLY F 27 49.59 42.54 -2.48
CA GLY F 27 48.54 42.08 -3.39
C GLY F 27 47.46 41.17 -2.84
N SER F 28 46.41 41.00 -3.63
CA SER F 28 45.21 40.29 -3.19
C SER F 28 45.01 39.01 -4.00
N GLY F 29 44.28 38.08 -3.42
CA GLY F 29 44.02 36.81 -4.08
C GLY F 29 43.17 35.90 -3.21
N TYR F 30 42.65 34.86 -3.85
CA TYR F 30 41.83 33.84 -3.21
C TYR F 30 42.62 32.58 -2.90
N ALA F 31 42.25 31.91 -1.81
CA ALA F 31 42.75 30.60 -1.45
C ALA F 31 41.64 29.80 -0.81
N ALA F 32 41.49 28.54 -1.24
CA ALA F 32 40.45 27.67 -0.70
C ALA F 32 40.98 26.91 0.50
N ASP F 33 40.14 26.78 1.52
CA ASP F 33 40.38 25.93 2.68
C ASP F 33 39.95 24.50 2.36
N LYS F 34 40.92 23.66 2.14
CA LYS F 34 40.68 22.30 1.78
C LYS F 34 39.95 21.40 2.73
N GLU F 35 40.33 21.34 4.01
CA GLU F 35 39.63 20.43 4.92
C GLU F 35 38.17 20.70 5.01
N SER F 36 37.82 21.96 5.12
CA SER F 36 36.43 22.32 5.21
C SER F 36 35.71 21.95 3.95
N THR F 37 36.35 22.11 2.81
CA THR F 37 35.70 21.78 1.53
C THR F 37 35.58 20.28 1.42
N GLN F 38 36.63 19.54 1.66
CA GLN F 38 36.53 18.11 1.52
C GLN F 38 35.52 17.62 2.48
N LYS F 39 35.47 18.16 3.67
CA LYS F 39 34.50 17.68 4.62
C LYS F 39 33.09 17.88 4.14
N ALA F 40 32.81 19.01 3.50
CA ALA F 40 31.49 19.23 2.96
C ALA F 40 31.17 18.36 1.74
N ILE F 41 32.15 18.20 0.83
CA ILE F 41 31.92 17.35 -0.33
C ILE F 41 31.61 15.93 0.10
N ASP F 42 32.38 15.41 1.06
CA ASP F 42 32.11 14.06 1.58
C ASP F 42 30.71 13.97 2.17
N GLY F 43 30.32 14.94 2.99
CA GLY F 43 29.01 14.88 3.61
C GLY F 43 27.88 14.93 2.60
N VAL F 44 27.99 15.79 1.60
CA VAL F 44 26.88 15.96 0.66
C VAL F 44 26.78 14.76 -0.28
N THR F 45 27.91 14.22 -0.74
CA THR F 45 27.82 13.03 -1.58
C THR F 45 27.40 11.81 -0.77
N ASN F 46 27.74 11.77 0.52
CA ASN F 46 27.23 10.71 1.38
C ASN F 46 25.72 10.83 1.55
N LYS F 47 25.21 12.06 1.63
CA LYS F 47 23.77 12.25 1.74
C LYS F 47 23.05 11.77 0.49
N VAL F 48 23.52 12.21 -0.69
CA VAL F 48 22.90 11.77 -1.94
C VAL F 48 22.97 10.24 -2.07
N ASN F 49 24.14 9.67 -1.79
CA ASN F 49 24.31 8.23 -1.89
C ASN F 49 23.49 7.48 -0.85
N SER F 50 23.12 8.14 0.26
CA SER F 50 22.19 7.51 1.20
C SER F 50 20.77 7.55 0.67
N ILE F 51 20.36 8.70 0.13
CA ILE F 51 19.04 8.82 -0.47
C ILE F 51 18.85 7.77 -1.56
N ILE F 52 19.91 7.48 -2.32
CA ILE F 52 19.81 6.55 -3.43
C ILE F 52 20.00 5.10 -2.98
N ASP F 53 21.05 4.83 -2.20
CA ASP F 53 21.36 3.42 -1.84
C ASP F 53 20.50 2.87 -0.73
N LYS F 54 19.56 3.64 -0.18
CA LYS F 54 18.75 3.04 0.89
C LYS F 54 17.45 2.54 0.29
N MET F 55 17.36 2.52 -1.03
CA MET F 55 16.07 2.15 -1.63
C MET F 55 16.02 0.64 -1.84
N ASN F 56 15.02 0.00 -1.24
CA ASN F 56 14.81 -1.46 -1.45
C ASN F 56 14.20 -1.60 -2.83
N THR F 57 14.80 -2.41 -3.68
CA THR F 57 14.20 -2.57 -5.02
C THR F 57 13.90 -4.06 -5.18
N GLN F 58 12.67 -4.42 -5.45
CA GLN F 58 12.36 -5.86 -5.61
C GLN F 58 11.98 -6.12 -7.07
N PHE F 59 12.13 -7.34 -7.55
CA PHE F 59 11.63 -7.59 -8.93
C PHE F 59 10.13 -7.71 -8.87
N GLU F 60 9.41 -6.85 -9.58
CA GLU F 60 7.95 -6.89 -9.58
C GLU F 60 7.43 -6.53 -10.96
N ALA F 61 6.32 -7.12 -11.36
CA ALA F 61 5.77 -6.82 -12.69
C ALA F 61 4.40 -6.17 -12.56
N VAL F 62 4.27 -4.94 -13.01
CA VAL F 62 3.06 -4.17 -12.86
C VAL F 62 1.86 -4.48 -13.71
N GLY F 63 2.06 -5.04 -14.89
CA GLY F 63 0.95 -5.40 -15.76
C GLY F 63 -0.25 -6.08 -15.15
N ARG F 64 -1.42 -5.78 -15.69
CA ARG F 64 -2.67 -6.28 -15.14
C ARG F 64 -3.60 -7.02 -16.06
N GLU F 65 -4.11 -8.13 -15.60
CA GLU F 65 -5.06 -8.83 -16.41
C GLU F 65 -6.18 -9.44 -15.66
N PHE F 66 -7.30 -8.79 -15.75
CA PHE F 66 -8.58 -9.19 -15.12
C PHE F 66 -9.62 -9.10 -16.22
N ASN F 67 -10.62 -9.98 -16.21
CA ASN F 67 -11.60 -9.96 -17.33
C ASN F 67 -12.76 -9.00 -17.12
N ASN F 68 -13.75 -9.10 -18.01
CA ASN F 68 -14.87 -8.17 -18.04
C ASN F 68 -15.89 -8.39 -16.92
N LEU F 69 -15.83 -9.50 -16.19
CA LEU F 69 -16.57 -9.66 -14.95
C LEU F 69 -15.65 -9.80 -13.73
N GLU F 70 -14.44 -9.26 -13.81
CA GLU F 70 -13.53 -9.14 -12.67
C GLU F 70 -13.17 -7.68 -12.46
N ARG F 71 -14.10 -6.78 -12.83
CA ARG F 71 -13.85 -5.35 -12.74
C ARG F 71 -13.59 -4.89 -11.30
N ARG F 72 -14.18 -5.59 -10.32
CA ARG F 72 -13.95 -5.18 -8.93
C ARG F 72 -12.51 -5.41 -8.51
N ILE F 73 -11.94 -6.56 -8.90
CA ILE F 73 -10.55 -6.85 -8.54
C ILE F 73 -9.59 -5.97 -9.32
N GLU F 74 -9.90 -5.69 -10.60
CA GLU F 74 -9.14 -4.69 -11.34
C GLU F 74 -9.15 -3.35 -10.61
N ASN F 75 -10.33 -2.92 -10.17
CA ASN F 75 -10.45 -1.66 -9.43
C ASN F 75 -9.67 -1.70 -8.12
N LEU F 76 -9.61 -2.86 -7.48
CA LEU F 76 -8.83 -3.01 -6.25
C LEU F 76 -7.33 -2.85 -6.53
N ASN F 77 -6.83 -3.56 -7.54
CA ASN F 77 -5.46 -3.37 -8.00
C ASN F 77 -5.17 -1.91 -8.30
N LYS F 78 -6.09 -1.21 -8.93
CA LYS F 78 -5.90 0.17 -9.27
C LYS F 78 -5.72 1.06 -8.07
N LYS F 79 -6.54 0.87 -7.06
CA LYS F 79 -6.52 1.58 -5.80
C LYS F 79 -5.21 1.42 -5.09
N MET F 80 -4.68 0.21 -5.17
CA MET F 80 -3.46 -0.19 -4.54
C MET F 80 -2.30 0.47 -5.17
N GLU F 81 -2.30 0.57 -6.46
CA GLU F 81 -1.20 1.16 -7.11
C GLU F 81 -1.27 2.63 -7.15
N ASP F 82 -2.44 3.15 -7.00
CA ASP F 82 -2.63 4.56 -6.97
C ASP F 82 -2.21 5.04 -5.63
N GLY F 83 -2.50 4.25 -4.62
CA GLY F 83 -2.13 4.57 -3.28
C GLY F 83 -0.67 4.60 -3.07
N PHE F 84 0.07 3.75 -3.73
CA PHE F 84 1.51 3.71 -3.58
C PHE F 84 2.16 4.83 -4.34
N LEU F 85 1.50 5.31 -5.38
CA LEU F 85 1.99 6.37 -6.16
C LEU F 85 1.80 7.63 -5.41
N ASP F 86 0.65 7.80 -4.80
CA ASP F 86 0.50 9.00 -3.98
C ASP F 86 1.52 9.01 -2.85
N VAL F 87 1.70 7.85 -2.19
CA VAL F 87 2.65 7.77 -1.07
C VAL F 87 4.05 8.13 -1.56
N TRP F 88 4.51 7.48 -2.62
CA TRP F 88 5.88 7.68 -3.08
C TRP F 88 6.10 9.09 -3.60
N THR F 89 5.10 9.65 -4.31
CA THR F 89 5.26 10.99 -4.85
C THR F 89 5.37 12.02 -3.73
N TYR F 90 4.46 11.93 -2.76
CA TYR F 90 4.48 12.84 -1.63
C TYR F 90 5.79 12.74 -0.85
N ASN F 91 6.18 11.51 -0.52
CA ASN F 91 7.37 11.31 0.30
C ASN F 91 8.63 11.75 -0.43
N ALA F 92 8.72 11.50 -1.73
CA ALA F 92 9.93 11.88 -2.46
C ALA F 92 9.97 13.39 -2.59
N GLU F 93 8.83 14.01 -2.91
CA GLU F 93 8.82 15.46 -3.05
C GLU F 93 9.18 16.14 -1.73
N LEU F 94 8.63 15.66 -0.61
CA LEU F 94 8.93 16.33 0.65
C LEU F 94 10.30 15.98 1.22
N LEU F 95 10.81 14.78 0.93
CA LEU F 95 12.16 14.41 1.34
C LEU F 95 13.18 15.34 0.72
N VAL F 96 13.06 15.60 -0.59
CA VAL F 96 14.04 16.47 -1.23
C VAL F 96 13.92 17.90 -0.69
N LEU F 97 12.69 18.36 -0.40
CA LEU F 97 12.54 19.69 0.18
C LEU F 97 13.25 19.79 1.53
N MET F 98 12.98 18.84 2.44
CA MET F 98 13.58 18.89 3.77
C MET F 98 15.10 18.86 3.69
N GLU F 99 15.65 17.95 2.87
CA GLU F 99 17.09 17.81 2.87
C GLU F 99 17.78 18.93 2.10
N ASN F 100 17.08 19.62 1.21
CA ASN F 100 17.64 20.81 0.58
C ASN F 100 17.75 21.96 1.59
N GLU F 101 16.74 22.11 2.41
CA GLU F 101 16.75 23.15 3.46
C GLU F 101 17.95 22.90 4.36
N ARG F 102 18.21 21.64 4.66
CA ARG F 102 19.29 21.23 5.58
C ARG F 102 20.64 21.34 4.90
N THR F 103 20.72 21.13 3.59
CA THR F 103 22.04 21.22 2.92
C THR F 103 22.47 22.68 2.89
N LEU F 104 21.55 23.58 2.63
CA LEU F 104 21.91 24.99 2.61
C LEU F 104 22.30 25.47 4.00
N ASP F 105 21.59 24.99 5.04
CA ASP F 105 22.01 25.36 6.39
C ASP F 105 23.37 24.76 6.75
N PHE F 106 23.69 23.59 6.21
CA PHE F 106 25.01 22.99 6.39
C PHE F 106 26.11 23.88 5.85
N HIS F 107 25.93 24.39 4.64
CA HIS F 107 26.92 25.29 4.05
C HIS F 107 27.09 26.55 4.91
N ASP F 108 26.01 27.12 5.36
CA ASP F 108 26.11 28.29 6.16
C ASP F 108 26.85 28.11 7.42
N SER F 109 26.64 26.98 8.07
CA SER F 109 27.27 26.65 9.32
C SER F 109 28.74 26.39 9.16
N ASN F 110 29.10 25.84 8.04
CA ASN F 110 30.47 25.54 7.76
C ASN F 110 31.21 26.80 7.51
N VAL F 111 30.57 27.68 6.78
CA VAL F 111 31.18 28.96 6.48
C VAL F 111 31.39 29.77 7.77
N LYS F 112 30.38 29.71 8.68
CA LYS F 112 30.54 30.47 9.92
C LYS F 112 31.52 29.82 10.90
N ASN F 113 31.65 28.49 10.84
CA ASN F 113 32.69 27.82 11.64
C ASN F 113 34.08 28.26 11.20
N LEU F 114 34.31 28.36 9.89
CA LEU F 114 35.60 28.82 9.40
C LEU F 114 35.88 30.25 9.85
N TYR F 115 34.86 31.05 9.90
CA TYR F 115 35.05 32.40 10.31
C TYR F 115 35.35 32.48 11.77
N ASP F 116 34.80 31.58 12.57
CA ASP F 116 35.05 31.60 14.00
C ASP F 116 36.43 31.14 14.32
N LYS F 117 36.94 30.25 13.50
CA LYS F 117 38.26 29.71 13.69
C LYS F 117 39.29 30.78 13.62
N VAL F 118 39.17 31.69 12.67
CA VAL F 118 40.13 32.76 12.56
C VAL F 118 39.82 33.92 13.46
N ARG F 119 38.62 33.92 14.03
CA ARG F 119 38.21 34.99 14.93
C ARG F 119 38.87 34.77 16.28
N LEU F 120 39.12 33.50 16.59
CA LEU F 120 39.75 33.09 17.82
C LEU F 120 41.23 33.28 17.78
N GLN F 121 41.78 33.09 16.60
CA GLN F 121 43.15 33.28 16.39
C GLN F 121 43.52 34.74 16.38
N LEU F 122 42.78 35.63 15.73
CA LEU F 122 43.32 36.99 15.74
C LEU F 122 43.08 37.70 17.07
N ARG F 123 42.00 37.36 17.79
CA ARG F 123 41.68 38.01 19.09
C ARG F 123 41.62 39.54 18.94
N ASP F 124 42.51 40.26 19.61
CA ASP F 124 42.51 41.72 19.55
C ASP F 124 43.40 42.28 18.47
N ASN F 125 44.09 41.44 17.71
CA ASN F 125 44.94 42.01 16.67
C ASN F 125 44.22 42.29 15.36
N ALA F 126 42.90 42.21 15.35
CA ALA F 126 42.17 42.61 14.16
C ALA F 126 40.77 43.03 14.57
N LYS F 127 40.14 43.80 13.69
CA LYS F 127 38.81 44.34 13.91
C LYS F 127 37.83 43.60 13.02
N GLU F 128 36.78 43.03 13.63
CA GLU F 128 35.75 42.36 12.86
C GLU F 128 35.03 43.50 12.12
N LEU F 129 34.99 43.44 10.80
CA LEU F 129 34.38 44.52 10.03
C LEU F 129 32.88 44.33 9.83
N GLY F 130 32.29 43.28 10.39
CA GLY F 130 30.85 43.07 10.29
C GLY F 130 30.38 42.60 8.93
N ASN F 131 31.26 41.95 8.16
CA ASN F 131 30.86 41.46 6.84
C ASN F 131 31.65 40.22 6.44
N GLY F 132 32.16 39.46 7.40
CA GLY F 132 33.00 38.31 7.12
C GLY F 132 34.46 38.61 6.98
N CYS F 133 34.88 39.86 7.20
CA CYS F 133 36.26 40.26 7.04
C CYS F 133 36.82 40.75 8.38
N PHE F 134 38.14 40.66 8.50
CA PHE F 134 38.88 41.20 9.62
C PHE F 134 39.89 42.19 9.09
N GLU F 135 39.88 43.40 9.61
CA GLU F 135 40.89 44.38 9.25
C GLU F 135 42.00 44.35 10.28
N PHE F 136 43.20 44.00 9.82
CA PHE F 136 44.34 43.83 10.71
C PHE F 136 44.75 45.16 11.34
N TYR F 137 45.10 45.10 12.63
CA TYR F 137 45.66 46.24 13.33
C TYR F 137 47.17 46.36 13.13
N HIS F 138 47.70 45.48 12.28
CA HIS F 138 49.15 45.45 11.96
C HIS F 138 49.32 45.06 10.50
N LYS F 139 50.55 44.81 10.09
CA LYS F 139 50.71 44.48 8.66
C LYS F 139 50.84 42.97 8.51
N CYS F 140 50.05 42.45 7.57
CA CYS F 140 50.28 40.99 7.37
C CYS F 140 50.54 40.71 5.89
N ASP F 141 51.76 40.27 5.56
CA ASP F 141 52.17 40.00 4.16
C ASP F 141 51.59 38.70 3.62
N ASN F 142 51.70 38.53 2.32
CA ASN F 142 51.14 37.37 1.70
C ASN F 142 51.67 36.08 2.33
N GLU F 143 52.81 36.11 2.98
CA GLU F 143 53.28 34.89 3.61
C GLU F 143 52.62 34.81 4.96
N CYS F 144 52.64 35.93 5.64
CA CYS F 144 51.93 36.10 6.93
C CYS F 144 50.48 35.66 6.80
N MET F 145 49.89 35.68 5.61
CA MET F 145 48.51 35.27 5.53
C MET F 145 48.42 33.77 5.34
N GLU F 146 49.51 33.14 4.99
CA GLU F 146 49.38 31.67 4.87
C GLU F 146 49.05 31.18 6.27
N SER F 147 49.87 31.63 7.23
CA SER F 147 49.77 31.30 8.67
C SER F 147 48.33 31.29 9.17
N VAL F 148 47.55 32.34 8.89
CA VAL F 148 46.16 32.38 9.41
C VAL F 148 45.34 31.25 8.77
N ARG F 149 45.58 30.98 7.49
CA ARG F 149 44.89 29.86 6.79
C ARG F 149 45.52 28.54 7.23
N ASN F 150 46.78 28.59 7.68
CA ASN F 150 47.57 27.43 8.19
C ASN F 150 47.13 27.07 9.61
N GLY F 151 46.38 27.94 10.30
CA GLY F 151 45.94 27.65 11.68
C GLY F 151 47.10 27.81 12.63
N THR F 152 48.26 28.15 12.07
CA THR F 152 49.52 28.30 12.78
C THR F 152 49.87 29.78 12.96
N TYR F 153 48.89 30.63 13.23
CA TYR F 153 49.15 32.05 13.37
C TYR F 153 49.75 32.36 14.73
N ASP F 154 50.87 33.07 14.75
CA ASP F 154 51.54 33.41 16.00
C ASP F 154 51.03 34.72 16.51
N TYR F 155 50.25 34.68 17.56
CA TYR F 155 49.69 35.90 18.07
C TYR F 155 50.78 36.82 18.54
N PRO F 156 51.62 36.36 19.47
CA PRO F 156 52.72 37.05 20.14
C PRO F 156 53.42 38.10 19.29
N GLN F 157 53.89 37.67 18.14
CA GLN F 157 54.61 38.51 17.20
C GLN F 157 54.09 39.91 17.01
N TYR F 158 52.79 40.11 17.11
CA TYR F 158 52.27 41.44 16.89
C TYR F 158 51.49 42.02 18.03
N SER F 159 51.44 41.30 19.14
CA SER F 159 50.68 41.78 20.26
C SER F 159 50.85 43.28 20.37
N GLU F 160 52.01 43.72 20.82
CA GLU F 160 52.27 45.15 20.99
C GLU F 160 52.24 45.96 19.70
N GLU F 161 52.77 45.39 18.62
CA GLU F 161 52.77 46.05 17.32
C GLU F 161 51.35 46.41 16.98
N ALA F 162 50.42 45.49 17.27
CA ALA F 162 49.01 45.74 17.03
C ALA F 162 48.47 46.76 18.03
N ARG F 163 48.78 46.55 19.32
CA ARG F 163 48.30 47.46 20.35
C ARG F 163 48.54 48.92 19.98
N LEU F 164 49.66 49.23 19.34
CA LEU F 164 49.97 50.66 19.06
C LEU F 164 48.96 51.29 18.10
N LYS F 165 48.68 50.63 16.98
CA LYS F 165 47.79 51.19 15.92
C LYS F 165 46.36 51.46 16.38
N ARG F 166 45.80 50.60 17.23
CA ARG F 166 44.47 50.61 17.86
C ARG F 166 44.40 51.79 18.83
N GLU F 167 45.57 52.13 19.37
CA GLU F 167 45.55 53.15 20.46
C GLU F 167 45.62 54.47 19.72
N GLU F 168 46.29 54.55 18.57
CA GLU F 168 46.35 55.75 17.72
C GLU F 168 45.11 55.80 16.81
N ILE F 169 43.90 56.03 17.33
CA ILE F 169 42.71 56.14 16.46
C ILE F 169 41.81 57.24 16.96
C1 NAG G . -0.94 18.45 25.59
C2 NAG G . -0.73 17.51 24.41
C3 NAG G . -2.01 16.75 24.14
C4 NAG G . -2.44 16.00 25.41
C5 NAG G . -2.53 16.97 26.59
C6 NAG G . -2.77 16.23 27.91
C7 NAG G . -1.09 19.20 22.72
C8 NAG G . -0.82 19.56 21.29
N2 NAG G . -0.32 18.26 23.24
O3 NAG G . -1.79 15.85 23.06
O4 NAG G . -3.71 15.41 25.13
O5 NAG G . -1.31 17.72 26.75
O6 NAG G . -1.55 15.67 28.40
O7 NAG G . -1.96 19.76 23.38
C1 NAG G . -3.81 14.02 25.55
C2 NAG G . -2.43 13.38 25.75
C3 NAG G . -2.40 12.15 26.66
C4 NAG G . -3.50 12.11 27.73
C5 NAG G . -4.82 12.57 27.10
C6 NAG G . -6.00 12.49 28.07
C7 NAG G . -0.62 13.05 24.15
C8 NAG G . -0.32 12.99 22.68
N2 NAG G . -1.92 12.95 24.46
O3 NAG G . -1.13 12.08 27.32
O4 NAG G . -3.62 10.77 28.22
O5 NAG G . -4.64 13.91 26.69
O6 NAG G . -5.98 13.62 28.94
O7 NAG G . 0.24 13.20 24.99
C1 NAG H . -28.33 -6.12 -36.54
C2 NAG H . -27.56 -7.29 -37.12
C3 NAG H . -26.37 -6.79 -37.93
C4 NAG H . -26.79 -5.74 -38.95
C5 NAG H . -27.63 -4.66 -38.28
C6 NAG H . -28.19 -3.67 -39.28
C7 NAG H . -26.67 -9.37 -36.30
C8 NAG H . -26.87 -10.36 -35.19
N2 NAG H . -27.10 -8.14 -36.06
O3 NAG H . -25.78 -7.89 -38.62
O4 NAG H . -25.61 -5.16 -39.49
O5 NAG H . -28.72 -5.25 -37.60
O6 NAG H . -29.28 -4.28 -39.99
O7 NAG H . -26.14 -9.67 -37.36
C1 NAG H . -25.66 -5.23 -40.92
C2 NAG H . -24.95 -4.01 -41.48
C3 NAG H . -25.05 -4.02 -43.00
C4 NAG H . -24.55 -5.35 -43.56
C5 NAG H . -25.23 -6.52 -42.84
C6 NAG H . -24.64 -7.84 -43.32
C7 NAG H . -24.89 -2.08 -40.02
C8 NAG H . -25.46 -0.72 -39.75
N2 NAG H . -25.51 -2.80 -40.95
O3 NAG H . -24.25 -2.95 -43.53
O4 NAG H . -24.83 -5.43 -44.94
O5 NAG H . -25.05 -6.40 -41.45
O6 NAG H . -25.67 -8.64 -43.92
O7 NAG H . -23.91 -2.50 -39.43
C1 BMA H . -23.60 -5.38 -45.67
C2 BMA H . -23.72 -6.25 -46.90
C3 BMA H . -22.45 -6.20 -47.73
C4 BMA H . -22.04 -4.75 -48.00
C5 BMA H . -22.02 -3.94 -46.71
C6 BMA H . -21.72 -2.47 -46.99
O2 BMA H . -24.81 -5.78 -47.71
O3 BMA H . -22.67 -6.89 -48.96
O4 BMA H . -20.75 -4.73 -48.60
O5 BMA H . -23.29 -4.05 -46.08
O6 BMA H . -21.39 -1.79 -45.78
C1 NAG I . -7.01 37.53 22.71
C2 NAG I . -8.29 37.90 23.47
C3 NAG I . -9.43 38.25 22.52
C4 NAG I . -8.90 39.37 21.63
C5 NAG I . -7.74 38.81 20.82
C6 NAG I . -7.27 39.81 19.77
C7 NAG I . -9.76 36.92 25.10
C8 NAG I . -10.13 35.69 25.88
N2 NAG I . -8.68 36.82 24.34
O3 NAG I . -10.56 38.71 23.25
O4 NAG I . -9.95 39.91 20.82
O5 NAG I . -6.68 38.52 21.72
O6 NAG I . -7.95 39.54 18.52
O7 NAG I . -10.42 37.94 25.14
C1 NAG I . -10.12 41.27 21.27
C2 NAG I . -11.21 42.03 20.53
C3 NAG I . -11.24 43.46 21.07
C4 NAG I . -11.49 43.45 22.57
C5 NAG I . -11.48 42.04 23.14
C6 NAG I . -12.74 41.25 22.80
C7 NAG I . -9.83 42.15 18.51
C8 NAG I . -9.78 41.75 17.06
N2 NAG I . -11.01 42.01 19.08
O3 NAG I . -12.26 44.20 20.39
O4 NAG I . -10.48 44.24 23.23
O5 NAG I . -10.31 41.34 22.70
O6 NAG I . -12.66 39.95 23.42
O7 NAG I . -8.85 42.59 19.10
C1 NAG J . -57.49 -24.05 -27.25
C2 NAG J . -58.43 -23.19 -28.08
C3 NAG J . -59.34 -24.01 -29.00
C4 NAG J . -58.53 -25.06 -29.76
C5 NAG J . -57.74 -25.89 -28.76
C6 NAG J . -56.93 -27.01 -29.39
C7 NAG J . -59.21 -21.05 -27.24
C8 NAG J . -59.78 -20.35 -26.05
N2 NAG J . -59.25 -22.38 -27.20
O3 NAG J . -60.00 -23.14 -29.91
O4 NAG J . -59.43 -25.86 -30.55
O5 NAG J . -56.84 -25.01 -28.08
O6 NAG J . -56.01 -26.45 -30.33
O7 NAG J . -58.75 -20.44 -28.19
C1 NAG J . -58.96 -25.98 -31.92
C2 NAG J . -60.10 -26.21 -32.89
C3 NAG J . -59.56 -26.39 -34.32
C4 NAG J . -58.53 -25.33 -34.67
C5 NAG J . -57.47 -25.25 -33.57
C6 NAG J . -56.43 -24.17 -33.87
C7 NAG J . -60.49 -28.59 -32.97
C8 NAG J . -61.60 -29.58 -33.11
N2 NAG J . -60.83 -27.38 -32.51
O3 NAG J . -60.63 -26.33 -35.26
O4 NAG J . -57.93 -25.66 -35.92
O5 NAG J . -58.13 -24.91 -32.35
O6 NAG J . -55.72 -23.86 -32.66
O7 NAG J . -59.34 -28.86 -33.25
C1 NAG K . 31.25 0.20 9.48
C2 NAG K . 32.13 -0.21 8.31
C3 NAG K . 32.02 -1.68 7.95
C4 NAG K . 31.98 -2.59 9.18
C5 NAG K . 31.10 -2.02 10.29
C6 NAG K . 31.18 -2.87 11.56
C7 NAG K . 31.94 0.10 5.93
C8 NAG K . 30.75 0.25 5.02
N2 NAG K . 31.79 0.59 7.15
O3 NAG K . 33.16 -1.98 7.13
O4 NAG K . 31.45 -3.90 8.85
O5 NAG K . 31.49 -0.68 10.57
O6 NAG K . 32.23 -2.40 12.43
O7 NAG K . 32.98 -0.42 5.57
C1 NAG K . 32.45 -4.84 8.41
C2 NAG K . 32.25 -5.06 6.92
C3 NAG K . 33.18 -6.16 6.44
C4 NAG K . 34.62 -5.75 6.72
C5 NAG K . 34.83 -5.28 8.16
C6 NAG K . 36.15 -4.52 8.28
C7 NAG K . 30.07 -4.49 6.01
C8 NAG K . 28.60 -4.64 6.29
N2 NAG K . 30.86 -5.38 6.62
O3 NAG K . 32.99 -6.38 5.04
O4 NAG K . 35.48 -6.87 6.45
O5 NAG K . 33.80 -4.40 8.62
O6 NAG K . 35.99 -3.18 7.80
O7 NAG K . 30.51 -3.63 5.27
C1 NAG L . -37.97 -24.69 11.98
C2 NAG L . -38.78 -24.07 10.86
C3 NAG L . -39.36 -22.74 11.33
C4 NAG L . -40.06 -22.87 12.68
C5 NAG L . -39.23 -23.65 13.68
C6 NAG L . -39.96 -24.05 14.95
C7 NAG L . -38.36 -24.19 8.48
C8 NAG L . -37.84 -23.34 7.37
N2 NAG L . -37.94 -23.87 9.70
O3 NAG L . -40.27 -22.24 10.34
O4 NAG L . -40.29 -21.55 13.15
O5 NAG L . -38.82 -24.87 13.08
O6 NAG L . -41.17 -24.73 14.59
O7 NAG L . -39.12 -25.13 8.29
C1 NAG L . -41.65 -21.43 13.60
C2 NAG L . -41.69 -20.52 14.82
C3 NAG L . -43.12 -20.21 15.26
C4 NAG L . -44.11 -20.08 14.12
C5 NAG L . -43.88 -21.11 13.03
C6 NAG L . -44.83 -20.90 11.86
C7 NAG L . -39.73 -20.84 16.25
C8 NAG L . -39.12 -21.74 17.29
N2 NAG L . -40.99 -21.13 15.92
O3 NAG L . -43.10 -18.98 16.01
O4 NAG L . -45.43 -20.23 14.63
O5 NAG L . -42.54 -21.01 12.58
O6 NAG L . -44.32 -21.54 10.69
O7 NAG L . -39.11 -19.92 15.76
C1 BMA L . -46.15 -18.99 14.47
C2 BMA L . -47.38 -19.01 15.38
C3 BMA L . -48.16 -17.70 15.26
C4 BMA L . -47.23 -16.51 15.42
C5 BMA L . -46.05 -16.64 14.46
C6 BMA L . -45.10 -15.46 14.58
O2 BMA L . -46.95 -19.21 16.73
O3 BMA L . -49.17 -17.67 16.27
O4 BMA L . -47.94 -15.30 15.16
O5 BMA L . -45.36 -17.84 14.74
O6 BMA L . -44.44 -15.24 13.32
C1 NAG M . 32.11 -0.54 30.47
C2 NAG M . 32.52 -1.96 30.86
C3 NAG M . 31.48 -2.62 31.74
C4 NAG M . 31.10 -1.71 32.91
C5 NAG M . 30.80 -0.30 32.44
C6 NAG M . 30.59 0.67 33.61
C7 NAG M . 33.84 -3.42 29.47
C8 NAG M . 34.46 -3.27 28.12
N2 NAG M . 32.71 -2.74 29.66
O3 NAG M . 31.98 -3.86 32.24
O4 NAG M . 29.97 -2.28 33.57
O5 NAG M . 31.89 0.19 31.67
O6 NAG M . 31.87 0.98 34.19
O7 NAG M . 34.33 -4.11 30.35
C1 NAG M . 30.25 -2.43 34.96
C2 NAG M . 29.28 -3.39 35.61
C3 NAG M . 29.50 -3.45 37.12
C4 NAG M . 30.97 -3.36 37.54
C5 NAG M . 31.86 -2.54 36.62
C6 NAG M . 33.33 -2.80 36.89
C7 NAG M . 27.59 -1.69 35.66
C8 NAG M . 26.46 -1.56 36.63
N2 NAG M . 27.93 -2.94 35.35
O3 NAG M . 28.96 -4.69 37.61
O4 NAG M . 30.99 -2.77 38.84
O5 NAG M . 31.58 -2.84 35.25
O6 NAG M . 33.96 -1.59 37.34
O7 NAG M . 28.16 -0.73 35.18
C1 NAG N . -35.48 -58.47 0.50
C2 NAG N . -35.44 -59.37 1.73
C3 NAG N . -36.27 -60.62 1.52
C4 NAG N . -37.67 -60.25 1.02
C5 NAG N . -37.53 -59.38 -0.23
C6 NAG N . -38.85 -59.02 -0.90
C7 NAG N . -33.62 -60.94 2.11
C8 NAG N . -32.38 -61.21 1.33
N2 NAG N . -34.06 -59.69 2.06
O3 NAG N . -36.35 -61.37 2.73
O4 NAG N . -38.38 -61.46 0.74
O5 NAG N . -36.83 -58.20 0.14
O6 NAG N . -39.38 -57.78 -0.41
O7 NAG N . -34.18 -61.81 2.76
C1 NAG N . -39.71 -61.46 1.31
C2 NAG N . -39.85 -60.49 2.49
C3 NAG N . -40.70 -59.23 2.26
C4 NAG N . -41.72 -59.35 1.13
C5 NAG N . -41.95 -60.81 0.76
C6 NAG N . -42.99 -60.94 -0.33
C7 NAG N . -40.95 -62.40 3.49
C8 NAG N . -40.31 -63.50 4.31
N2 NAG N . -40.41 -61.20 3.62
O3 NAG N . -39.85 -58.11 2.02
O4 NAG N . -42.96 -58.78 1.58
O5 NAG N . -40.71 -61.35 0.31
O6 NAG N . -42.39 -60.77 -1.63
O7 NAG N . -41.91 -62.61 2.77
C1 NAG O . 10.42 29.32 -10.73
C2 NAG O . 9.15 30.14 -10.82
C3 NAG O . 8.20 29.51 -11.82
C4 NAG O . 8.93 29.37 -13.15
C5 NAG O . 10.18 28.52 -12.96
C6 NAG O . 10.91 28.28 -14.27
C7 NAG O . 7.70 31.23 -9.22
C8 NAG O . 7.83 31.78 -7.83
N2 NAG O . 8.52 30.23 -9.52
O3 NAG O . 7.03 30.34 -11.95
O4 NAG O . 8.09 28.79 -14.16
O5 NAG O . 11.02 29.19 -12.02
O6 NAG O . 11.96 29.22 -14.48
O7 NAG O . 6.89 31.66 -10.02
C1 NAG O . 7.52 29.76 -15.06
C2 NAG O . 8.57 30.70 -15.68
C3 NAG O . 8.31 30.97 -17.17
C4 NAG O . 6.82 31.12 -17.45
C5 NAG O . 6.01 29.95 -16.89
C6 NAG O . 5.34 29.16 -18.00
C7 NAG O . 9.80 32.44 -14.58
C8 NAG O . 9.87 32.71 -13.11
N2 NAG O . 8.63 31.99 -15.03
O3 NAG O . 8.83 29.86 -17.93
O4 NAG O . 6.30 32.32 -16.87
O5 NAG O . 6.81 29.08 -16.10
O6 NAG O . 4.18 28.50 -17.48
O7 NAG O . 10.75 32.61 -15.31
C1 NAG P . 2.48 -44.02 -16.01
C2 NAG P . 1.51 -44.60 -15.01
C3 NAG P . 2.24 -44.92 -13.70
C4 NAG P . 3.46 -45.81 -13.98
C5 NAG P . 4.33 -45.18 -15.06
C6 NAG P . 5.49 -46.05 -15.48
C7 NAG P . -0.70 -44.07 -14.24
C8 NAG P . -1.81 -43.06 -14.20
N2 NAG P . 0.44 -43.66 -14.76
O3 NAG P . 1.35 -45.58 -12.80
O4 NAG P . 4.19 -45.95 -12.75
O5 NAG P . 3.52 -44.97 -16.21
O6 NAG P . 6.02 -45.61 -16.74
O7 NAG P . -0.85 -45.21 -13.83
C1 NAG P . 4.49 -47.33 -12.50
C2 NAG P . 5.83 -47.41 -11.80
C3 NAG P . 6.20 -48.84 -11.39
C4 NAG P . 5.02 -49.64 -10.87
C5 NAG P . 3.72 -49.36 -11.62
C6 NAG P . 2.53 -49.99 -10.90
C7 NAG P . 7.37 -45.66 -12.49
C8 NAG P . 8.62 -45.34 -13.27
N2 NAG P . 6.88 -46.88 -12.66
O3 NAG P . 7.20 -48.77 -10.36
O4 NAG P . 5.33 -51.03 -10.99
O5 NAG P . 3.50 -47.95 -11.70
O6 NAG P . 2.29 -49.29 -9.68
O7 NAG P . 6.87 -44.85 -11.74
C1 BMA P . 5.30 -51.64 -9.69
C2 BMA P . 4.95 -53.11 -9.79
C3 BMA P . 4.83 -53.72 -8.40
C4 BMA P . 6.05 -53.37 -7.54
C5 BMA P . 6.41 -51.90 -7.64
C6 BMA P . 7.69 -51.57 -6.90
O2 BMA P . 5.97 -53.80 -10.52
O3 BMA P . 4.71 -55.14 -8.50
O4 BMA P . 5.77 -53.71 -6.18
O5 BMA P . 6.55 -51.52 -9.01
O6 BMA P . 8.19 -50.31 -7.34
C1 NAG Q . 30.48 27.39 -17.30
C2 NAG Q . 30.47 27.26 -18.81
C3 NAG Q . 31.02 25.91 -19.25
C4 NAG Q . 32.35 25.61 -18.58
C5 NAG Q . 32.18 25.80 -17.07
C6 NAG Q . 33.45 25.51 -16.26
C7 NAG Q . 28.74 28.58 -19.87
C8 NAG Q . 28.28 28.50 -21.29
N2 NAG Q . 29.13 27.44 -19.31
O3 NAG Q . 31.13 25.90 -20.67
O4 NAG Q . 32.74 24.27 -18.87
O5 NAG Q . 31.78 27.14 -16.81
O6 NAG Q . 34.32 26.63 -16.31
O7 NAG Q . 28.75 29.63 -19.25
C1 NAG Q . 34.02 24.18 -19.53
C2 NAG Q . 33.93 24.36 -21.04
C3 NAG Q . 35.25 24.84 -21.65
C4 NAG Q . 36.48 24.40 -20.85
C5 NAG Q . 36.31 24.51 -19.34
C6 NAG Q . 37.40 25.39 -18.73
C7 NAG Q . 32.24 22.74 -21.67
C8 NAG Q . 31.87 21.74 -22.72
N2 NAG Q . 33.52 23.13 -21.68
O3 NAG Q . 35.24 26.28 -21.71
O4 NAG Q . 36.81 23.04 -21.16
O5 NAG Q . 35.03 25.05 -19.02
O6 NAG Q . 38.32 24.55 -18.02
O7 NAG Q . 31.44 23.16 -20.87
C1 NAG R . -18.62 -48.65 -43.49
C2 NAG R . -17.64 -49.42 -44.36
C3 NAG R . -18.15 -50.80 -44.77
C4 NAG R . -18.82 -51.53 -43.62
C5 NAG R . -19.76 -50.63 -42.83
C6 NAG R . -20.32 -51.34 -41.59
C7 NAG R . -16.13 -48.25 -45.88
C8 NAG R . -16.01 -47.59 -47.22
N2 NAG R . -17.36 -48.65 -45.56
O3 NAG R . -17.05 -51.58 -45.23
O4 NAG R . -19.57 -52.62 -44.17
O5 NAG R . -19.05 -49.47 -42.41
O6 NAG R . -19.34 -51.40 -40.55
O7 NAG R . -15.17 -48.42 -45.14
C1 NAG R . -19.12 -53.85 -43.56
C2 NAG R . -19.75 -55.07 -44.21
C3 NAG R . -19.24 -56.35 -43.55
C4 NAG R . -17.74 -56.34 -43.32
C5 NAG R . -17.27 -55.02 -42.73
C6 NAG R . -15.75 -54.97 -42.57
C7 NAG R . -22.01 -54.54 -45.03
C8 NAG R . -23.45 -54.90 -44.90
N2 NAG R . -21.20 -55.03 -44.09
O3 NAG R . -19.60 -57.48 -44.36
O4 NAG R . -17.40 -57.40 -42.41
O5 NAG R . -17.70 -53.95 -43.57
O6 NAG R . -15.14 -54.56 -43.81
O7 NAG R . -21.59 -53.84 -45.94
C1 NAG S . -16.29 24.97 -1.45
C2 NAG S . -15.32 26.01 -0.93
C3 NAG S . -14.81 26.97 -1.99
C4 NAG S . -14.76 26.43 -3.42
C5 NAG S . -15.94 25.50 -3.73
C6 NAG S . -15.81 24.83 -5.10
C7 NAG S . -15.75 26.49 1.41
C8 NAG S . -14.31 26.53 1.84
N2 NAG S . -15.96 26.75 0.13
O3 NAG S . -13.51 27.44 -1.63
O4 NAG S . -14.71 27.54 -4.32
O5 NAG S . -15.96 24.48 -2.75
O6 NAG S . -17.10 24.79 -5.72
O7 NAG S . -16.66 26.25 2.18
C1 NAG T . 7.01 -8.97 27.50
C2 NAG T . 7.97 -8.18 28.39
C3 NAG T . 7.37 -7.70 29.71
C4 NAG T . 5.90 -7.32 29.64
C5 NAG T . 5.11 -8.26 28.72
C6 NAG T . 3.68 -7.78 28.50
C7 NAG T . 10.33 -8.68 28.20
C8 NAG T . 11.28 -8.08 29.19
N2 NAG T . 9.13 -9.00 28.67
O3 NAG T . 8.10 -6.55 30.14
O4 NAG T . 5.36 -7.29 30.97
O5 NAG T . 5.75 -8.29 27.45
O6 NAG T . 3.10 -8.56 27.45
O7 NAG T . 10.64 -8.86 27.04
C1 NAG U . 23.87 1.11 -18.92
C2 NAG U . 24.60 2.37 -18.50
C3 NAG U . 26.09 2.15 -18.30
C4 NAG U . 26.27 0.97 -17.35
C5 NAG U . 25.61 -0.23 -18.02
C6 NAG U . 25.89 -1.54 -17.28
C7 NAG U . 23.60 4.46 -19.20
C8 NAG U . 22.42 4.66 -20.10
N2 NAG U . 24.37 3.42 -19.48
O3 NAG U . 26.66 3.38 -17.82
O4 NAG U . 27.64 0.62 -17.05
O5 NAG U . 24.21 -0.02 -18.10
O6 NAG U . 25.30 -2.62 -18.01
O7 NAG U . 23.84 5.21 -18.27
#